data_2C9N
# 
_entry.id   2C9N 
# 
_audit_conform.dict_name       mmcif_pdbx.dic 
_audit_conform.dict_version    5.382 
_audit_conform.dict_location   http://mmcif.pdb.org/dictionaries/ascii/mmcif_pdbx.dic 
# 
loop_
_database_2.database_id 
_database_2.database_code 
_database_2.pdbx_database_accession 
_database_2.pdbx_DOI 
PDB   2C9N         pdb_00002c9n 10.2210/pdb2c9n/pdb 
PDBE  EBI-26822    ?            ?                   
WWPDB D_1290026822 ?            ?                   
# 
loop_
_pdbx_database_related.db_name 
_pdbx_database_related.db_id 
_pdbx_database_related.content_type 
_pdbx_database_related.details 
PDB 1ZSD unspecified 'CRYSTAL STRUCTURE OF HLA-B*3501 PRESENTING AN 11-MER EBVANTIGEN EPLPQGQLTAY'                       
PDB 2AXF unspecified 'THE IMMUNOGENICITY OF A VIRAL CYTOTOXIC T CELL EPITOPE ISCONTROLLED BY ITS MHC-BOUND CONFORMATION' 
PDB 2AXG unspecified 'THE IMMUNOGENICITY OF A VIRAL CYTOTOXIC T CELL EPITOPE ISCONTROLLED BY ITS MHC-BOUND CONFORMATION' 
PDB 2C9L unspecified 'STRUCTURE OF THE EPSTEIN-BARR VIRUS ZEBRA PROTEIN'                                                 
# 
_pdbx_database_status.status_code                     REL 
_pdbx_database_status.entry_id                        2C9N 
_pdbx_database_status.deposit_site                    PDBE 
_pdbx_database_status.process_site                    PDBE 
_pdbx_database_status.SG_entry                        . 
_pdbx_database_status.recvd_initial_deposition_date   2005-12-13 
_pdbx_database_status.pdb_format_compatible           Y 
_pdbx_database_status.status_code_sf                  REL 
_pdbx_database_status.status_code_mr                  ? 
_pdbx_database_status.status_code_cs                  ? 
_pdbx_database_status.methods_development_category    ? 
_pdbx_database_status.status_code_nmr_data            ? 
# 
loop_
_audit_author.name 
_audit_author.pdbx_ordinal 
'Petosa, C.'   1 
'Morand, P.'   2 
'Baudin, F.'   3 
'Moulin, M.'   4 
'Artero, J.B.' 5 
'Muller, C.W.' 6 
# 
_citation.id                        primary 
_citation.title                     'Structural Basis of Lytic Cycle Activation by the Epstein-Barr Virus Zebra Protein' 
_citation.journal_abbrev            Mol.Cell 
_citation.journal_volume            21 
_citation.page_first                565 
_citation.page_last                 ? 
_citation.year                      2006 
_citation.journal_id_ASTM           MOCEFL 
_citation.country                   US 
_citation.journal_id_ISSN           1097-2765 
_citation.journal_id_CSD            2168 
_citation.book_publisher            ? 
_citation.pdbx_database_id_PubMed   16483937 
_citation.pdbx_database_id_DOI      10.1016/J.MOLCEL.2006.01.006 
# 
loop_
_citation_author.citation_id 
_citation_author.name 
_citation_author.ordinal 
_citation_author.identifier_ORCID 
primary 'Petosa, C.'   1 ? 
primary 'Morand, P.'   2 ? 
primary 'Baudin, F.'   3 ? 
primary 'Moulin, M.'   4 ? 
primary 'Artero, J.B.' 5 ? 
primary 'Muller, C.W.' 6 ? 
# 
_cell.entry_id           2C9N 
_cell.length_a           185.300 
_cell.length_b           36.370 
_cell.length_c           26.470 
_cell.angle_alpha        90.00 
_cell.angle_beta         95.25 
_cell.angle_gamma        90.00 
_cell.Z_PDB              8 
_cell.pdbx_unique_axis   ? 
# 
_symmetry.entry_id                         2C9N 
_symmetry.space_group_name_H-M             'C 1 2 1' 
_symmetry.pdbx_full_space_group_name_H-M   ? 
_symmetry.cell_setting                     ? 
_symmetry.Int_Tables_number                5 
# 
loop_
_entity.id 
_entity.type 
_entity.src_method 
_entity.pdbx_description 
_entity.formula_weight 
_entity.pdbx_number_of_molecules 
_entity.pdbx_ec 
_entity.pdbx_mutation 
_entity.pdbx_fragment 
_entity.details 
1 polymer syn 
;5'-D(*CP*AP*CP*TP*GP*AP*CP*TP*CP*AP *T)-3'
;
3293.174 1 ? ? ?                                                       ? 
2 polymer syn 
;5'-D(*CP*AP*TP*GP*AP*GP*TP*CP*AP*GP *T)-3'
;
3373.222 1 ? ? ?                                                       ? 
3 polymer man 'BZLF1 TRANS-ACTIVATOR PROTEIN'              7445.806 2 ? ? 'DNA-BINDING AND DIMERIZATION DOMAIN, RESIDUES 175-236' 
? 
# 
_entity_name_com.entity_id   3 
_entity_name_com.name        'EB1, ZEBRA' 
# 
loop_
_entity_poly.entity_id 
_entity_poly.type 
_entity_poly.nstd_linkage 
_entity_poly.nstd_monomer 
_entity_poly.pdbx_seq_one_letter_code 
_entity_poly.pdbx_seq_one_letter_code_can 
_entity_poly.pdbx_strand_id 
_entity_poly.pdbx_target_identifier 
1 polydeoxyribonucleotide no no '(DC)(DA)(DC)(DT)(DG)(DA)(DC)(DT)(DC)(DA)(DT)'                  CACTGACTCAT A   ? 
2 polydeoxyribonucleotide no no '(DC)(DA)(DT)(DG)(DA)(DG)(DT)(DC)(DA)(DG)(DT)'                  CATGAGTCAGT B   ? 
3 'polypeptide(L)'        no no MLEIKRYKNRVASRKCRAKFKQLLQHYREVAAAKSSENDRLRLLLKQMCPSLDVDSIIPRTPD 
MLEIKRYKNRVASRKCRAKFKQLLQHYREVAAAKSSENDRLRLLLKQMCPSLDVDSIIPRTPD Y,Z ? 
# 
loop_
_entity_poly_seq.entity_id 
_entity_poly_seq.num 
_entity_poly_seq.mon_id 
_entity_poly_seq.hetero 
1 1  DC  n 
1 2  DA  n 
1 3  DC  n 
1 4  DT  n 
1 5  DG  n 
1 6  DA  n 
1 7  DC  n 
1 8  DT  n 
1 9  DC  n 
1 10 DA  n 
1 11 DT  n 
2 1  DC  n 
2 2  DA  n 
2 3  DT  n 
2 4  DG  n 
2 5  DA  n 
2 6  DG  n 
2 7  DT  n 
2 8  DC  n 
2 9  DA  n 
2 10 DG  n 
2 11 DT  n 
3 1  MET n 
3 2  LEU n 
3 3  GLU n 
3 4  ILE n 
3 5  LYS n 
3 6  ARG n 
3 7  TYR n 
3 8  LYS n 
3 9  ASN n 
3 10 ARG n 
3 11 VAL n 
3 12 ALA n 
3 13 SER n 
3 14 ARG n 
3 15 LYS n 
3 16 CYS n 
3 17 ARG n 
3 18 ALA n 
3 19 LYS n 
3 20 PHE n 
3 21 LYS n 
3 22 GLN n 
3 23 LEU n 
3 24 LEU n 
3 25 GLN n 
3 26 HIS n 
3 27 TYR n 
3 28 ARG n 
3 29 GLU n 
3 30 VAL n 
3 31 ALA n 
3 32 ALA n 
3 33 ALA n 
3 34 LYS n 
3 35 SER n 
3 36 SER n 
3 37 GLU n 
3 38 ASN n 
3 39 ASP n 
3 40 ARG n 
3 41 LEU n 
3 42 ARG n 
3 43 LEU n 
3 44 LEU n 
3 45 LEU n 
3 46 LYS n 
3 47 GLN n 
3 48 MET n 
3 49 CYS n 
3 50 PRO n 
3 51 SER n 
3 52 LEU n 
3 53 ASP n 
3 54 VAL n 
3 55 ASP n 
3 56 SER n 
3 57 ILE n 
3 58 ILE n 
3 59 PRO n 
3 60 ARG n 
3 61 THR n 
3 62 PRO n 
3 63 ASP n 
# 
_entity_src_gen.entity_id                          3 
_entity_src_gen.pdbx_src_id                        1 
_entity_src_gen.pdbx_alt_source_flag               sample 
_entity_src_gen.pdbx_seq_type                      ? 
_entity_src_gen.pdbx_beg_seq_num                   ? 
_entity_src_gen.pdbx_end_seq_num                   ? 
_entity_src_gen.gene_src_common_name               ? 
_entity_src_gen.gene_src_genus                     ? 
_entity_src_gen.pdbx_gene_src_gene                 ? 
_entity_src_gen.gene_src_species                   ? 
_entity_src_gen.gene_src_strain                    ? 
_entity_src_gen.gene_src_tissue                    ? 
_entity_src_gen.gene_src_tissue_fraction           ? 
_entity_src_gen.gene_src_details                   ? 
_entity_src_gen.pdbx_gene_src_fragment             ? 
_entity_src_gen.pdbx_gene_src_scientific_name      'HUMAN HERPESVIRUS 4' 
_entity_src_gen.pdbx_gene_src_ncbi_taxonomy_id     10376 
_entity_src_gen.pdbx_gene_src_variant              ? 
_entity_src_gen.pdbx_gene_src_cell_line            ? 
_entity_src_gen.pdbx_gene_src_atcc                 ? 
_entity_src_gen.pdbx_gene_src_organ                ? 
_entity_src_gen.pdbx_gene_src_organelle            ? 
_entity_src_gen.pdbx_gene_src_cell                 ? 
_entity_src_gen.pdbx_gene_src_cellular_location    ? 
_entity_src_gen.host_org_common_name               ? 
_entity_src_gen.pdbx_host_org_scientific_name      'ESCHERICHIA COLI' 
_entity_src_gen.pdbx_host_org_ncbi_taxonomy_id     562 
_entity_src_gen.host_org_genus                     ? 
_entity_src_gen.pdbx_host_org_gene                 ? 
_entity_src_gen.pdbx_host_org_organ                ? 
_entity_src_gen.host_org_species                   ? 
_entity_src_gen.pdbx_host_org_tissue               ? 
_entity_src_gen.pdbx_host_org_tissue_fraction      ? 
_entity_src_gen.pdbx_host_org_strain               ? 
_entity_src_gen.pdbx_host_org_variant              ? 
_entity_src_gen.pdbx_host_org_cell_line            ? 
_entity_src_gen.pdbx_host_org_atcc                 ? 
_entity_src_gen.pdbx_host_org_culture_collection   ? 
_entity_src_gen.pdbx_host_org_cell                 ? 
_entity_src_gen.pdbx_host_org_organelle            ? 
_entity_src_gen.pdbx_host_org_cellular_location    ? 
_entity_src_gen.pdbx_host_org_vector_type          ? 
_entity_src_gen.pdbx_host_org_vector               ? 
_entity_src_gen.host_org_details                   ? 
_entity_src_gen.expression_system_id               ? 
_entity_src_gen.plasmid_name                       ? 
_entity_src_gen.plasmid_details                    ? 
_entity_src_gen.pdbx_description                   ? 
# 
loop_
_pdbx_entity_src_syn.entity_id 
_pdbx_entity_src_syn.pdbx_src_id 
_pdbx_entity_src_syn.pdbx_alt_source_flag 
_pdbx_entity_src_syn.pdbx_beg_seq_num 
_pdbx_entity_src_syn.pdbx_end_seq_num 
_pdbx_entity_src_syn.organism_scientific 
_pdbx_entity_src_syn.organism_common_name 
_pdbx_entity_src_syn.ncbi_taxonomy_id 
_pdbx_entity_src_syn.details 
1 1 sample ? ? 'HUMAN HERPESVIRUS 4' ? 10376 ? 
2 1 sample ? ? 'HUMAN HERPESVIRUS 4' ? 10376 ? 
# 
loop_
_struct_ref.id 
_struct_ref.db_name 
_struct_ref.db_code 
_struct_ref.entity_id 
_struct_ref.pdbx_seq_one_letter_code 
_struct_ref.pdbx_align_begin 
_struct_ref.pdbx_db_accession 
_struct_ref.pdbx_db_isoform 
1 PDB 2C9N      1 ? ? 2C9N   ? 
2 PDB 2C9N      2 ? ? 2C9N   ? 
3 PDB 2C9N      3 ? ? 2C9N   ? 
4 UNP BZLF1_EBV 3 ? ? P03206 ? 
# 
loop_
_struct_ref_seq.align_id 
_struct_ref_seq.ref_id 
_struct_ref_seq.pdbx_PDB_id_code 
_struct_ref_seq.pdbx_strand_id 
_struct_ref_seq.seq_align_beg 
_struct_ref_seq.pdbx_seq_align_beg_ins_code 
_struct_ref_seq.seq_align_end 
_struct_ref_seq.pdbx_seq_align_end_ins_code 
_struct_ref_seq.pdbx_db_accession 
_struct_ref_seq.db_align_beg 
_struct_ref_seq.pdbx_db_align_beg_ins_code 
_struct_ref_seq.db_align_end 
_struct_ref_seq.pdbx_db_align_end_ins_code 
_struct_ref_seq.pdbx_auth_seq_align_beg 
_struct_ref_seq.pdbx_auth_seq_align_end 
1 1 2C9N A 1 ? 11 ? 2C9N   4   ? 14  ? 4   14  
2 2 2C9N B 1 ? 11 ? 2C9N   106 ? 116 ? 106 116 
3 3 2C9N Y 1 ? 1  ? 2C9N   174 ? 174 ? 174 174 
4 4 2C9N Y 2 ? 63 ? P03206 175 ? 236 ? 175 236 
5 3 2C9N Z 1 ? 1  ? 2C9N   174 ? 174 ? 174 174 
6 4 2C9N Z 2 ? 63 ? P03206 175 ? 236 ? 175 236 
# 
loop_
_chem_comp.id 
_chem_comp.type 
_chem_comp.mon_nstd_flag 
_chem_comp.name 
_chem_comp.pdbx_synonyms 
_chem_comp.formula 
_chem_comp.formula_weight 
ALA 'L-peptide linking' y ALANINE                              ? 'C3 H7 N O2'      89.093  
ARG 'L-peptide linking' y ARGININE                             ? 'C6 H15 N4 O2 1'  175.209 
ASN 'L-peptide linking' y ASPARAGINE                           ? 'C4 H8 N2 O3'     132.118 
ASP 'L-peptide linking' y 'ASPARTIC ACID'                      ? 'C4 H7 N O4'      133.103 
CYS 'L-peptide linking' y CYSTEINE                             ? 'C3 H7 N O2 S'    121.158 
DA  'DNA linking'       y "2'-DEOXYADENOSINE-5'-MONOPHOSPHATE" ? 'C10 H14 N5 O6 P' 331.222 
DC  'DNA linking'       y "2'-DEOXYCYTIDINE-5'-MONOPHOSPHATE"  ? 'C9 H14 N3 O7 P'  307.197 
DG  'DNA linking'       y "2'-DEOXYGUANOSINE-5'-MONOPHOSPHATE" ? 'C10 H14 N5 O7 P' 347.221 
DT  'DNA linking'       y "THYMIDINE-5'-MONOPHOSPHATE"         ? 'C10 H15 N2 O8 P' 322.208 
GLN 'L-peptide linking' y GLUTAMINE                            ? 'C5 H10 N2 O3'    146.144 
GLU 'L-peptide linking' y 'GLUTAMIC ACID'                      ? 'C5 H9 N O4'      147.129 
HIS 'L-peptide linking' y HISTIDINE                            ? 'C6 H10 N3 O2 1'  156.162 
ILE 'L-peptide linking' y ISOLEUCINE                           ? 'C6 H13 N O2'     131.173 
LEU 'L-peptide linking' y LEUCINE                              ? 'C6 H13 N O2'     131.173 
LYS 'L-peptide linking' y LYSINE                               ? 'C6 H15 N2 O2 1'  147.195 
MET 'L-peptide linking' y METHIONINE                           ? 'C5 H11 N O2 S'   149.211 
PHE 'L-peptide linking' y PHENYLALANINE                        ? 'C9 H11 N O2'     165.189 
PRO 'L-peptide linking' y PROLINE                              ? 'C5 H9 N O2'      115.130 
SER 'L-peptide linking' y SERINE                               ? 'C3 H7 N O3'      105.093 
THR 'L-peptide linking' y THREONINE                            ? 'C4 H9 N O3'      119.119 
TYR 'L-peptide linking' y TYROSINE                             ? 'C9 H11 N O3'     181.189 
VAL 'L-peptide linking' y VALINE                               ? 'C5 H11 N O2'     117.146 
# 
_exptl.entry_id          2C9N 
_exptl.method            'X-RAY DIFFRACTION' 
_exptl.crystals_number   1 
# 
_exptl_crystal.id                    1 
_exptl_crystal.density_meas          ? 
_exptl_crystal.density_Matthews      2.24 
_exptl_crystal.density_percent_sol   44.74 
_exptl_crystal.description           
;CRYSTALS DIFFRACT ANISOTROPICALLY. CRYSTALS DIFFRACT TO 3.7 A ALONG A-STAR AND B-STAR, AND TO BETTER THAN 3A ALONG C- STAR. WE ESTIMATE THAT THE TRUE COMPLETENESS DOES NOT EXCEED 50 PERCENT FOR REFLECTIONS IN THE 3.3 - 3.7 A SHELL.
;
# 
_exptl_crystal_grow.crystal_id      1 
_exptl_crystal_grow.method          ? 
_exptl_crystal_grow.temp            ? 
_exptl_crystal_grow.temp_details    ? 
_exptl_crystal_grow.pH              6.00 
_exptl_crystal_grow.pdbx_pH_range   ? 
_exptl_crystal_grow.pdbx_details    'pH 6.00' 
# 
_diffrn.id                     1 
_diffrn.ambient_temp           100.0 
_diffrn.ambient_temp_details   ? 
_diffrn.crystal_id             1 
# 
_diffrn_detector.diffrn_id              1 
_diffrn_detector.detector               CCD 
_diffrn_detector.type                   MARRESEARCH 
_diffrn_detector.pdbx_collection_date   2003-11-06 
_diffrn_detector.details                ? 
# 
_diffrn_radiation.diffrn_id                        1 
_diffrn_radiation.wavelength_id                    1 
_diffrn_radiation.pdbx_monochromatic_or_laue_m_l   M 
_diffrn_radiation.monochromator                    ? 
_diffrn_radiation.pdbx_diffrn_protocol             'SINGLE WAVELENGTH' 
_diffrn_radiation.pdbx_scattering_type             x-ray 
# 
_diffrn_radiation_wavelength.id           1 
_diffrn_radiation_wavelength.wavelength   0.931 
_diffrn_radiation_wavelength.wt           1.0 
# 
_diffrn_source.diffrn_id                   1 
_diffrn_source.source                      SYNCHROTRON 
_diffrn_source.type                        'ESRF BEAMLINE ID14-3' 
_diffrn_source.pdbx_synchrotron_site       ESRF 
_diffrn_source.pdbx_synchrotron_beamline   ID14-3 
_diffrn_source.pdbx_wavelength             0.931 
_diffrn_source.pdbx_wavelength_list        ? 
# 
_reflns.pdbx_diffrn_id               1 
_reflns.pdbx_ordinal                 1 
_reflns.entry_id                     2C9N 
_reflns.observed_criterion_sigma_I   0.000 
_reflns.observed_criterion_sigma_F   ? 
_reflns.d_resolution_low             30.000 
_reflns.d_resolution_high            3.300 
_reflns.number_obs                   9861 
_reflns.number_all                   ? 
_reflns.percent_possible_obs         98.1 
_reflns.pdbx_Rmerge_I_obs            0.06000 
_reflns.pdbx_Rsym_value              ? 
_reflns.pdbx_netI_over_sigmaI        15.3000 
_reflns.B_iso_Wilson_estimate        ? 
_reflns.pdbx_redundancy              3.700 
# 
_reflns_shell.pdbx_diffrn_id         1 
_reflns_shell.pdbx_ordinal           1 
_reflns_shell.d_res_high             3.30 
_reflns_shell.d_res_low              3.40 
_reflns_shell.percent_possible_all   ? 
_reflns_shell.Rmerge_I_obs           0.26000 
_reflns_shell.pdbx_Rsym_value        ? 
_reflns_shell.meanI_over_sigI_obs    5.300 
_reflns_shell.pdbx_redundancy        ? 
# 
_refine.pdbx_refine_id                           'X-RAY DIFFRACTION' 
_refine.entry_id                                 2C9N 
_refine.pdbx_diffrn_id                           1 
_refine.pdbx_TLS_residual_ADP_flag               ? 
_refine.ls_number_reflns_obs                     2965 
_refine.ls_number_reflns_all                     ? 
_refine.pdbx_ls_sigma_I                          ? 
_refine.pdbx_ls_sigma_F                          0.0 
_refine.pdbx_data_cutoff_high_absF               10000 
_refine.pdbx_data_cutoff_low_absF                ? 
_refine.pdbx_data_cutoff_high_rms_absF           ? 
_refine.ls_d_res_low                             30 
_refine.ls_d_res_high                            3.3 
_refine.ls_percent_reflns_obs                    98.1 
_refine.ls_R_factor_obs                          0.368 
_refine.ls_R_factor_all                          ? 
_refine.ls_R_factor_R_work                       0.368 
_refine.ls_R_factor_R_free                       0.366 
_refine.ls_R_factor_R_free_error                 ? 
_refine.ls_R_factor_R_free_error_details         ? 
_refine.ls_percent_reflns_R_free                 5.3 
_refine.ls_number_reflns_R_free                  159 
_refine.ls_number_parameters                     ? 
_refine.ls_number_restraints                     ? 
_refine.occupancy_min                            ? 
_refine.occupancy_max                            ? 
_refine.correlation_coeff_Fo_to_Fc               ? 
_refine.correlation_coeff_Fo_to_Fc_free          ? 
_refine.B_iso_mean                               ? 
_refine.aniso_B[1][1]                            4.617 
_refine.aniso_B[2][2]                            -36.427 
_refine.aniso_B[3][3]                            31.810 
_refine.aniso_B[1][2]                            0.000 
_refine.aniso_B[1][3]                            25.149 
_refine.aniso_B[2][3]                            0.000 
_refine.solvent_model_details                    ? 
_refine.solvent_model_param_ksol                 0.316866 
_refine.solvent_model_param_bsol                 13.2976 
_refine.pdbx_solvent_vdw_probe_radii             ? 
_refine.pdbx_solvent_ion_probe_radii             ? 
_refine.pdbx_solvent_shrinkage_radii             ? 
_refine.pdbx_ls_cross_valid_method               THROUGHOUT 
_refine.details                                  
;GIVEN THE ANISOTROPY AND LOW RESOLUTION OF THE DATA, LITTLE EFFORT WAS SPENT ON PROPERLY REFINING THIS STRUCTURE. FOR A HIGH RESOLUTION STRUCTURE OF ESSENTIALLY THE SAME PROTEIN-DNA COMPLEX, SEE PDB ENTRY 2C91. RESIDUES 175-177 AND 237-245 SHOW POOR DENSITY AND ARE NOT INCLUDED IN THE MODEL
;
_refine.pdbx_starting_model                      'PDB ENTRY 2C91' 
_refine.pdbx_method_to_determine_struct          'MOLECULAR REPLACEMENT' 
_refine.pdbx_isotropic_thermal_model             ? 
_refine.pdbx_stereochemistry_target_values       'MAXIMUM LIKELIHOOD' 
_refine.pdbx_stereochem_target_val_spec_case     ? 
_refine.pdbx_R_Free_selection_details            RANDOM 
_refine.pdbx_overall_ESU_R                       ? 
_refine.pdbx_overall_ESU_R_Free                  ? 
_refine.overall_SU_ML                            ? 
_refine.pdbx_overall_phase_error                 ? 
_refine.overall_SU_B                             ? 
_refine.overall_SU_R_Cruickshank_DPI             ? 
_refine.pdbx_overall_SU_R_free_Cruickshank_DPI   ? 
_refine.pdbx_overall_SU_R_Blow_DPI               ? 
_refine.pdbx_overall_SU_R_free_Blow_DPI          ? 
# 
_refine_hist.pdbx_refine_id                   'X-RAY DIFFRACTION' 
_refine_hist.cycle_id                         LAST 
_refine_hist.pdbx_number_atoms_protein        972 
_refine_hist.pdbx_number_atoms_nucleic_acid   442 
_refine_hist.pdbx_number_atoms_ligand         0 
_refine_hist.number_atoms_solvent             0 
_refine_hist.number_atoms_total               1414 
_refine_hist.d_res_high                       3.3 
_refine_hist.d_res_low                        30 
# 
loop_
_refine_ls_restr.type 
_refine_ls_restr.dev_ideal 
_refine_ls_restr.dev_ideal_target 
_refine_ls_restr.weight 
_refine_ls_restr.number 
_refine_ls_restr.pdbx_refine_id 
_refine_ls_restr.pdbx_restraint_function 
c_bond_d                0.015 ? ? ? 'X-RAY DIFFRACTION' ? 
c_bond_d_na             ?     ? ? ? 'X-RAY DIFFRACTION' ? 
c_bond_d_prot           ?     ? ? ? 'X-RAY DIFFRACTION' ? 
c_angle_d               ?     ? ? ? 'X-RAY DIFFRACTION' ? 
c_angle_d_na            ?     ? ? ? 'X-RAY DIFFRACTION' ? 
c_angle_d_prot          ?     ? ? ? 'X-RAY DIFFRACTION' ? 
c_angle_deg             1.9   ? ? ? 'X-RAY DIFFRACTION' ? 
c_angle_deg_na          ?     ? ? ? 'X-RAY DIFFRACTION' ? 
c_angle_deg_prot        ?     ? ? ? 'X-RAY DIFFRACTION' ? 
c_dihedral_angle_d      ?     ? ? ? 'X-RAY DIFFRACTION' ? 
c_dihedral_angle_d_na   ?     ? ? ? 'X-RAY DIFFRACTION' ? 
c_dihedral_angle_d_prot ?     ? ? ? 'X-RAY DIFFRACTION' ? 
c_improper_angle_d      ?     ? ? ? 'X-RAY DIFFRACTION' ? 
c_improper_angle_d_na   ?     ? ? ? 'X-RAY DIFFRACTION' ? 
c_improper_angle_d_prot ?     ? ? ? 'X-RAY DIFFRACTION' ? 
c_mcbond_it             ?     ? ? ? 'X-RAY DIFFRACTION' ? 
c_mcangle_it            ?     ? ? ? 'X-RAY DIFFRACTION' ? 
c_scbond_it             ?     ? ? ? 'X-RAY DIFFRACTION' ? 
c_scangle_it            ?     ? ? ? 'X-RAY DIFFRACTION' ? 
# 
loop_
_pdbx_xplor_file.pdbx_refine_id 
_pdbx_xplor_file.serial_no 
_pdbx_xplor_file.param_file 
_pdbx_xplor_file.topol_file 
'X-RAY DIFFRACTION' 1 PROTEIN_REP.PARAM PROTEIN.TOP 
'X-RAY DIFFRACTION' 2 WATER_REP.PARAM   WATER.TOP   
'X-RAY DIFFRACTION' 3 DNA-RNA_REP.PARAM DNA-RNA.TOP 
# 
_struct.entry_id                  2C9N 
_struct.title                     'Structure of the Epstein-Barr virus ZEBRA protein at approximately 3. 5 Angstrom resolution' 
_struct.pdbx_model_details        ? 
_struct.pdbx_CASP_flag            ? 
_struct.pdbx_model_type_details   ? 
# 
_struct_keywords.entry_id        2C9N 
_struct_keywords.pdbx_keywords   'VIRAL PROTEIN' 
_struct_keywords.text            
;VIRAL PROTEIN, EPSTEIN-BARR VIRUS, EBV, ZEBRA, BZLF1, ZTA, Z, LYTIC CYCLE ACTIVATION, BZIP PROTEIN, VIRAL PROTEIN DNA-BINDING, NUCLEAR PROTEIN, TRANSCRIPTION REGULATION
;
# 
loop_
_struct_asym.id 
_struct_asym.pdbx_blank_PDB_chainid_flag 
_struct_asym.pdbx_modified 
_struct_asym.entity_id 
_struct_asym.details 
A N N 1 ? 
B N N 2 ? 
C N N 3 ? 
D N N 3 ? 
# 
_struct_biol.id   1 
# 
loop_
_struct_conf.conf_type_id 
_struct_conf.id 
_struct_conf.pdbx_PDB_helix_id 
_struct_conf.beg_label_comp_id 
_struct_conf.beg_label_asym_id 
_struct_conf.beg_label_seq_id 
_struct_conf.pdbx_beg_PDB_ins_code 
_struct_conf.end_label_comp_id 
_struct_conf.end_label_asym_id 
_struct_conf.end_label_seq_id 
_struct_conf.pdbx_end_PDB_ins_code 
_struct_conf.beg_auth_comp_id 
_struct_conf.beg_auth_asym_id 
_struct_conf.beg_auth_seq_id 
_struct_conf.end_auth_comp_id 
_struct_conf.end_auth_asym_id 
_struct_conf.end_auth_seq_id 
_struct_conf.pdbx_PDB_helix_class 
_struct_conf.details 
_struct_conf.pdbx_PDB_helix_length 
HELX_P HELX_P1 1 LYS C 5  ? CYS C 49 ? LYS Y 178 CYS Y 222 1 ? 45 
HELX_P HELX_P2 2 ASP C 53 ? ILE C 58 ? ASP Y 226 ILE Y 231 1 ? 6  
HELX_P HELX_P3 3 LYS D 5  ? CYS D 49 ? LYS Z 178 CYS Z 222 1 ? 45 
HELX_P HELX_P4 4 ASP D 53 ? ILE D 57 ? ASP Z 226 ILE Z 230 5 ? 5  
# 
_struct_conf_type.id          HELX_P 
_struct_conf_type.criteria    ? 
_struct_conf_type.reference   ? 
# 
loop_
_struct_conn.id 
_struct_conn.conn_type_id 
_struct_conn.pdbx_leaving_atom_flag 
_struct_conn.pdbx_PDB_id 
_struct_conn.ptnr1_label_asym_id 
_struct_conn.ptnr1_label_comp_id 
_struct_conn.ptnr1_label_seq_id 
_struct_conn.ptnr1_label_atom_id 
_struct_conn.pdbx_ptnr1_label_alt_id 
_struct_conn.pdbx_ptnr1_PDB_ins_code 
_struct_conn.pdbx_ptnr1_standard_comp_id 
_struct_conn.ptnr1_symmetry 
_struct_conn.ptnr2_label_asym_id 
_struct_conn.ptnr2_label_comp_id 
_struct_conn.ptnr2_label_seq_id 
_struct_conn.ptnr2_label_atom_id 
_struct_conn.pdbx_ptnr2_label_alt_id 
_struct_conn.pdbx_ptnr2_PDB_ins_code 
_struct_conn.ptnr1_auth_asym_id 
_struct_conn.ptnr1_auth_comp_id 
_struct_conn.ptnr1_auth_seq_id 
_struct_conn.ptnr2_auth_asym_id 
_struct_conn.ptnr2_auth_comp_id 
_struct_conn.ptnr2_auth_seq_id 
_struct_conn.ptnr2_symmetry 
_struct_conn.pdbx_ptnr3_label_atom_id 
_struct_conn.pdbx_ptnr3_label_seq_id 
_struct_conn.pdbx_ptnr3_label_comp_id 
_struct_conn.pdbx_ptnr3_label_asym_id 
_struct_conn.pdbx_ptnr3_label_alt_id 
_struct_conn.pdbx_ptnr3_PDB_ins_code 
_struct_conn.details 
_struct_conn.pdbx_dist_value 
_struct_conn.pdbx_value_order 
_struct_conn.pdbx_role 
hydrog1  hydrog ? ? A DA 2  N1 ? ? ? 1_555 B DT 11 N3 ? ? A DA 5  B DT 116 1_555 ? ? ? ? ? ? WATSON-CRICK ? ? ? 
hydrog2  hydrog ? ? A DA 2  N6 ? ? ? 1_555 B DT 11 O4 ? ? A DA 5  B DT 116 1_555 ? ? ? ? ? ? WATSON-CRICK ? ? ? 
hydrog3  hydrog ? ? A DC 3  N3 ? ? ? 1_555 B DG 10 N1 ? ? A DC 6  B DG 115 1_555 ? ? ? ? ? ? WATSON-CRICK ? ? ? 
hydrog4  hydrog ? ? A DC 3  N4 ? ? ? 1_555 B DG 10 O6 ? ? A DC 6  B DG 115 1_555 ? ? ? ? ? ? WATSON-CRICK ? ? ? 
hydrog5  hydrog ? ? A DC 3  O2 ? ? ? 1_555 B DG 10 N2 ? ? A DC 6  B DG 115 1_555 ? ? ? ? ? ? WATSON-CRICK ? ? ? 
hydrog6  hydrog ? ? A DT 4  N3 ? ? ? 1_555 B DA 9  N1 ? ? A DT 7  B DA 114 1_555 ? ? ? ? ? ? WATSON-CRICK ? ? ? 
hydrog7  hydrog ? ? A DT 4  O4 ? ? ? 1_555 B DA 9  N6 ? ? A DT 7  B DA 114 1_555 ? ? ? ? ? ? WATSON-CRICK ? ? ? 
hydrog8  hydrog ? ? A DG 5  N1 ? ? ? 1_555 B DC 8  N3 ? ? A DG 8  B DC 113 1_555 ? ? ? ? ? ? WATSON-CRICK ? ? ? 
hydrog9  hydrog ? ? A DG 5  N2 ? ? ? 1_555 B DC 8  O2 ? ? A DG 8  B DC 113 1_555 ? ? ? ? ? ? WATSON-CRICK ? ? ? 
hydrog10 hydrog ? ? A DG 5  O6 ? ? ? 1_555 B DC 8  N4 ? ? A DG 8  B DC 113 1_555 ? ? ? ? ? ? WATSON-CRICK ? ? ? 
hydrog11 hydrog ? ? A DA 6  N1 ? ? ? 1_555 B DT 7  N3 ? ? A DA 9  B DT 112 1_555 ? ? ? ? ? ? WATSON-CRICK ? ? ? 
hydrog12 hydrog ? ? A DA 6  N6 ? ? ? 1_555 B DT 7  O4 ? ? A DA 9  B DT 112 1_555 ? ? ? ? ? ? WATSON-CRICK ? ? ? 
hydrog13 hydrog ? ? A DC 7  N3 ? ? ? 1_555 B DG 6  N1 ? ? A DC 10 B DG 111 1_555 ? ? ? ? ? ? WATSON-CRICK ? ? ? 
hydrog14 hydrog ? ? A DC 7  N4 ? ? ? 1_555 B DG 6  O6 ? ? A DC 10 B DG 111 1_555 ? ? ? ? ? ? WATSON-CRICK ? ? ? 
hydrog15 hydrog ? ? A DC 7  O2 ? ? ? 1_555 B DG 6  N2 ? ? A DC 10 B DG 111 1_555 ? ? ? ? ? ? WATSON-CRICK ? ? ? 
hydrog16 hydrog ? ? A DT 8  N3 ? ? ? 1_555 B DA 5  N1 ? ? A DT 11 B DA 110 1_555 ? ? ? ? ? ? WATSON-CRICK ? ? ? 
hydrog17 hydrog ? ? A DT 8  O4 ? ? ? 1_555 B DA 5  N6 ? ? A DT 11 B DA 110 1_555 ? ? ? ? ? ? WATSON-CRICK ? ? ? 
hydrog18 hydrog ? ? A DC 9  N3 ? ? ? 1_555 B DG 4  N1 ? ? A DC 12 B DG 109 1_555 ? ? ? ? ? ? WATSON-CRICK ? ? ? 
hydrog19 hydrog ? ? A DC 9  N4 ? ? ? 1_555 B DG 4  O6 ? ? A DC 12 B DG 109 1_555 ? ? ? ? ? ? WATSON-CRICK ? ? ? 
hydrog20 hydrog ? ? A DC 9  O2 ? ? ? 1_555 B DG 4  N2 ? ? A DC 12 B DG 109 1_555 ? ? ? ? ? ? WATSON-CRICK ? ? ? 
hydrog21 hydrog ? ? A DA 10 N1 ? ? ? 1_555 B DT 3  N3 ? ? A DA 13 B DT 108 1_555 ? ? ? ? ? ? WATSON-CRICK ? ? ? 
hydrog22 hydrog ? ? A DA 10 N6 ? ? ? 1_555 B DT 3  O4 ? ? A DA 13 B DT 108 1_555 ? ? ? ? ? ? WATSON-CRICK ? ? ? 
hydrog23 hydrog ? ? A DT 11 N3 ? ? ? 1_555 B DA 2  N1 ? ? A DT 14 B DA 107 1_555 ? ? ? ? ? ? WATSON-CRICK ? ? ? 
hydrog24 hydrog ? ? A DT 11 O4 ? ? ? 1_555 B DA 2  N6 ? ? A DT 14 B DA 107 1_555 ? ? ? ? ? ? WATSON-CRICK ? ? ? 
# 
_struct_conn_type.id          hydrog 
_struct_conn_type.criteria    ? 
_struct_conn_type.reference   ? 
# 
_atom_sites.entry_id                    2C9N 
_atom_sites.fract_transf_matrix[1][1]   -0.00248493 
_atom_sites.fract_transf_matrix[1][2]   0.00474160 
_atom_sites.fract_transf_matrix[1][3]   0.00084617 
_atom_sites.fract_transf_matrix[2][1]   0.00050210 
_atom_sites.fract_transf_matrix[2][2]   -0.00457432 
_atom_sites.fract_transf_matrix[2][3]   0.02710717 
_atom_sites.fract_transf_matrix[3][1]   0.03197490 
_atom_sites.fract_transf_matrix[3][2]   0.02022236 
_atom_sites.fract_transf_matrix[3][3]   0.00282024 
_atom_sites.fract_transf_vector[1]      -0.201151 
_atom_sites.fract_transf_vector[2]      0.418859 
_atom_sites.fract_transf_vector[3]      -0.256612 
# 
loop_
_atom_type.symbol 
C 
N 
O 
P 
S 
# 
loop_
_atom_site.group_PDB 
_atom_site.id 
_atom_site.type_symbol 
_atom_site.label_atom_id 
_atom_site.label_alt_id 
_atom_site.label_comp_id 
_atom_site.label_asym_id 
_atom_site.label_entity_id 
_atom_site.label_seq_id 
_atom_site.pdbx_PDB_ins_code 
_atom_site.Cartn_x 
_atom_site.Cartn_y 
_atom_site.Cartn_z 
_atom_site.occupancy 
_atom_site.B_iso_or_equiv 
_atom_site.pdbx_formal_charge 
_atom_site.auth_seq_id 
_atom_site.auth_comp_id 
_atom_site.auth_asym_id 
_atom_site.auth_atom_id 
_atom_site.pdbx_PDB_model_num 
ATOM 1    O "O5'" . DC  A 1 1  ? -8.273  33.141  -15.300 1.00 90.46 ? 4   DC  A "O5'" 1 
ATOM 2    C "C5'" . DC  A 1 1  ? -8.893  32.020  -15.918 1.00 86.97 ? 4   DC  A "C5'" 1 
ATOM 3    C "C4'" . DC  A 1 1  ? -8.456  30.738  -15.249 1.00 83.07 ? 4   DC  A "C4'" 1 
ATOM 4    O "O4'" . DC  A 1 1  ? -7.054  30.481  -15.513 1.00 83.13 ? 4   DC  A "O4'" 1 
ATOM 5    C "C3'" . DC  A 1 1  ? -8.621  30.700  -13.729 1.00 82.85 ? 4   DC  A "C3'" 1 
ATOM 6    O "O3'" . DC  A 1 1  ? -9.112  29.413  -13.363 1.00 82.88 ? 4   DC  A "O3'" 1 
ATOM 7    C "C2'" . DC  A 1 1  ? -7.203  30.886  -13.216 1.00 80.54 ? 4   DC  A "C2'" 1 
ATOM 8    C "C1'" . DC  A 1 1  ? -6.379  30.206  -14.295 1.00 77.57 ? 4   DC  A "C1'" 1 
ATOM 9    N N1    . DC  A 1 1  ? -4.994  30.694  -14.421 1.00 51.30 ? 4   DC  A N1    1 
ATOM 10   C C2    . DC  A 1 1  ? -3.983  29.786  -14.769 1.00 49.99 ? 4   DC  A C2    1 
ATOM 11   O O2    . DC  A 1 1  ? -4.284  28.597  -14.974 1.00 51.60 ? 4   DC  A O2    1 
ATOM 12   N N3    . DC  A 1 1  ? -2.707  30.226  -14.874 1.00 29.29 ? 4   DC  A N3    1 
ATOM 13   C C4    . DC  A 1 1  ? -2.424  31.511  -14.651 1.00 31.67 ? 4   DC  A C4    1 
ATOM 14   N N4    . DC  A 1 1  ? -1.150  31.898  -14.758 1.00 45.29 ? 4   DC  A N4    1 
ATOM 15   C C5    . DC  A 1 1  ? -3.433  32.457  -14.305 1.00 32.05 ? 4   DC  A C5    1 
ATOM 16   C C6    . DC  A 1 1  ? -4.691  32.009  -14.203 1.00 36.60 ? 4   DC  A C6    1 
ATOM 17   P P     . DA  A 1 2  ? -9.649  29.150  -11.875 1.00 92.67 ? 5   DA  A P     1 
ATOM 18   O OP1   . DA  A 1 2  ? -11.116 28.937  -11.971 1.00 85.06 ? 5   DA  A OP1   1 
ATOM 19   O OP2   . DA  A 1 2  ? -9.112  30.186  -10.955 1.00 67.06 ? 5   DA  A OP2   1 
ATOM 20   O "O5'" . DA  A 1 2  ? -8.981  27.750  -11.535 1.00 92.67 ? 5   DA  A "O5'" 1 
ATOM 21   C "C5'" . DA  A 1 2  ? -8.925  26.737  -12.536 1.00 92.67 ? 5   DA  A "C5'" 1 
ATOM 22   C "C4'" . DA  A 1 2  ? -7.748  25.820  -12.302 1.00 92.67 ? 5   DA  A "C4'" 1 
ATOM 23   O "O4'" . DA  A 1 2  ? -6.496  26.492  -12.591 1.00 92.67 ? 5   DA  A "O4'" 1 
ATOM 24   C "C3'" . DA  A 1 2  ? -7.619  25.284  -10.879 1.00 90.15 ? 5   DA  A "C3'" 1 
ATOM 25   O "O3'" . DA  A 1 2  ? -7.179  23.941  -10.920 1.00 92.67 ? 5   DA  A "O3'" 1 
ATOM 26   C "C2'" . DA  A 1 2  ? -6.496  26.111  -10.290 1.00 92.67 ? 5   DA  A "C2'" 1 
ATOM 27   C "C1'" . DA  A 1 2  ? -5.609  26.371  -11.485 1.00 92.20 ? 5   DA  A "C1'" 1 
ATOM 28   N N9    . DA  A 1 2  ? -4.816  27.602  -11.403 1.00 48.16 ? 5   DA  A N9    1 
ATOM 29   C C8    . DA  A 1 2  ? -5.279  28.872  -11.180 1.00 47.69 ? 5   DA  A C8    1 
ATOM 30   N N7    . DA  A 1 2  ? -4.345  29.782  -11.179 1.00 39.49 ? 5   DA  A N7    1 
ATOM 31   C C5    . DA  A 1 2  ? -3.182  29.065  -11.422 1.00 36.32 ? 5   DA  A C5    1 
ATOM 32   C C6    . DA  A 1 2  ? -1.858  29.464  -11.561 1.00 43.97 ? 5   DA  A C6    1 
ATOM 33   N N6    . DA  A 1 2  ? -1.462  30.737  -11.513 1.00 44.81 ? 5   DA  A N6    1 
ATOM 34   N N1    . DA  A 1 2  ? -0.933  28.504  -11.771 1.00 38.95 ? 5   DA  A N1    1 
ATOM 35   C C2    . DA  A 1 2  ? -1.339  27.229  -11.860 1.00 40.51 ? 5   DA  A C2    1 
ATOM 36   N N3    . DA  A 1 2  ? -2.568  26.733  -11.771 1.00 24.95 ? 5   DA  A N3    1 
ATOM 37   C C4    . DA  A 1 2  ? -3.459  27.719  -11.545 1.00 28.83 ? 5   DA  A C4    1 
ATOM 38   P P     . DC  A 1 3  ? -6.983  23.142  -9.552  1.00 92.26 ? 6   DC  A P     1 
ATOM 39   O OP1   . DC  A 1 3  ? -7.501  21.770  -9.755  1.00 68.10 ? 6   DC  A OP1   1 
ATOM 40   O OP2   . DC  A 1 3  ? -7.542  23.995  -8.471  1.00 57.95 ? 6   DC  A OP2   1 
ATOM 41   O "O5'" . DC  A 1 3  ? -5.402  23.067  -9.386  1.00 92.26 ? 6   DC  A "O5'" 1 
ATOM 42   C "C5'" . DC  A 1 3  ? -4.610  22.463  -10.400 1.00 92.26 ? 6   DC  A "C5'" 1 
ATOM 43   C "C4'" . DC  A 1 3  ? -3.177  22.321  -9.945  1.00 92.26 ? 6   DC  A "C4'" 1 
ATOM 44   O "O4'" . DC  A 1 3  ? -2.488  23.590  -10.019 1.00 92.26 ? 6   DC  A "O4'" 1 
ATOM 45   C "C3'" . DC  A 1 3  ? -2.995  21.809  -8.517  1.00 92.26 ? 6   DC  A "C3'" 1 
ATOM 46   O "O3'" . DC  A 1 3  ? -1.989  20.796  -8.519  1.00 92.26 ? 6   DC  A "O3'" 1 
ATOM 47   C "C2'" . DC  A 1 3  ? -2.562  23.046  -7.744  1.00 92.26 ? 6   DC  A "C2'" 1 
ATOM 48   C "C1'" . DC  A 1 3  ? -1.826  23.858  -8.794  1.00 92.26 ? 6   DC  A "C1'" 1 
ATOM 49   N N1    . DC  A 1 3  ? -1.822  25.321  -8.602  1.00 45.11 ? 6   DC  A N1    1 
ATOM 50   C C2    . DC  A 1 3  ? -0.598  26.000  -8.672  1.00 33.63 ? 6   DC  A C2    1 
ATOM 51   O O2    . DC  A 1 3  ? 0.440   25.347  -8.851  1.00 50.32 ? 6   DC  A O2    1 
ATOM 52   N N3    . DC  A 1 3  ? -0.579  27.347  -8.540  1.00 42.50 ? 6   DC  A N3    1 
ATOM 53   C C4    . DC  A 1 3  ? -1.718  28.014  -8.338  1.00 40.19 ? 6   DC  A C4    1 
ATOM 54   N N4    . DC  A 1 3  ? -1.653  29.345  -8.235  1.00 36.75 ? 6   DC  A N4    1 
ATOM 55   C C5    . DC  A 1 3  ? -2.973  27.347  -8.237  1.00 38.26 ? 6   DC  A C5    1 
ATOM 56   C C6    . DC  A 1 3  ? -2.978  26.010  -8.374  1.00 39.37 ? 6   DC  A C6    1 
ATOM 57   P P     . DT  A 1 4  ? -1.657  19.999  -7.171  1.00 89.82 ? 7   DT  A P     1 
ATOM 58   O OP1   . DT  A 1 4  ? -1.147  18.660  -7.551  1.00 82.98 ? 7   DT  A OP1   1 
ATOM 59   O OP2   . DT  A 1 4  ? -2.813  20.114  -6.248  1.00 75.22 ? 7   DT  A OP2   1 
ATOM 60   O "O5'" . DT  A 1 4  ? -0.431  20.832  -6.595  1.00 89.82 ? 7   DT  A "O5'" 1 
ATOM 61   C "C5'" . DT  A 1 4  ? 0.703   21.042  -7.423  1.00 89.82 ? 7   DT  A "C5'" 1 
ATOM 62   C "C4'" . DT  A 1 4  ? 1.767   21.823  -6.692  1.00 89.82 ? 7   DT  A "C4'" 1 
ATOM 63   O "O4'" . DT  A 1 4  ? 1.470   23.237  -6.681  1.00 89.49 ? 7   DT  A "O4'" 1 
ATOM 64   C "C3'" . DT  A 1 4  ? 2.038   21.420  -5.242  1.00 89.82 ? 7   DT  A "C3'" 1 
ATOM 65   O "O3'" . DT  A 1 4  ? 3.455   21.374  -5.091  1.00 89.82 ? 7   DT  A "O3'" 1 
ATOM 66   C "C2'" . DT  A 1 4  ? 1.448   22.578  -4.446  1.00 83.61 ? 7   DT  A "C2'" 1 
ATOM 67   C "C1'" . DT  A 1 4  ? 1.707   23.747  -5.383  1.00 89.82 ? 7   DT  A "C1'" 1 
ATOM 68   N N1    . DT  A 1 4  ? 0.882   24.963  -5.220  1.00 70.32 ? 7   DT  A N1    1 
ATOM 69   C C2    . DT  A 1 4  ? 1.534   26.173  -5.301  1.00 79.44 ? 7   DT  A C2    1 
ATOM 70   O O2    . DT  A 1 4  ? 2.739   26.269  -5.453  1.00 82.74 ? 7   DT  A O2    1 
ATOM 71   N N3    . DT  A 1 4  ? 0.722   27.271  -5.200  1.00 86.51 ? 7   DT  A N3    1 
ATOM 72   C C4    . DT  A 1 4  ? -0.645  27.284  -5.024  1.00 72.97 ? 7   DT  A C4    1 
ATOM 73   O O4    . DT  A 1 4  ? -1.242  28.351  -4.970  1.00 79.28 ? 7   DT  A O4    1 
ATOM 74   C C5    . DT  A 1 4  ? -1.267  25.981  -4.922  1.00 66.05 ? 7   DT  A C5    1 
ATOM 75   C C7    . DT  A 1 4  ? -2.744  25.901  -4.712  1.00 74.53 ? 7   DT  A C7    1 
ATOM 76   C C6    . DT  A 1 4  ? -0.482  24.897  -5.021  1.00 78.68 ? 7   DT  A C6    1 
ATOM 77   P P     . DG  A 1 5  ? 4.117   20.574  -3.870  1.00 90.58 ? 8   DG  A P     1 
ATOM 78   O OP1   . DG  A 1 5  ? 4.817   19.391  -4.428  1.00 79.79 ? 8   DG  A OP1   1 
ATOM 79   O OP2   . DG  A 1 5  ? 3.114   20.389  -2.790  1.00 65.21 ? 8   DG  A OP2   1 
ATOM 80   O "O5'" . DG  A 1 5  ? 5.233   21.605  -3.392  1.00 90.58 ? 8   DG  A "O5'" 1 
ATOM 81   C "C5'" . DG  A 1 5  ? 6.167   22.129  -4.341  1.00 90.58 ? 8   DG  A "C5'" 1 
ATOM 82   C "C4'" . DG  A 1 5  ? 6.842   23.365  -3.797  1.00 90.58 ? 8   DG  A "C4'" 1 
ATOM 83   O "O4'" . DG  A 1 5  ? 5.940   24.497  -3.825  1.00 90.58 ? 8   DG  A "O4'" 1 
ATOM 84   C "C3'" . DG  A 1 5  ? 7.324   23.236  -2.355  1.00 90.58 ? 8   DG  A "C3'" 1 
ATOM 85   O "O3'" . DG  A 1 5  ? 8.590   23.884  -2.213  1.00 90.58 ? 8   DG  A "O3'" 1 
ATOM 86   C "C2'" . DG  A 1 5  ? 6.248   23.957  -1.561  1.00 90.58 ? 8   DG  A "C2'" 1 
ATOM 87   C "C1'" . DG  A 1 5  ? 5.811   25.049  -2.521  1.00 90.58 ? 8   DG  A "C1'" 1 
ATOM 88   N N9    . DG  A 1 5  ? 4.426   25.478  -2.361  1.00 61.69 ? 8   DG  A N9    1 
ATOM 89   C C8    . DG  A 1 5  ? 3.312   24.678  -2.306  1.00 46.30 ? 8   DG  A C8    1 
ATOM 90   N N7    . DG  A 1 5  ? 2.201   25.352  -2.189  1.00 60.45 ? 8   DG  A N7    1 
ATOM 91   C C5    . DG  A 1 5  ? 2.607   26.679  -2.158  1.00 56.23 ? 8   DG  A C5    1 
ATOM 92   C C6    . DG  A 1 5  ? 1.847   27.870  -2.051  1.00 64.63 ? 8   DG  A C6    1 
ATOM 93   O O6    . DG  A 1 5  ? 0.618   27.997  -1.983  1.00 51.39 ? 8   DG  A O6    1 
ATOM 94   N N1    . DG  A 1 5  ? 2.660   28.996  -2.036  1.00 50.36 ? 8   DG  A N1    1 
ATOM 95   C C2    . DG  A 1 5  ? 4.033   28.980  -2.121  1.00 56.12 ? 8   DG  A C2    1 
ATOM 96   N N2    . DG  A 1 5  ? 4.650   30.171  -2.071  1.00 46.55 ? 8   DG  A N2    1 
ATOM 97   N N3    . DG  A 1 5  ? 4.750   27.877  -2.242  1.00 47.74 ? 8   DG  A N3    1 
ATOM 98   C C4    . DG  A 1 5  ? 3.979   26.772  -2.249  1.00 58.26 ? 8   DG  A C4    1 
ATOM 99   P P     . DA  A 1 6  ? 9.390   23.774  -0.826  1.00 90.05 ? 9   DA  A P     1 
ATOM 100  O OP1   . DA  A 1 6  ? 10.838  23.833  -1.135  1.00 49.34 ? 9   DA  A OP1   1 
ATOM 101  O OP2   . DA  A 1 6  ? 8.844   22.614  -0.076  1.00 42.46 ? 9   DA  A OP2   1 
ATOM 102  O "O5'" . DA  A 1 6  ? 8.979   25.112  -0.062  1.00 90.05 ? 9   DA  A "O5'" 1 
ATOM 103  C "C5'" . DA  A 1 6  ? 9.313   26.381  -0.614  1.00 75.36 ? 9   DA  A "C5'" 1 
ATOM 104  C "C4'" . DA  A 1 6  ? 8.775   27.490  0.249   1.00 89.08 ? 9   DA  A "C4'" 1 
ATOM 105  O "O4'" . DA  A 1 6  ? 7.343   27.498  0.144   1.00 75.94 ? 9   DA  A "O4'" 1 
ATOM 106  C "C3'" . DA  A 1 6  ? 9.116   27.376  1.739   1.00 80.23 ? 9   DA  A "C3'" 1 
ATOM 107  O "O3'" . DA  A 1 6  ? 9.568   28.648  2.214   1.00 86.16 ? 9   DA  A "O3'" 1 
ATOM 108  C "C2'" . DA  A 1 6  ? 7.830   26.867  2.378   1.00 82.26 ? 9   DA  A "C2'" 1 
ATOM 109  C "C1'" . DA  A 1 6  ? 6.799   27.508  1.439   1.00 78.72 ? 9   DA  A "C1'" 1 
ATOM 110  N N9    . DA  A 1 6  ? 5.466   26.962  1.317   1.00 34.25 ? 9   DA  A N9    1 
ATOM 111  C C8    . DA  A 1 6  ? 4.977   25.694  1.158   1.00 27.98 ? 9   DA  A C8    1 
ATOM 112  N N7    . DA  A 1 6  ? 3.657   25.650  1.108   1.00 24.05 ? 9   DA  A N7    1 
ATOM 113  C C5    . DA  A 1 6  ? 3.280   26.982  1.223   1.00 27.89 ? 9   DA  A C5    1 
ATOM 114  C C6    . DA  A 1 6  ? 2.020   27.640  1.235   1.00 33.40 ? 9   DA  A C6    1 
ATOM 115  N N6    . DA  A 1 6  ? 0.844   27.012  1.109   1.00 29.69 ? 9   DA  A N6    1 
ATOM 116  N N1    . DA  A 1 6  ? 2.018   28.986  1.373   1.00 33.43 ? 9   DA  A N1    1 
ATOM 117  C C2    . DA  A 1 6  ? 3.184   29.615  1.474   1.00 33.25 ? 9   DA  A C2    1 
ATOM 118  N N3    . DA  A 1 6  ? 4.413   29.116  1.465   1.00 33.03 ? 9   DA  A N3    1 
ATOM 119  C C4    . DA  A 1 6  ? 4.384   27.793  1.342   1.00 32.22 ? 9   DA  A C4    1 
ATOM 120  P P     . DC  A 1 7  ? 10.286  28.766  3.650   1.00 41.22 ? 10  DC  A P     1 
ATOM 121  O OP1   . DC  A 1 7  ? 11.654  29.300  3.435   1.00 45.68 ? 10  DC  A OP1   1 
ATOM 122  O OP2   . DC  A 1 7  ? 10.111  27.522  4.432   1.00 38.79 ? 10  DC  A OP2   1 
ATOM 123  O "O5'" . DC  A 1 7  ? 9.423   29.916  4.327   1.00 30.06 ? 10  DC  A "O5'" 1 
ATOM 124  C "C5'" . DC  A 1 7  ? 9.273   31.170  3.657   1.00 41.37 ? 10  DC  A "C5'" 1 
ATOM 125  C "C4'" . DC  A 1 7  ? 8.248   32.032  4.355   1.00 39.24 ? 10  DC  A "C4'" 1 
ATOM 126  O "O4'" . DC  A 1 7  ? 6.902   31.553  4.088   1.00 43.33 ? 10  DC  A "O4'" 1 
ATOM 127  C "C3'" . DC  A 1 7  ? 8.393   32.104  5.878   1.00 33.46 ? 10  DC  A "C3'" 1 
ATOM 128  O "O3'" . DC  A 1 7  ? 8.248   33.471  6.273   1.00 36.01 ? 10  DC  A "O3'" 1 
ATOM 129  C "C2'" . DC  A 1 7  ? 7.249   31.234  6.385   1.00 40.41 ? 10  DC  A "C2'" 1 
ATOM 130  C "C1'" . DC  A 1 7  ? 6.190   31.408  5.306   1.00 25.63 ? 10  DC  A "C1'" 1 
ATOM 131  N N1    . DC  A 1 7  ? 5.213   30.303  5.142   1.00 39.11 ? 10  DC  A N1    1 
ATOM 132  C C2    . DC  A 1 7  ? 3.847   30.622  5.033   1.00 33.27 ? 10  DC  A C2    1 
ATOM 133  O O2    . DC  A 1 7  ? 3.505   31.808  5.062   1.00 35.50 ? 10  DC  A O2    1 
ATOM 134  N N3    . DC  A 1 7  ? 2.939   29.631  4.893   1.00 46.78 ? 10  DC  A N3    1 
ATOM 135  C C4    . DC  A 1 7  ? 3.339   28.364  4.845   1.00 41.61 ? 10  DC  A C4    1 
ATOM 136  N N4    . DC  A 1 7  ? 2.398   27.422  4.696   1.00 37.64 ? 10  DC  A N4    1 
ATOM 137  C C5    . DC  A 1 7  ? 4.719   28.003  4.948   1.00 41.58 ? 10  DC  A C5    1 
ATOM 138  C C6    . DC  A 1 7  ? 5.614   28.997  5.097   1.00 39.81 ? 10  DC  A C6    1 
ATOM 139  P P     . DT  A 1 8  ? 8.464   33.900  7.805   1.00 74.11 ? 11  DT  A P     1 
ATOM 140  O OP1   . DT  A 1 8  ? 8.996   35.277  7.769   1.00 52.53 ? 11  DT  A OP1   1 
ATOM 141  O OP2   . DT  A 1 8  ? 9.193   32.846  8.547   1.00 52.30 ? 11  DT  A OP2   1 
ATOM 142  O "O5'" . DT  A 1 8  ? 6.973   33.982  8.346   1.00 74.04 ? 11  DT  A "O5'" 1 
ATOM 143  C "C5'" . DT  A 1 8  ? 6.018   34.762  7.628   1.00 78.84 ? 11  DT  A "C5'" 1 
ATOM 144  C "C4'" . DT  A 1 8  ? 4.650   34.651  8.252   1.00 67.05 ? 11  DT  A "C4'" 1 
ATOM 145  O "O4'" . DT  A 1 8  ? 3.980   33.441  7.829   1.00 69.50 ? 11  DT  A "O4'" 1 
ATOM 146  C "C3'" . DT  A 1 8  ? 4.633   34.660  9.779   1.00 77.46 ? 11  DT  A "C3'" 1 
ATOM 147  O "O3'" . DT  A 1 8  ? 3.770   35.699  10.222  1.00 78.17 ? 11  DT  A "O3'" 1 
ATOM 148  C "C2'" . DT  A 1 8  ? 4.114   33.278  10.154  1.00 69.36 ? 11  DT  A "C2'" 1 
ATOM 149  C "C1'" . DT  A 1 8  ? 3.324   32.842  8.928   1.00 62.47 ? 11  DT  A "C1'" 1 
ATOM 150  N N1    . DT  A 1 8  ? 3.295   31.377  8.689   1.00 45.93 ? 11  DT  A N1    1 
ATOM 151  C C2    . DT  A 1 8  ? 2.101   30.774  8.323   1.00 45.24 ? 11  DT  A C2    1 
ATOM 152  O O2    . DT  A 1 8  ? 1.065   31.387  8.160   1.00 44.97 ? 11  DT  A O2    1 
ATOM 153  N N3    . DT  A 1 8  ? 2.172   29.412  8.142   1.00 41.42 ? 11  DT  A N3    1 
ATOM 154  C C4    . DT  A 1 8  ? 3.291   28.613  8.277   1.00 52.81 ? 11  DT  A C4    1 
ATOM 155  O O4    . DT  A 1 8  ? 3.205   27.405  8.083   1.00 50.27 ? 11  DT  A O4    1 
ATOM 156  C C5    . DT  A 1 8  ? 4.510   29.311  8.650   1.00 47.20 ? 11  DT  A C5    1 
ATOM 157  C C7    . DT  A 1 8  ? 5.780   28.532  8.814   1.00 41.27 ? 11  DT  A C7    1 
ATOM 158  C C6    . DT  A 1 8  ? 4.445   30.635  8.835   1.00 48.42 ? 11  DT  A C6    1 
ATOM 159  P P     . DC  A 1 9  ? 3.631   36.011  11.786  1.00 38.80 ? 12  DC  A P     1 
ATOM 160  O OP1   . DC  A 1 9  ? 3.452   37.481  11.919  1.00 56.71 ? 12  DC  A OP1   1 
ATOM 161  O OP2   . DC  A 1 9  ? 4.731   35.338  12.512  1.00 39.45 ? 12  DC  A OP2   1 
ATOM 162  O "O5'" . DC  A 1 9  ? 2.245   35.311  12.122  1.00 34.48 ? 12  DC  A "O5'" 1 
ATOM 163  C "C5'" . DC  A 1 9  ? 1.121   35.566  11.282  1.00 34.23 ? 12  DC  A "C5'" 1 
ATOM 164  C "C4'" . DC  A 1 9  ? -0.083  34.780  11.740  1.00 37.17 ? 12  DC  A "C4'" 1 
ATOM 165  O "O4'" . DC  A 1 9  ? -0.005  33.395  11.325  1.00 25.35 ? 12  DC  A "O4'" 1 
ATOM 166  C "C3'" . DC  A 1 9  ? -0.329  34.774  13.246  1.00 37.32 ? 12  DC  A "C3'" 1 
ATOM 167  O "O3'" . DC  A 1 9  ? -1.730  34.949  13.450  1.00 55.80 ? 12  DC  A "O3'" 1 
ATOM 168  C "C2'" . DC  A 1 9  ? 0.123   33.383  13.668  1.00 42.94 ? 12  DC  A "C2'" 1 
ATOM 169  C "C1'" . DC  A 1 9  ? -0.205  32.547  12.439  1.00 23.49 ? 12  DC  A "C1'" 1 
ATOM 170  N N1    . DC  A 1 9  ? 0.592   31.323  12.222  1.00 26.49 ? 12  DC  A N1    1 
ATOM 171  C C2    . DC  A 1 9  ? -0.068  30.188  11.749  1.00 38.77 ? 12  DC  A C2    1 
ATOM 172  O O2    . DC  A 1 9  ? -1.284  30.255  11.552  1.00 24.95 ? 12  DC  A O2    1 
ATOM 173  N N3    . DC  A 1 9  ? 0.634   29.047  11.520  1.00 23.01 ? 12  DC  A N3    1 
ATOM 174  C C4    . DC  A 1 9  ? 1.945   29.017  11.747  1.00 34.76 ? 12  DC  A C4    1 
ATOM 175  N N4    . DC  A 1 9  ? 2.596   27.869  11.505  1.00 27.17 ? 12  DC  A N4    1 
ATOM 176  C C5    . DC  A 1 9  ? 2.654   30.164  12.233  1.00 28.78 ? 12  DC  A C5    1 
ATOM 177  C C6    . DC  A 1 9  ? 1.941   31.286  12.459  1.00 21.79 ? 12  DC  A C6    1 
ATOM 178  P P     . DA  A 1 10 ? -2.278  35.472  14.863  1.00 91.40 ? 13  DA  A P     1 
ATOM 179  O OP1   . DA  A 1 10 ? -3.198  36.606  14.595  1.00 54.60 ? 13  DA  A OP1   1 
ATOM 180  O OP2   . DA  A 1 10 ? -1.137  35.647  15.797  1.00 49.09 ? 13  DA  A OP2   1 
ATOM 181  O "O5'" . DA  A 1 10 ? -3.134  34.232  15.363  1.00 91.40 ? 13  DA  A "O5'" 1 
ATOM 182  C "C5'" . DA  A 1 10 ? -3.974  33.533  14.454  1.00 91.40 ? 13  DA  A "C5'" 1 
ATOM 183  C "C4'" . DA  A 1 10 ? -4.274  32.151  14.978  1.00 91.40 ? 13  DA  A "C4'" 1 
ATOM 184  O "O4'" . DA  A 1 10 ? -3.212  31.215  14.652  1.00 88.94 ? 13  DA  A "O4'" 1 
ATOM 185  C "C3'" . DA  A 1 10 ? -4.471  32.084  16.493  1.00 91.40 ? 13  DA  A "C3'" 1 
ATOM 186  O "O3'" . DA  A 1 10 ? -5.686  31.388  16.764  1.00 91.40 ? 13  DA  A "O3'" 1 
ATOM 187  C "C2'" . DA  A 1 10 ? -3.252  31.311  16.980  1.00 91.40 ? 13  DA  A "C2'" 1 
ATOM 188  C "C1'" . DA  A 1 10 ? -2.924  30.422  15.786  1.00 91.40 ? 13  DA  A "C1'" 1 
ATOM 189  N N9    . DA  A 1 10 ? -1.535  29.970  15.675  1.00 30.89 ? 13  DA  A N9    1 
ATOM 190  C C8    . DA  A 1 10 ? -0.389  30.625  16.063  1.00 30.68 ? 13  DA  A C8    1 
ATOM 191  N N7    . DA  A 1 10 ? 0.713   29.961  15.800  1.00 29.11 ? 13  DA  A N7    1 
ATOM 192  C C5    . DA  A 1 10 ? 0.266   28.789  15.206  1.00 30.42 ? 13  DA  A C5    1 
ATOM 193  C C6    . DA  A 1 10 ? 0.944   27.665  14.692  1.00 30.07 ? 13  DA  A C6    1 
ATOM 194  N N6    . DA  A 1 10 ? 2.271   27.534  14.692  1.00 25.25 ? 13  DA  A N6    1 
ATOM 195  N N1    . DA  A 1 10 ? 0.197   26.665  14.168  1.00 26.77 ? 13  DA  A N1    1 
ATOM 196  C C2    . DA  A 1 10 ? -1.136  26.797  14.166  1.00 32.89 ? 13  DA  A C2    1 
ATOM 197  N N3    . DA  A 1 10 ? -1.886  27.800  14.626  1.00 21.37 ? 13  DA  A N3    1 
ATOM 198  C C4    . DA  A 1 10 ? -1.117  28.776  15.133  1.00 30.75 ? 13  DA  A C4    1 
ATOM 199  P P     . DT  A 1 11 ? -6.190  31.203  18.279  1.00 91.69 ? 14  DT  A P     1 
ATOM 200  O OP1   . DT  A 1 11 ? -7.555  31.772  18.411  1.00 79.62 ? 14  DT  A OP1   1 
ATOM 201  O OP2   . DT  A 1 11 ? -5.123  31.621  19.215  1.00 46.59 ? 14  DT  A OP2   1 
ATOM 202  O "O5'" . DT  A 1 11 ? -6.289  29.628  18.397  1.00 91.69 ? 14  DT  A "O5'" 1 
ATOM 203  C "C5'" . DT  A 1 11 ? -5.230  28.846  17.901  1.00 91.69 ? 14  DT  A "C5'" 1 
ATOM 204  C "C4'" . DT  A 1 11 ? -5.715  27.479  17.507  1.00 91.69 ? 14  DT  A "C4'" 1 
ATOM 205  O "O4'" . DT  A 1 11 ? -4.573  26.858  16.890  1.00 91.69 ? 14  DT  A "O4'" 1 
ATOM 206  C "C3'" . DT  A 1 11 ? -6.075  26.604  18.704  1.00 91.69 ? 14  DT  A "C3'" 1 
ATOM 207  O "O3'" . DT  A 1 11 ? -7.061  25.630  18.322  1.00 91.69 ? 14  DT  A "O3'" 1 
ATOM 208  C "C2'" . DT  A 1 11 ? -4.734  26.014  19.105  1.00 91.69 ? 14  DT  A "C2'" 1 
ATOM 209  C "C1'" . DT  A 1 11 ? -3.949  25.962  17.788  1.00 91.69 ? 14  DT  A "C1'" 1 
ATOM 210  N N1    . DT  A 1 11 ? -2.491  26.311  17.852  1.00 46.83 ? 14  DT  A N1    1 
ATOM 211  C C2    . DT  A 1 11 ? -1.660  25.435  17.195  1.00 40.90 ? 14  DT  A C2    1 
ATOM 212  O O2    . DT  A 1 11 ? -2.074  24.466  16.587  1.00 57.18 ? 14  DT  A O2    1 
ATOM 213  N N3    . DT  A 1 11 ? -0.322  25.721  17.277  1.00 58.59 ? 14  DT  A N3    1 
ATOM 214  C C4    . DT  A 1 11 ? 0.264   26.780  17.935  1.00 47.12 ? 14  DT  A C4    1 
ATOM 215  O O4    . DT  A 1 11 ? 1.482   26.903  17.931  1.00 45.16 ? 14  DT  A O4    1 
ATOM 216  C C5    . DT  A 1 11 ? -0.660  27.683  18.587  1.00 48.50 ? 14  DT  A C5    1 
ATOM 217  C C7    . DT  A 1 11 ? -0.124  28.882  19.295  1.00 44.72 ? 14  DT  A C7    1 
ATOM 218  C C6    . DT  A 1 11 ? -1.977  27.413  18.520  1.00 43.42 ? 14  DT  A C6    1 
ATOM 219  O "O5'" . DC  B 2 1  ? 10.749  21.569  19.559  1.00 90.91 ? 106 DC  B "O5'" 1 
ATOM 220  C "C5'" . DC  B 2 1  ? 10.409  20.237  19.808  1.00 90.91 ? 106 DC  B "C5'" 1 
ATOM 221  C "C4'" . DC  B 2 1  ? 9.108   19.879  19.157  1.00 90.91 ? 106 DC  B "C4'" 1 
ATOM 222  O "O4'" . DC  B 2 1  ? 8.035   20.667  19.707  1.00 90.51 ? 106 DC  B "O4'" 1 
ATOM 223  C "C3'" . DC  B 2 1  ? 9.045   20.027  17.639  1.00 83.60 ? 106 DC  B "C3'" 1 
ATOM 224  O "O3'" . DC  B 2 1  ? 8.641   18.735  17.175  1.00 87.53 ? 106 DC  B "O3'" 1 
ATOM 225  C "C2'" . DC  B 2 1  ? 7.985   21.105  17.433  1.00 87.80 ? 106 DC  B "C2'" 1 
ATOM 226  C "C1'" . DC  B 2 1  ? 7.119   20.931  18.677  1.00 74.51 ? 106 DC  B "C1'" 1 
ATOM 227  N N1    . DC  B 2 1  ? 6.279   22.082  19.100  1.00 87.59 ? 106 DC  B N1    1 
ATOM 228  C C2    . DC  B 2 1  ? 4.902   21.871  19.198  1.00 66.87 ? 106 DC  B C2    1 
ATOM 229  O O2    . DC  B 2 1  ? 4.454   20.756  18.940  1.00 91.29 ? 106 DC  B O2    1 
ATOM 230  N N3    . DC  B 2 1  ? 4.088   22.859  19.574  1.00 87.88 ? 106 DC  B N3    1 
ATOM 231  C C4    . DC  B 2 1  ? 4.587   24.053  19.852  1.00 73.34 ? 106 DC  B C4    1 
ATOM 232  N N4    . DC  B 2 1  ? 3.760   25.015  20.231  1.00 91.29 ? 106 DC  B N4    1 
ATOM 233  C C5    . DC  B 2 1  ? 5.983   24.327  19.762  1.00 90.39 ? 106 DC  B C5    1 
ATOM 234  C C6    . DC  B 2 1  ? 6.800   23.316  19.384  1.00 84.72 ? 106 DC  B C6    1 
ATOM 235  P P     . DA  B 2 2  ? 8.475   18.440  15.617  1.00 87.68 ? 107 DA  B P     1 
ATOM 236  O OP1   . DA  B 2 2  ? 8.964   17.055  15.404  1.00 62.56 ? 107 DA  B OP1   1 
ATOM 237  O OP2   . DA  B 2 2  ? 9.030   19.551  14.808  1.00 36.12 ? 107 DA  B OP2   1 
ATOM 238  O "O5'" . DA  B 2 2  ? 6.893   18.425  15.470  1.00 80.39 ? 107 DA  B "O5'" 1 
ATOM 239  C "C5'" . DA  B 2 2  ? 6.131   17.419  16.125  1.00 80.45 ? 107 DA  B "C5'" 1 
ATOM 240  C "C4'" . DA  B 2 2  ? 4.696   17.489  15.671  1.00 88.60 ? 107 DA  B "C4'" 1 
ATOM 241  O "O4'" . DA  B 2 2  ? 4.123   18.705  16.187  1.00 70.45 ? 107 DA  B "O4'" 1 
ATOM 242  C "C3'" . DA  B 2 2  ? 4.545   17.553  14.152  1.00 76.60 ? 107 DA  B "C3'" 1 
ATOM 243  O "O3'" . DA  B 2 2  ? 3.378   16.829  13.782  1.00 75.13 ? 107 DA  B "O3'" 1 
ATOM 244  C "C2'" . DA  B 2 2  ? 4.439   19.040  13.862  1.00 67.70 ? 107 DA  B "C2'" 1 
ATOM 245  C "C1'" . DA  B 2 2  ? 3.740   19.556  15.118  1.00 73.18 ? 107 DA  B "C1'" 1 
ATOM 246  N N9    . DA  B 2 2  ? 4.104   20.910  15.512  1.00 43.82 ? 107 DA  B N9    1 
ATOM 247  C C8    . DA  B 2 2  ? 5.340   21.485  15.694  1.00 57.64 ? 107 DA  B C8    1 
ATOM 248  N N7    . DA  B 2 2  ? 5.281   22.748  16.065  1.00 51.91 ? 107 DA  B N7    1 
ATOM 249  C C5    . DA  B 2 2  ? 3.920   23.006  16.130  1.00 50.30 ? 107 DA  B C5    1 
ATOM 250  C C6    . DA  B 2 2  ? 3.181   24.154  16.466  1.00 41.58 ? 107 DA  B C6    1 
ATOM 251  N N6    . DA  B 2 2  ? 3.733   25.318  16.821  1.00 39.71 ? 107 DA  B N6    1 
ATOM 252  N N1    . DA  B 2 2  ? 1.834   24.068  16.418  1.00 55.22 ? 107 DA  B N1    1 
ATOM 253  C C2    . DA  B 2 2  ? 1.282   22.909  16.066  1.00 62.10 ? 107 DA  B C2    1 
ATOM 254  N N3    . DA  B 2 2  ? 1.861   21.768  15.738  1.00 28.09 ? 107 DA  B N3    1 
ATOM 255  C C4    . DA  B 2 2  ? 3.188   21.885  15.790  1.00 46.08 ? 107 DA  B C4    1 
ATOM 256  P P     . DT  B 2 3  ? 3.011   16.635  12.238  1.00 28.59 ? 108 DT  B P     1 
ATOM 257  O OP1   . DT  B 2 3  ? 2.421   15.276  12.146  1.00 35.78 ? 108 DT  B OP1   1 
ATOM 258  O OP2   . DT  B 2 3  ? 4.175   16.989  11.379  1.00 20.91 ? 108 DT  B OP2   1 
ATOM 259  O "O5'" . DT  B 2 3  ? 1.855   17.707  12.029  1.00 27.78 ? 108 DT  B "O5'" 1 
ATOM 260  C "C5'" . DT  B 2 3  ? 0.665   17.633  12.817  1.00 26.90 ? 108 DT  B "C5'" 1 
ATOM 261  C "C4'" . DT  B 2 3  ? -0.306  18.717  12.418  1.00 31.86 ? 108 DT  B "C4'" 1 
ATOM 262  O "O4'" . DT  B 2 3  ? 0.100   20.004  12.938  1.00 20.00 ? 108 DT  B "O4'" 1 
ATOM 263  C "C3'" . DT  B 2 3  ? -0.492  18.915  10.912  1.00 24.51 ? 108 DT  B "C3'" 1 
ATOM 264  O "O3'" . DT  B 2 3  ? -1.845  19.292  10.680  1.00 32.24 ? 108 DT  B "O3'" 1 
ATOM 265  C "C2'" . DT  B 2 3  ? 0.360   20.138  10.636  1.00 20.00 ? 108 DT  B "C2'" 1 
ATOM 266  C "C1'" . DT  B 2 3  ? 0.046   20.942  11.881  1.00 20.00 ? 108 DT  B "C1'" 1 
ATOM 267  N N1    . DT  B 2 3  ? 0.955   22.050  12.203  1.00 30.41 ? 108 DT  B N1    1 
ATOM 268  C C2    . DT  B 2 3  ? 0.394   23.181  12.752  1.00 36.50 ? 108 DT  B C2    1 
ATOM 269  O O2    . DT  B 2 3  ? -0.800  23.301  12.955  1.00 22.94 ? 108 DT  B O2    1 
ATOM 270  N N3    . DT  B 2 3  ? 1.291   24.168  13.058  1.00 22.91 ? 108 DT  B N3    1 
ATOM 271  C C4    . DT  B 2 3  ? 2.659   24.138  12.872  1.00 30.67 ? 108 DT  B C4    1 
ATOM 272  O O4    . DT  B 2 3  ? 3.334   25.096  13.206  1.00 20.00 ? 108 DT  B O4    1 
ATOM 273  C C5    . DT  B 2 3  ? 3.179   22.927  12.280  1.00 27.65 ? 108 DT  B C5    1 
ATOM 274  C C7    . DT  B 2 3  ? 4.651   22.808  12.031  1.00 20.00 ? 108 DT  B C7    1 
ATOM 275  C C6    . DT  B 2 3  ? 2.309   21.956  11.977  1.00 20.00 ? 108 DT  B C6    1 
ATOM 276  P P     . DG  B 2 4  ? -2.741  18.487  9.622   1.00 58.46 ? 109 DG  B P     1 
ATOM 277  O OP1   . DG  B 2 4  ? -3.230  17.279  10.328  1.00 45.42 ? 109 DG  B OP1   1 
ATOM 278  O OP2   . DG  B 2 4  ? -2.016  18.346  8.345   1.00 37.24 ? 109 DG  B OP2   1 
ATOM 279  O "O5'" . DG  B 2 4  ? -3.960  19.478  9.379   1.00 61.51 ? 109 DG  B "O5'" 1 
ATOM 280  C "C5'" . DG  B 2 4  ? -4.872  19.776  10.432  1.00 53.01 ? 109 DG  B "C5'" 1 
ATOM 281  C "C4'" . DG  B 2 4  ? -5.500  21.133  10.213  1.00 52.96 ? 109 DG  B "C4'" 1 
ATOM 282  O "O4'" . DG  B 2 4  ? -4.576  22.180  10.591  1.00 49.55 ? 109 DG  B "O4'" 1 
ATOM 283  C "C3'" . DG  B 2 4  ? -5.919  21.431  8.773   1.00 42.58 ? 109 DG  B "C3'" 1 
ATOM 284  O "O3'" . DG  B 2 4  ? -7.133  22.191  8.815   1.00 49.32 ? 109 DG  B "O3'" 1 
ATOM 285  C "C2'" . DG  B 2 4  ? -4.753  22.258  8.245   1.00 43.70 ? 109 DG  B "C2'" 1 
ATOM 286  C "C1'" . DG  B 2 4  ? -4.320  23.033  9.484   1.00 40.22 ? 109 DG  B "C1'" 1 
ATOM 287  N N9    . DG  B 2 4  ? -2.911  23.412  9.545   1.00 43.46 ? 109 DG  B N9    1 
ATOM 288  C C8    . DG  B 2 4  ? -1.821  22.624  9.253   1.00 44.25 ? 109 DG  B C8    1 
ATOM 289  N N7    . DG  B 2 4  ? -0.681  23.230  9.460   1.00 47.75 ? 109 DG  B N7    1 
ATOM 290  C C5    . DG  B 2 4  ? -1.039  24.495  9.908   1.00 51.03 ? 109 DG  B C5    1 
ATOM 291  C C6    . DG  B 2 4  ? -0.227  25.595  10.310  1.00 52.92 ? 109 DG  B C6    1 
ATOM 292  O O6    . DG  B 2 4  ? 1.000   25.659  10.382  1.00 33.83 ? 109 DG  B O6    1 
ATOM 293  N N1    . DG  B 2 4  ? -0.999  26.698  10.668  1.00 33.09 ? 109 DG  B N1    1 
ATOM 294  C C2    . DG  B 2 4  ? -2.372  26.734  10.660  1.00 49.04 ? 109 DG  B C2    1 
ATOM 295  N N2    . DG  B 2 4  ? -2.931  27.897  11.034  1.00 33.28 ? 109 DG  B N2    1 
ATOM 296  N N3    . DG  B 2 4  ? -3.138  25.711  10.311  1.00 34.73 ? 109 DG  B N3    1 
ATOM 297  C C4    . DG  B 2 4  ? -2.410  24.633  9.945   1.00 40.02 ? 109 DG  B C4    1 
ATOM 298  P P     . DA  B 2 5  ? -7.816  22.695  7.455   1.00 54.67 ? 110 DA  B P     1 
ATOM 299  O OP1   . DA  B 2 5  ? -9.284  22.737  7.683   1.00 20.00 ? 110 DA  B OP1   1 
ATOM 300  O OP2   . DA  B 2 5  ? -7.275  21.910  6.323   1.00 20.00 ? 110 DA  B OP2   1 
ATOM 301  O "O5'" . DA  B 2 5  ? -7.298  24.194  7.338   1.00 55.34 ? 110 DA  B "O5'" 1 
ATOM 302  C "C5'" . DA  B 2 5  ? -7.697  25.160  8.305   1.00 52.27 ? 110 DA  B "C5'" 1 
ATOM 303  C "C4'" . DA  B 2 5  ? -7.227  26.536  7.902   1.00 59.56 ? 110 DA  B "C4'" 1 
ATOM 304  O "O4'" . DA  B 2 5  ? -5.790  26.656  8.080   1.00 47.13 ? 110 DA  B "O4'" 1 
ATOM 305  C "C3'" . DA  B 2 5  ? -7.520  26.933  6.455   1.00 57.42 ? 110 DA  B "C3'" 1 
ATOM 306  O "O3'" . DA  B 2 5  ? -7.979  28.283  6.453   1.00 62.06 ? 110 DA  B "O3'" 1 
ATOM 307  C "C2'" . DA  B 2 5  ? -6.165  26.820  5.774   1.00 55.96 ? 110 DA  B "C2'" 1 
ATOM 308  C "C1'" . DA  B 2 5  ? -5.205  27.179  6.898   1.00 45.75 ? 110 DA  B "C1'" 1 
ATOM 309  N N9    . DA  B 2 5  ? -3.861  26.610  6.786   1.00 20.00 ? 110 DA  B N9    1 
ATOM 310  C C8    . DA  B 2 5  ? -3.492  25.347  6.389   1.00 20.00 ? 110 DA  B C8    1 
ATOM 311  N N7    . DA  B 2 5  ? -2.196  25.135  6.432   1.00 20.00 ? 110 DA  B N7    1 
ATOM 312  C C5    . DA  B 2 5  ? -1.675  26.345  6.876   1.00 20.00 ? 110 DA  B C5    1 
ATOM 313  C C6    . DA  B 2 5  ? -0.364  26.775  7.134   1.00 20.00 ? 110 DA  B C6    1 
ATOM 314  N N6    . DA  B 2 5  ? 0.714   25.998  6.989   1.00 20.00 ? 110 DA  B N6    1 
ATOM 315  N N1    . DA  B 2 5  ? -0.190  28.048  7.563   1.00 20.00 ? 110 DA  B N1    1 
ATOM 316  C C2    . DA  B 2 5  ? -1.271  28.822  7.720   1.00 20.00 ? 110 DA  B C2    1 
ATOM 317  N N3    . DA  B 2 5  ? -2.557  28.529  7.515   1.00 20.00 ? 110 DA  B N3    1 
ATOM 318  C C4    . DA  B 2 5  ? -2.692  27.264  7.089   1.00 20.00 ? 110 DA  B C4    1 
ATOM 319  P P     . DG  B 2 6  ? -8.641  28.915  5.137   1.00 60.86 ? 111 DG  B P     1 
ATOM 320  O OP1   . DG  B 2 6  ? -10.025 29.317  5.498   1.00 23.38 ? 111 DG  B OP1   1 
ATOM 321  O OP2   . DG  B 2 6  ? -8.417  28.021  3.979   1.00 25.80 ? 111 DG  B OP2   1 
ATOM 322  O "O5'" . DG  B 2 6  ? -7.784  30.243  4.936   1.00 64.42 ? 111 DG  B "O5'" 1 
ATOM 323  C "C5'" . DG  B 2 6  ? -7.669  31.179  6.011   1.00 57.08 ? 111 DG  B "C5'" 1 
ATOM 324  C "C4'" . DG  B 2 6  ? -6.629  32.231  5.708   1.00 63.45 ? 111 DG  B "C4'" 1 
ATOM 325  O "O4'" . DG  B 2 6  ? -5.298  31.674  5.818   1.00 54.90 ? 111 DG  B "O4'" 1 
ATOM 326  C "C3'" . DG  B 2 6  ? -6.709  32.889  4.332   1.00 64.39 ? 111 DG  B "C3'" 1 
ATOM 327  O "O3'" . DG  B 2 6  ? -6.458  34.291  4.467   1.00 58.64 ? 111 DG  B "O3'" 1 
ATOM 328  C "C2'" . DG  B 2 6  ? -5.595  32.213  3.553   1.00 49.87 ? 111 DG  B "C2'" 1 
ATOM 329  C "C1'" . DG  B 2 6  ? -4.562  31.920  4.634   1.00 47.83 ? 111 DG  B "C1'" 1 
ATOM 330  N N9    . DG  B 2 6  ? -3.753  30.732  4.382   1.00 20.00 ? 111 DG  B N9    1 
ATOM 331  C C8    . DG  B 2 6  ? -4.206  29.500  3.971   1.00 20.00 ? 111 DG  B C8    1 
ATOM 332  N N7    . DG  B 2 6  ? -3.250  28.622  3.839   1.00 20.00 ? 111 DG  B N7    1 
ATOM 333  C C5    . DG  B 2 6  ? -2.097  29.316  4.180   1.00 23.45 ? 111 DG  B C5    1 
ATOM 334  C C6    . DG  B 2 6  ? -0.751  28.888  4.217   1.00 23.90 ? 111 DG  B C6    1 
ATOM 335  O O6    . DG  B 2 6  ? -0.293  27.774  3.943   1.00 27.35 ? 111 DG  B O6    1 
ATOM 336  N N1    . DG  B 2 6  ? 0.101   29.912  4.620   1.00 21.54 ? 111 DG  B N1    1 
ATOM 337  C C2    . DG  B 2 6  ? -0.293  31.189  4.939   1.00 43.64 ? 111 DG  B C2    1 
ATOM 338  N N2    . DG  B 2 6  ? 0.688   32.040  5.300   1.00 20.00 ? 111 DG  B N2    1 
ATOM 339  N N3    . DG  B 2 6  ? -1.551  31.603  4.905   1.00 20.00 ? 111 DG  B N3    1 
ATOM 340  C C4    . DG  B 2 6  ? -2.392  30.622  4.519   1.00 23.03 ? 111 DG  B C4    1 
ATOM 341  P P     . DT  B 2 7  ? -6.558  35.246  3.180   1.00 46.67 ? 112 DT  B P     1 
ATOM 342  O OP1   . DT  B 2 7  ? -7.048  36.572  3.634   1.00 43.03 ? 112 DT  B OP1   1 
ATOM 343  O OP2   . DT  B 2 7  ? -7.296  34.513  2.126   1.00 30.39 ? 112 DT  B OP2   1 
ATOM 344  O "O5'" . DT  B 2 7  ? -5.041  35.398  2.719   1.00 52.81 ? 112 DT  B "O5'" 1 
ATOM 345  C "C5'" . DT  B 2 7  ? -4.039  35.759  3.669   1.00 41.74 ? 112 DT  B "C5'" 1 
ATOM 346  C "C4'" . DT  B 2 7  ? -2.660  35.721  3.045   1.00 43.37 ? 112 DT  B "C4'" 1 
ATOM 347  O "O4'" . DT  B 2 7  ? -2.101  34.379  3.064   1.00 37.67 ? 112 DT  B "O4'" 1 
ATOM 348  C "C3'" . DT  B 2 7  ? -2.551  36.217  1.600   1.00 43.97 ? 112 DT  B "C3'" 1 
ATOM 349  O "O3'" . DT  B 2 7  ? -1.553  37.223  1.497   1.00 58.44 ? 112 DT  B "O3'" 1 
ATOM 350  C "C2'" . DT  B 2 7  ? -2.066  34.997  0.835   1.00 51.11 ? 112 DT  B "C2'" 1 
ATOM 351  C "C1'" . DT  B 2 7  ? -1.346  34.177  1.882   1.00 30.56 ? 112 DT  B "C1'" 1 
ATOM 352  N N1    . DT  B 2 7  ? -1.348  32.740  1.574   1.00 24.83 ? 112 DT  B N1    1 
ATOM 353  C C2    . DT  B 2 7  ? -0.190  31.997  1.662   1.00 29.71 ? 112 DT  B C2    1 
ATOM 354  O O2    . DT  B 2 7  ? 0.888   32.473  1.981   1.00 33.24 ? 112 DT  B O2    1 
ATOM 355  N N3    . DT  B 2 7  ? -0.349  30.659  1.356   1.00 20.00 ? 112 DT  B N3    1 
ATOM 356  C C4    . DT  B 2 7  ? -1.522  30.019  0.976   1.00 28.33 ? 112 DT  B C4    1 
ATOM 357  O O4    . DT  B 2 7  ? -1.530  28.802  0.752   1.00 21.02 ? 112 DT  B O4    1 
ATOM 358  C C5    . DT  B 2 7  ? -2.677  30.870  0.880   1.00 23.08 ? 112 DT  B C5    1 
ATOM 359  C C7    . DT  B 2 7  ? -3.976  30.262  0.434   1.00 20.00 ? 112 DT  B C7    1 
ATOM 360  C C6    . DT  B 2 7  ? -2.532  32.168  1.188   1.00 20.00 ? 112 DT  B C6    1 
ATOM 361  P P     . DC  B 2 8  ? -1.515  38.171  0.199   1.00 85.73 ? 113 DC  B P     1 
ATOM 362  O OP1   . DC  B 2 8  ? -1.432  39.584  0.654   1.00 90.45 ? 113 DC  B OP1   1 
ATOM 363  O OP2   . DC  B 2 8  ? -2.607  37.759  -0.714  1.00 82.76 ? 113 DC  B OP2   1 
ATOM 364  O "O5'" . DC  B 2 8  ? -0.123  37.801  -0.477  1.00 80.23 ? 113 DC  B "O5'" 1 
ATOM 365  C "C5'" . DC  B 2 8  ? 1.074   37.871  0.286   1.00 78.79 ? 113 DC  B "C5'" 1 
ATOM 366  C "C4'" . DC  B 2 8  ? 2.193   37.129  -0.404  1.00 82.21 ? 113 DC  B "C4'" 1 
ATOM 367  O "O4'" . DC  B 2 8  ? 1.972   35.698  -0.359  1.00 84.38 ? 113 DC  B "O4'" 1 
ATOM 368  C "C3'" . DC  B 2 8  ? 2.428   37.481  -1.872  1.00 76.98 ? 113 DC  B "C3'" 1 
ATOM 369  O "O3'" . DC  B 2 8  ? 3.836   37.535  -2.080  1.00 89.71 ? 113 DC  B "O3'" 1 
ATOM 370  C "C2'" . DC  B 2 8  ? 1.857   36.283  -2.611  1.00 73.68 ? 113 DC  B "C2'" 1 
ATOM 371  C "C1'" . DC  B 2 8  ? 2.191   35.157  -1.649  1.00 83.23 ? 113 DC  B "C1'" 1 
ATOM 372  N N1    . DC  B 2 8  ? 1.369   33.943  -1.785  1.00 67.13 ? 113 DC  B N1    1 
ATOM 373  C C2    . DC  B 2 8  ? 1.999   32.695  -1.718  1.00 66.85 ? 113 DC  B C2    1 
ATOM 374  O O2    . DC  B 2 8  ? 3.225   32.649  -1.518  1.00 73.78 ? 113 DC  B O2    1 
ATOM 375  N N3    . DC  B 2 8  ? 1.260   31.572  -1.876  1.00 63.93 ? 113 DC  B N3    1 
ATOM 376  C C4    . DC  B 2 8  ? -0.055  31.663  -2.081  1.00 68.87 ? 113 DC  B C4    1 
ATOM 377  N N4    . DC  B 2 8  ? -0.743  30.529  -2.238  1.00 65.37 ? 113 DC  B N4    1 
ATOM 378  C C5    . DC  B 2 8  ? -0.726  32.920  -2.137  1.00 61.07 ? 113 DC  B C5    1 
ATOM 379  C C6    . DC  B 2 8  ? 0.020   34.025  -1.985  1.00 74.60 ? 113 DC  B C6    1 
ATOM 380  P P     . DA  B 2 9  ? 4.435   38.236  -3.392  1.00 60.90 ? 114 DA  B P     1 
ATOM 381  O OP1   . DA  B 2 9  ? 5.350   39.313  -2.934  1.00 87.52 ? 114 DA  B OP1   1 
ATOM 382  O OP2   . DA  B 2 9  ? 3.336   38.555  -4.339  1.00 81.25 ? 114 DA  B OP2   1 
ATOM 383  O "O5'" . DA  B 2 9  ? 5.313   37.071  -4.019  1.00 47.27 ? 114 DA  B "O5'" 1 
ATOM 384  C "C5'" . DA  B 2 9  ? 6.147   36.277  -3.182  1.00 57.86 ? 114 DA  B "C5'" 1 
ATOM 385  C "C4'" . DA  B 2 9  ? 6.606   35.046  -3.922  1.00 71.40 ? 114 DA  B "C4'" 1 
ATOM 386  O "O4'" . DA  B 2 9  ? 5.585   34.018  -3.902  1.00 60.16 ? 114 DA  B "O4'" 1 
ATOM 387  C "C3'" . DA  B 2 9  ? 6.935   35.305  -5.390  1.00 74.94 ? 114 DA  B "C3'" 1 
ATOM 388  O "O3'" . DA  B 2 9  ? 8.148   34.640  -5.726  1.00 90.30 ? 114 DA  B "O3'" 1 
ATOM 389  C "C2'" . DA  B 2 9  ? 5.746   34.718  -6.134  1.00 64.61 ? 114 DA  B "C2'" 1 
ATOM 390  C "C1'" . DA  B 2 9  ? 5.301   33.584  -5.223  1.00 60.89 ? 114 DA  B "C1'" 1 
ATOM 391  N N9    . DA  B 2 9  ? 3.872   33.272  -5.290  1.00 87.38 ? 114 DA  B N9    1 
ATOM 392  C C8    . DA  B 2 9  ? 2.819   34.152  -5.349  1.00 72.48 ? 114 DA  B C8    1 
ATOM 393  N N7    . DA  B 2 9  ? 1.644   33.572  -5.382  1.00 82.94 ? 114 DA  B N7    1 
ATOM 394  C C5    . DA  B 2 9  ? 1.940   32.217  -5.346  1.00 71.61 ? 114 DA  B C5    1 
ATOM 395  C C6    . DA  B 2 9  ? 1.125   31.069  -5.350  1.00 56.58 ? 114 DA  B C6    1 
ATOM 396  N N6    . DA  B 2 9  ? -0.208  31.108  -5.386  1.00 62.50 ? 114 DA  B N6    1 
ATOM 397  N N1    . DA  B 2 9  ? 1.736   29.866  -5.312  1.00 62.37 ? 114 DA  B N1    1 
ATOM 398  C C2    . DA  B 2 9  ? 3.075   29.828  -5.268  1.00 67.42 ? 114 DA  B C2    1 
ATOM 399  N N3    . DA  B 2 9  ? 3.948   30.833  -5.254  1.00 65.53 ? 114 DA  B N3    1 
ATOM 400  C C4    . DA  B 2 9  ? 3.308   32.016  -5.296  1.00 68.85 ? 114 DA  B C4    1 
ATOM 401  P P     . DG  B 2 10 ? 8.792   34.838  -7.181  1.00 91.02 ? 115 DG  B P     1 
ATOM 402  O OP1   . DG  B 2 10 ? 10.222  35.202  -7.016  1.00 90.50 ? 115 DG  B OP1   1 
ATOM 403  O OP2   . DG  B 2 10 ? 7.897   35.710  -7.989  1.00 90.50 ? 115 DG  B OP2   1 
ATOM 404  O "O5'" . DG  B 2 10 ? 8.720   33.367  -7.766  1.00 91.02 ? 115 DG  B "O5'" 1 
ATOM 405  C "C5'" . DG  B 2 10 ? 8.995   32.252  -6.925  1.00 90.49 ? 115 DG  B "C5'" 1 
ATOM 406  C "C4'" . DG  B 2 10 ? 8.535   30.981  -7.595  1.00 91.02 ? 115 DG  B "C4'" 1 
ATOM 407  O "O4'" . DG  B 2 10 ? 7.118   30.764  -7.354  1.00 83.69 ? 115 DG  B "O4'" 1 
ATOM 408  C "C3'" . DG  B 2 10 ? 8.715   31.026  -9.113  1.00 91.02 ? 115 DG  B "C3'" 1 
ATOM 409  O "O3'" . DG  B 2 10 ? 9.324   29.837  -9.599  1.00 91.02 ? 115 DG  B "O3'" 1 
ATOM 410  C "C2'" . DG  B 2 10 ? 7.299   31.165  -9.639  1.00 83.25 ? 115 DG  B "C2'" 1 
ATOM 411  C "C1'" . DG  B 2 10 ? 6.485   30.453  -8.580  1.00 68.27 ? 115 DG  B "C1'" 1 
ATOM 412  N N9    . DG  B 2 10 ? 5.107   30.929  -8.535  1.00 90.50 ? 115 DG  B N9    1 
ATOM 413  C C8    . DG  B 2 10 ? 4.683   32.235  -8.572  1.00 90.50 ? 115 DG  B C8    1 
ATOM 414  N N7    . DG  B 2 10 ? 3.383   32.351  -8.619  1.00 90.50 ? 115 DG  B N7    1 
ATOM 415  C C5    . DG  B 2 10 ? 2.919   31.044  -8.593  1.00 86.49 ? 115 DG  B C5    1 
ATOM 416  C C6    . DG  B 2 10 ? 1.595   30.538  -8.636  1.00 89.12 ? 115 DG  B C6    1 
ATOM 417  O O6    . DG  B 2 10 ? 0.535   31.166  -8.723  1.00 90.50 ? 115 DG  B O6    1 
ATOM 418  N N1    . DG  B 2 10 ? 1.578   29.148  -8.579  1.00 81.66 ? 115 DG  B N1    1 
ATOM 419  C C2    . DG  B 2 10 ? 2.689   28.345  -8.490  1.00 90.50 ? 115 DG  B C2    1 
ATOM 420  N N2    . DG  B 2 10 ? 2.465   27.024  -8.445  1.00 90.50 ? 115 DG  B N2    1 
ATOM 421  N N3    . DG  B 2 10 ? 3.931   28.805  -8.452  1.00 76.57 ? 115 DG  B N3    1 
ATOM 422  C C4    . DG  B 2 10 ? 3.971   30.153  -8.511  1.00 82.51 ? 115 DG  B C4    1 
ATOM 423  P P     . DT  B 2 11 ? 9.235   29.482  -11.161 1.00 93.59 ? 116 DT  B P     1 
ATOM 424  O OP1   . DT  B 2 11 ? 10.494  28.783  -11.507 1.00 91.26 ? 116 DT  B OP1   1 
ATOM 425  O OP2   . DT  B 2 11 ? 8.832   30.700  -11.915 1.00 91.26 ? 116 DT  B OP2   1 
ATOM 426  O "O5'" . DT  B 2 11 ? 8.059   28.418  -11.189 1.00 93.59 ? 116 DT  B "O5'" 1 
ATOM 427  C "C5'" . DT  B 2 11 ? 8.011   27.441  -10.162 1.00 93.59 ? 116 DT  B "C5'" 1 
ATOM 428  C "C4'" . DT  B 2 11 ? 7.101   26.303  -10.554 1.00 93.59 ? 116 DT  B "C4'" 1 
ATOM 429  O "O4'" . DT  B 2 11 ? 5.715   26.695  -10.385 1.00 93.59 ? 116 DT  B "O4'" 1 
ATOM 430  C "C3'" . DT  B 2 11 ? 7.224   25.832  -11.999 1.00 93.59 ? 116 DT  B "C3'" 1 
ATOM 431  O "O3'" . DT  B 2 11 ? 6.939   24.443  -12.060 1.00 93.59 ? 116 DT  B "O3'" 1 
ATOM 432  C "C2'" . DT  B 2 11 ? 6.073   26.540  -12.679 1.00 93.59 ? 116 DT  B "C2'" 1 
ATOM 433  C "C1'" . DT  B 2 11 ? 5.018   26.516  -11.607 1.00 93.59 ? 116 DT  B "C1'" 1 
ATOM 434  N N1    . DT  B 2 11 ? 4.028   27.587  -11.734 1.00 79.44 ? 116 DT  B N1    1 
ATOM 435  C C2    . DT  B 2 11 ? 2.706   27.251  -11.704 1.00 78.95 ? 116 DT  B C2    1 
ATOM 436  O O2    . DT  B 2 11 ? 2.328   26.100  -11.615 1.00 81.22 ? 116 DT  B O2    1 
ATOM 437  N N3    . DT  B 2 11 ? 1.838   28.312  -11.789 1.00 59.09 ? 116 DT  B N3    1 
ATOM 438  C C4    . DT  B 2 11 ? 2.170   29.646  -11.904 1.00 67.48 ? 116 DT  B C4    1 
ATOM 439  O O4    . DT  B 2 11 ? 1.292   30.493  -11.935 1.00 62.44 ? 116 DT  B O4    1 
ATOM 440  C C5    . DT  B 2 11 ? 3.588   29.921  -11.957 1.00 72.74 ? 116 DT  B C5    1 
ATOM 441  C C7    . DT  B 2 11 ? 4.053   31.341  -12.076 1.00 79.25 ? 116 DT  B C7    1 
ATOM 442  C C6    . DT  B 2 11 ? 4.430   28.885  -11.878 1.00 72.84 ? 116 DT  B C6    1 
ATOM 443  N N     . LYS C 3 5  ? 11.316  32.686  17.263  1.00 38.79 ? 178 LYS Y N     1 
ATOM 444  C CA    . LYS C 3 5  ? 10.148  31.821  17.329  1.00 42.78 ? 178 LYS Y CA    1 
ATOM 445  C C     . LYS C 3 5  ? 9.673   31.617  15.896  1.00 40.65 ? 178 LYS Y C     1 
ATOM 446  O O     . LYS C 3 5  ? 9.331   30.514  15.488  1.00 39.45 ? 178 LYS Y O     1 
ATOM 447  C CB    . LYS C 3 5  ? 9.048   32.488  18.160  1.00 45.61 ? 178 LYS Y CB    1 
ATOM 448  C CG    . LYS C 3 5  ? 7.709   31.766  18.120  1.00 77.19 ? 178 LYS Y CG    1 
ATOM 449  C CD    . LYS C 3 5  ? 6.680   32.465  18.997  1.00 84.68 ? 178 LYS Y CD    1 
ATOM 450  C CE    . LYS C 3 5  ? 5.306   31.830  18.851  1.00 77.01 ? 178 LYS Y CE    1 
ATOM 451  N NZ    . LYS C 3 5  ? 4.286   32.502  19.704  1.00 86.34 ? 178 LYS Y NZ    1 
ATOM 452  N N     . ARG C 3 6  ? 9.671   32.702  15.135  1.00 20.00 ? 179 ARG Y N     1 
ATOM 453  C CA    . ARG C 3 6  ? 9.255   32.670  13.746  1.00 20.00 ? 179 ARG Y CA    1 
ATOM 454  C C     . ARG C 3 6  ? 10.221  31.809  12.933  1.00 38.73 ? 179 ARG Y C     1 
ATOM 455  O O     . ARG C 3 6  ? 9.805   31.061  12.042  1.00 20.15 ? 179 ARG Y O     1 
ATOM 456  C CB    . ARG C 3 6  ? 9.222   34.098  13.202  1.00 62.09 ? 179 ARG Y CB    1 
ATOM 457  C CG    . ARG C 3 6  ? 8.855   34.228  11.745  1.00 61.59 ? 179 ARG Y CG    1 
ATOM 458  C CD    . ARG C 3 6  ? 8.679   35.700  11.405  1.00 58.90 ? 179 ARG Y CD    1 
ATOM 459  N NE    . ARG C 3 6  ? 7.535   36.279  12.106  1.00 75.91 ? 179 ARG Y NE    1 
ATOM 460  C CZ    . ARG C 3 6  ? 7.523   37.496  12.640  1.00 90.10 ? 179 ARG Y CZ    1 
ATOM 461  N NH1   . ARG C 3 6  ? 8.598   38.269  12.562  1.00 74.40 ? 179 ARG Y NH1   1 
ATOM 462  N NH2   . ARG C 3 6  ? 6.429   37.946  13.241  1.00 83.15 ? 179 ARG Y NH2   1 
ATOM 463  N N     . TYR C 3 7  ? 11.512  31.914  13.242  1.00 50.41 ? 180 TYR Y N     1 
ATOM 464  C CA    . TYR C 3 7  ? 12.520  31.130  12.541  1.00 48.20 ? 180 TYR Y CA    1 
ATOM 465  C C     . TYR C 3 7  ? 12.344  29.648  12.826  1.00 39.98 ? 180 TYR Y C     1 
ATOM 466  O O     . TYR C 3 7  ? 12.417  28.816  11.920  1.00 55.08 ? 180 TYR Y O     1 
ATOM 467  C CB    . TYR C 3 7  ? 13.936  31.527  12.974  1.00 53.75 ? 180 TYR Y CB    1 
ATOM 468  C CG    . TYR C 3 7  ? 14.963  30.512  12.532  1.00 40.65 ? 180 TYR Y CG    1 
ATOM 469  C CD1   . TYR C 3 7  ? 15.351  30.429  11.197  1.00 45.36 ? 180 TYR Y CD1   1 
ATOM 470  C CD2   . TYR C 3 7  ? 15.485  29.577  13.430  1.00 53.70 ? 180 TYR Y CD2   1 
ATOM 471  C CE1   . TYR C 3 7  ? 16.227  29.433  10.758  1.00 56.05 ? 180 TYR Y CE1   1 
ATOM 472  C CE2   . TYR C 3 7  ? 16.366  28.578  12.999  1.00 55.50 ? 180 TYR Y CE2   1 
ATOM 473  C CZ    . TYR C 3 7  ? 16.728  28.514  11.662  1.00 59.60 ? 180 TYR Y CZ    1 
ATOM 474  O OH    . TYR C 3 7  ? 17.589  27.535  11.222  1.00 72.88 ? 180 TYR Y OH    1 
ATOM 475  N N     . LYS C 3 8  ? 12.149  29.322  14.096  1.00 76.96 ? 181 LYS Y N     1 
ATOM 476  C CA    . LYS C 3 8  ? 11.967  27.938  14.501  1.00 89.50 ? 181 LYS Y CA    1 
ATOM 477  C C     . LYS C 3 8  ? 10.697  27.347  13.895  1.00 90.85 ? 181 LYS Y C     1 
ATOM 478  O O     . LYS C 3 8  ? 10.672  26.171  13.552  1.00 89.34 ? 181 LYS Y O     1 
ATOM 479  C CB    . LYS C 3 8  ? 11.919  27.820  16.030  1.00 43.03 ? 181 LYS Y CB    1 
ATOM 480  C CG    . LYS C 3 8  ? 13.272  27.999  16.712  1.00 60.13 ? 181 LYS Y CG    1 
ATOM 481  C CD    . LYS C 3 8  ? 13.161  27.842  18.225  1.00 67.41 ? 181 LYS Y CD    1 
ATOM 482  C CE    . LYS C 3 8  ? 14.522  27.958  18.896  1.00 86.38 ? 181 LYS Y CE    1 
ATOM 483  N NZ    . LYS C 3 8  ? 14.437  27.839  20.379  1.00 90.06 ? 181 LYS Y NZ    1 
ATOM 484  N N     . ASN C 3 9  ? 9.641   28.146  13.758  1.00 67.78 ? 182 ASN Y N     1 
ATOM 485  C CA    . ASN C 3 9  ? 8.418   27.602  13.170  1.00 71.97 ? 182 ASN Y CA    1 
ATOM 486  C C     . ASN C 3 9  ? 8.627   27.375  11.686  1.00 64.16 ? 182 ASN Y C     1 
ATOM 487  O O     . ASN C 3 9  ? 8.040   26.468  11.101  1.00 62.70 ? 182 ASN Y O     1 
ATOM 488  C CB    . ASN C 3 9  ? 7.213   28.523  13.369  1.00 62.52 ? 182 ASN Y CB    1 
ATOM 489  C CG    . ASN C 3 9  ? 5.908   27.867  12.914  1.00 73.89 ? 182 ASN Y CG    1 
ATOM 490  O OD1   . ASN C 3 9  ? 5.476   26.874  13.483  1.00 59.56 ? 182 ASN Y OD1   1 
ATOM 491  N ND2   . ASN C 3 9  ? 5.300   28.408  11.874  1.00 57.44 ? 182 ASN Y ND2   1 
ATOM 492  N N     . ARG C 3 10 ? 9.472   28.198  11.072  1.00 37.05 ? 183 ARG Y N     1 
ATOM 493  C CA    . ARG C 3 10 ? 9.755   28.063  9.653   1.00 37.04 ? 183 ARG Y CA    1 
ATOM 494  C C     . ARG C 3 10 ? 10.483  26.728  9.436   1.00 44.64 ? 183 ARG Y C     1 
ATOM 495  O O     . ARG C 3 10 ? 10.275  26.052  8.431   1.00 39.68 ? 183 ARG Y O     1 
ATOM 496  C CB    . ARG C 3 10 ? 10.624  29.223  9.176   1.00 43.88 ? 183 ARG Y CB    1 
ATOM 497  C CG    . ARG C 3 10 ? 10.754  29.335  7.670   1.00 50.15 ? 183 ARG Y CG    1 
ATOM 498  C CD    . ARG C 3 10 ? 11.781  30.404  7.316   1.00 43.94 ? 183 ARG Y CD    1 
ATOM 499  N NE    . ARG C 3 10 ? 11.473  31.670  7.975   1.00 45.02 ? 183 ARG Y NE    1 
ATOM 500  C CZ    . ARG C 3 10 ? 12.385  32.489  8.491   1.00 42.71 ? 183 ARG Y CZ    1 
ATOM 501  N NH1   . ARG C 3 10 ? 13.676  32.183  8.432   1.00 42.75 ? 183 ARG Y NH1   1 
ATOM 502  N NH2   . ARG C 3 10 ? 12.004  33.615  9.072   1.00 45.25 ? 183 ARG Y NH2   1 
ATOM 503  N N     . VAL C 3 11 ? 11.326  26.347  10.392  1.00 20.00 ? 184 VAL Y N     1 
ATOM 504  C CA    . VAL C 3 11 ? 12.047  25.081  10.297  1.00 20.00 ? 184 VAL Y CA    1 
ATOM 505  C C     . VAL C 3 11 ? 11.069  23.916  10.478  1.00 20.00 ? 184 VAL Y C     1 
ATOM 506  O O     . VAL C 3 11 ? 11.139  22.922  9.757   1.00 22.65 ? 184 VAL Y O     1 
ATOM 507  C CB    . VAL C 3 11 ? 13.158  24.982  11.366  1.00 29.09 ? 184 VAL Y CB    1 
ATOM 508  C CG1   . VAL C 3 11 ? 13.731  23.565  11.412  1.00 24.77 ? 184 VAL Y CG1   1 
ATOM 509  C CG2   . VAL C 3 11 ? 14.271  25.979  11.047  1.00 38.16 ? 184 VAL Y CG2   1 
ATOM 510  N N     . ALA C 3 12 ? 10.151  24.052  11.431  1.00 20.00 ? 185 ALA Y N     1 
ATOM 511  C CA    . ALA C 3 12 ? 9.166   23.006  11.701  1.00 20.00 ? 185 ALA Y CA    1 
ATOM 512  C C     . ALA C 3 12 ? 8.165   22.799  10.566  1.00 20.00 ? 185 ALA Y C     1 
ATOM 513  O O     . ALA C 3 12 ? 7.724   21.673  10.336  1.00 20.00 ? 185 ALA Y O     1 
ATOM 514  C CB    . ALA C 3 12 ? 8.435   23.294  12.997  1.00 31.20 ? 185 ALA Y CB    1 
ATOM 515  N N     . SER C 3 13 ? 7.787   23.871  9.857   1.00 20.00 ? 186 SER Y N     1 
ATOM 516  C CA    . SER C 3 13 ? 6.873   23.713  8.724   1.00 22.09 ? 186 SER Y CA    1 
ATOM 517  C C     . SER C 3 13 ? 7.578   22.921  7.631   1.00 23.81 ? 186 SER Y C     1 
ATOM 518  O O     . SER C 3 13 ? 6.976   22.034  7.028   1.00 25.06 ? 186 SER Y O     1 
ATOM 519  C CB    . SER C 3 13 ? 6.384   25.078  8.237   1.00 20.00 ? 186 SER Y CB    1 
ATOM 520  O OG    . SER C 3 13 ? 5.638   25.742  9.242   1.00 21.38 ? 186 SER Y OG    1 
ATOM 521  N N     . ARG C 3 14 ? 8.832   23.277  7.363   1.00 53.61 ? 187 ARG Y N     1 
ATOM 522  C CA    . ARG C 3 14 ? 9.595   22.567  6.331   1.00 64.09 ? 187 ARG Y CA    1 
ATOM 523  C C     . ARG C 3 14 ? 9.638   21.082  6.677   1.00 53.50 ? 187 ARG Y C     1 
ATOM 524  O O     . ARG C 3 14 ? 9.443   20.227  5.816   1.00 66.64 ? 187 ARG Y O     1 
ATOM 525  C CB    . ARG C 3 14 ? 11.032  23.089  6.243   1.00 74.21 ? 187 ARG Y CB    1 
ATOM 526  C CG    . ARG C 3 14 ? 11.170  24.459  5.610   1.00 86.81 ? 187 ARG Y CG    1 
ATOM 527  C CD    . ARG C 3 14 ? 12.560  25.060  5.814   1.00 67.60 ? 187 ARG Y CD    1 
ATOM 528  N NE    . ARG C 3 14 ? 12.563  26.444  5.346   1.00 71.33 ? 187 ARG Y NE    1 
ATOM 529  C CZ    . ARG C 3 14 ? 13.499  27.345  5.625   1.00 71.81 ? 187 ARG Y CZ    1 
ATOM 530  N NH1   . ARG C 3 14 ? 14.542  27.027  6.381   1.00 70.47 ? 187 ARG Y NH1   1 
ATOM 531  N NH2   . ARG C 3 14 ? 13.376  28.580  5.152   1.00 60.86 ? 187 ARG Y NH2   1 
ATOM 532  N N     . LYS C 3 15 ? 9.898   20.787  7.945   1.00 29.94 ? 188 LYS Y N     1 
ATOM 533  C CA    . LYS C 3 15 ? 9.981   19.401  8.388   1.00 33.78 ? 188 LYS Y CA    1 
ATOM 534  C C     . LYS C 3 15 ? 8.644   18.678  8.291   1.00 52.97 ? 188 LYS Y C     1 
ATOM 535  O O     . LYS C 3 15 ? 8.592   17.508  7.906   1.00 39.58 ? 188 LYS Y O     1 
ATOM 536  C CB    . LYS C 3 15 ? 10.479  19.328  9.827   1.00 77.99 ? 188 LYS Y CB    1 
ATOM 537  C CG    . LYS C 3 15 ? 10.539  17.908  10.382  1.00 83.79 ? 188 LYS Y CG    1 
ATOM 538  C CD    . LYS C 3 15 ? 10.950  17.883  11.850  1.00 91.08 ? 188 LYS Y CD    1 
ATOM 539  C CE    . LYS C 3 15 ? 11.086  16.448  12.360  1.00 88.18 ? 188 LYS Y CE    1 
ATOM 540  N NZ    . LYS C 3 15 ? 11.297  16.383  13.837  1.00 91.08 ? 188 LYS Y NZ    1 
ATOM 541  N N     . CYS C 3 16 ? 7.568   19.376  8.642   1.00 36.90 ? 189 CYS Y N     1 
ATOM 542  C CA    . CYS C 3 16 ? 6.239   18.782  8.605   1.00 39.27 ? 189 CYS Y CA    1 
ATOM 543  C C     . CYS C 3 16 ? 5.853   18.469  7.177   1.00 37.53 ? 189 CYS Y C     1 
ATOM 544  O O     . CYS C 3 16 ? 5.351   17.386  6.886   1.00 42.48 ? 189 CYS Y O     1 
ATOM 545  C CB    . CYS C 3 16 ? 5.211   19.731  9.222   1.00 20.00 ? 189 CYS Y CB    1 
ATOM 546  S SG    . CYS C 3 16 ? 3.957   19.090  9.350   1.00 20.00 ? 189 CYS Y SG    1 
ATOM 547  N N     . ARG C 3 17 ? 6.091   19.418  6.282   1.00 84.39 ? 190 ARG Y N     1 
ATOM 548  C CA    . ARG C 3 17 ? 5.771   19.218  4.883   1.00 86.60 ? 190 ARG Y CA    1 
ATOM 549  C C     . ARG C 3 17 ? 6.573   18.080  4.255   1.00 91.01 ? 190 ARG Y C     1 
ATOM 550  O O     . ARG C 3 17 ? 6.027   17.307  3.467   1.00 90.42 ? 190 ARG Y O     1 
ATOM 551  C CB    . ARG C 3 17 ? 5.995   20.507  4.101   1.00 92.75 ? 190 ARG Y CB    1 
ATOM 552  C CG    . ARG C 3 17 ? 4.801   21.445  4.130   1.00 92.75 ? 190 ARG Y CG    1 
ATOM 553  C CD    . ARG C 3 17 ? 5.118   22.754  3.450   1.00 92.75 ? 190 ARG Y CD    1 
ATOM 554  N NE    . ARG C 3 17 ? 5.772   23.690  4.358   1.00 92.75 ? 190 ARG Y NE    1 
ATOM 555  C CZ    . ARG C 3 17 ? 7.008   24.151  4.207   1.00 92.75 ? 190 ARG Y CZ    1 
ATOM 556  N NH1   . ARG C 3 17 ? 7.752   23.770  3.177   1.00 92.75 ? 190 ARG Y NH1   1 
ATOM 557  N NH2   . ARG C 3 17 ? 7.495   25.006  5.091   1.00 92.75 ? 190 ARG Y NH2   1 
ATOM 558  N N     . ALA C 3 18 ? 7.859   17.969  4.591   1.00 20.00 ? 191 ALA Y N     1 
ATOM 559  C CA    . ALA C 3 18 ? 8.676   16.890  4.029   1.00 26.54 ? 191 ALA Y CA    1 
ATOM 560  C C     . ALA C 3 18 ? 8.214   15.585  4.652   1.00 20.73 ? 191 ALA Y C     1 
ATOM 561  O O     . ALA C 3 18 ? 8.215   14.541  4.003   1.00 32.09 ? 191 ALA Y O     1 
ATOM 562  C CB    . ALA C 3 18 ? 10.164  17.121  4.324   1.00 37.71 ? 191 ALA Y CB    1 
ATOM 563  N N     . LYS C 3 19 ? 7.812   15.654  5.917   1.00 20.00 ? 192 LYS Y N     1 
ATOM 564  C CA    . LYS C 3 19 ? 7.324   14.481  6.623   1.00 20.00 ? 192 LYS Y CA    1 
ATOM 565  C C     . LYS C 3 19 ? 6.064   13.956  5.943   1.00 27.30 ? 192 LYS Y C     1 
ATOM 566  O O     . LYS C 3 19 ? 5.854   12.750  5.861   1.00 20.00 ? 192 LYS Y O     1 
ATOM 567  C CB    . LYS C 3 19 ? 6.992   14.811  8.075   1.00 20.00 ? 192 LYS Y CB    1 
ATOM 568  C CG    . LYS C 3 19 ? 6.417   13.616  8.827   1.00 20.00 ? 192 LYS Y CG    1 
ATOM 569  C CD    . LYS C 3 19 ? 5.752   14.020  10.130  1.00 38.75 ? 192 LYS Y CD    1 
ATOM 570  C CE    . LYS C 3 19 ? 4.926   12.865  10.691  1.00 48.44 ? 192 LYS Y CE    1 
ATOM 571  N NZ    . LYS C 3 19 ? 4.170   13.238  11.921  1.00 30.09 ? 192 LYS Y NZ    1 
ATOM 572  N N     . PHE C 3 20 ? 6.286   15.134  5.663   0.50 20.00 ? 193 PHE Y N     1 
ATOM 573  C CA    . PHE C 3 20 ? 5.026   14.728  5.050   0.50 20.00 ? 193 PHE Y CA    1 
ATOM 574  C C     . PHE C 3 20 ? 5.209   14.326  3.588   0.50 20.00 ? 193 PHE Y C     1 
ATOM 575  O O     . PHE C 3 20 ? 4.575   13.383  3.124   0.50 20.00 ? 193 PHE Y O     1 
ATOM 576  C CB    . PHE C 3 20 ? 3.975   15.834  5.182   0.50 20.00 ? 193 PHE Y CB    1 
ATOM 577  C CG    . PHE C 3 20 ? 3.248   15.810  6.498   0.50 20.00 ? 193 PHE Y CG    1 
ATOM 578  C CD1   . PHE C 3 20 ? 2.481   14.705  6.862   0.50 20.00 ? 193 PHE Y CD1   1 
ATOM 579  C CD2   . PHE C 3 20 ? 3.338   16.881  7.381   0.50 20.00 ? 193 PHE Y CD2   1 
ATOM 580  C CE1   . PHE C 3 20 ? 1.818   14.663  8.084   0.50 20.00 ? 193 PHE Y CE1   1 
ATOM 581  C CE2   . PHE C 3 20 ? 2.679   16.849  8.606   0.50 20.00 ? 193 PHE Y CE2   1 
ATOM 582  C CZ    . PHE C 3 20 ? 1.917   15.736  8.957   0.50 20.00 ? 193 PHE Y CZ    1 
ATOM 583  N N     . LYS C 3 21 ? 6.072   15.036  2.869   1.00 66.06 ? 194 LYS Y N     1 
ATOM 584  C CA    . LYS C 3 21 ? 6.342   14.697  1.474   1.00 73.85 ? 194 LYS Y CA    1 
ATOM 585  C C     . LYS C 3 21 ? 6.979   13.308  1.356   1.00 68.83 ? 194 LYS Y C     1 
ATOM 586  O O     . LYS C 3 21 ? 6.645   12.546  0.450   1.00 79.48 ? 194 LYS Y O     1 
ATOM 587  C CB    . LYS C 3 21 ? 7.262   15.740  0.837   1.00 53.33 ? 194 LYS Y CB    1 
ATOM 588  C CG    . LYS C 3 21 ? 6.591   17.072  0.546   1.00 62.31 ? 194 LYS Y CG    1 
ATOM 589  C CD    . LYS C 3 21 ? 5.488   16.917  -0.487  1.00 69.55 ? 194 LYS Y CD    1 
ATOM 590  C CE    . LYS C 3 21 ? 4.842   18.258  -0.818  1.00 76.37 ? 194 LYS Y CE    1 
ATOM 591  N NZ    . LYS C 3 21 ? 3.800   18.138  -1.881  1.00 75.99 ? 194 LYS Y NZ    1 
ATOM 592  N N     . GLN C 3 22 ? 7.892   12.980  2.266   1.00 22.07 ? 195 GLN Y N     1 
ATOM 593  C CA    . GLN C 3 22 ? 8.545   11.675  2.230   1.00 30.05 ? 195 GLN Y CA    1 
ATOM 594  C C     . GLN C 3 22 ? 7.567   10.575  2.634   1.00 32.53 ? 195 GLN Y C     1 
ATOM 595  O O     . GLN C 3 22 ? 7.630   9.457   2.130   1.00 28.09 ? 195 GLN Y O     1 
ATOM 596  C CB    . GLN C 3 22 ? 9.763   11.661  3.155   1.00 77.79 ? 195 GLN Y CB    1 
ATOM 597  C CG    . GLN C 3 22 ? 9.462   11.924  4.623   1.00 91.14 ? 195 GLN Y CG    1 
ATOM 598  C CD    . GLN C 3 22 ? 9.107   10.666  5.394   1.00 91.14 ? 195 GLN Y CD    1 
ATOM 599  O OE1   . GLN C 3 22 ? 8.813   10.717  6.595   1.00 91.14 ? 195 GLN Y OE1   1 
ATOM 600  N NE2   . GLN C 3 22 ? 9.139   9.522   4.715   1.00 91.14 ? 195 GLN Y NE2   1 
ATOM 601  N N     . LEU C 3 23 ? 6.654   10.908  3.536   1.00 37.36 ? 196 LEU Y N     1 
ATOM 602  C CA    . LEU C 3 23 ? 5.670   9.948   4.002   1.00 41.66 ? 196 LEU Y CA    1 
ATOM 603  C C     . LEU C 3 23 ? 4.776   9.548   2.833   1.00 37.04 ? 196 LEU Y C     1 
ATOM 604  O O     . LEU C 3 23 ? 4.466   8.371   2.658   1.00 30.65 ? 196 LEU Y O     1 
ATOM 605  C CB    . LEU C 3 23 ? 4.848   10.564  5.130   1.00 46.51 ? 196 LEU Y CB    1 
ATOM 606  C CG    . LEU C 3 23 ? 4.240   9.631   6.179   1.00 62.49 ? 196 LEU Y CG    1 
ATOM 607  C CD1   . LEU C 3 23 ? 5.303   8.686   6.734   1.00 48.05 ? 196 LEU Y CD1   1 
ATOM 608  C CD2   . LEU C 3 23 ? 3.638   10.486  7.298   1.00 47.82 ? 196 LEU Y CD2   1 
ATOM 609  N N     . LEU C 3 24 ? 4.392   10.530  2.024   1.00 36.36 ? 197 LEU Y N     1 
ATOM 610  C CA    . LEU C 3 24 ? 3.555   10.292  0.854   1.00 46.72 ? 197 LEU Y CA    1 
ATOM 611  C C     . LEU C 3 24 ? 4.290   9.462   -0.199  1.00 50.78 ? 197 LEU Y C     1 
ATOM 612  O O     . LEU C 3 24 ? 3.694   8.618   -0.875  1.00 43.44 ? 197 LEU Y O     1 
ATOM 613  C CB    . LEU C 3 24 ? 3.136   11.613  0.211   1.00 56.80 ? 197 LEU Y CB    1 
ATOM 614  C CG    . LEU C 3 24 ? 2.345   11.413  -1.082  1.00 67.19 ? 197 LEU Y CG    1 
ATOM 615  C CD1   . LEU C 3 24 ? 0.943   10.921  -0.736  1.00 72.90 ? 197 LEU Y CD1   1 
ATOM 616  C CD2   . LEU C 3 24 ? 2.278   12.714  -1.867  1.00 72.60 ? 197 LEU Y CD2   1 
ATOM 617  N N     . GLN C 3 25 ? 5.582   9.728   -0.348  1.00 39.77 ? 198 GLN Y N     1 
ATOM 618  C CA    . GLN C 3 25 ? 6.411   9.019   -1.318  1.00 37.57 ? 198 GLN Y CA    1 
ATOM 619  C C     . GLN C 3 25 ? 6.541   7.568   -0.869  1.00 34.13 ? 198 GLN Y C     1 
ATOM 620  O O     . GLN C 3 25 ? 6.479   6.647   -1.675  1.00 34.62 ? 198 GLN Y O     1 
ATOM 621  C CB    . GLN C 3 25 ? 7.791   9.686   -1.394  1.00 61.17 ? 198 GLN Y CB    1 
ATOM 622  C CG    . GLN C 3 25 ? 8.600   9.408   -2.656  1.00 75.02 ? 198 GLN Y CG    1 
ATOM 623  C CD    . GLN C 3 25 ? 9.215   8.028   -2.690  1.00 91.18 ? 198 GLN Y CD    1 
ATOM 624  O OE1   . GLN C 3 25 ? 9.890   7.613   -1.745  1.00 91.18 ? 198 GLN Y OE1   1 
ATOM 625  N NE2   . GLN C 3 25 ? 8.995   7.310   -3.786  1.00 91.18 ? 198 GLN Y NE2   1 
ATOM 626  N N     . HIS C 3 26 ? 6.696   7.384   0.435   1.00 21.58 ? 199 HIS Y N     1 
ATOM 627  C CA    . HIS C 3 26 ? 6.844   6.069   1.044   1.00 24.68 ? 199 HIS Y CA    1 
ATOM 628  C C     . HIS C 3 26 ? 5.613   5.169   0.888   1.00 32.05 ? 199 HIS Y C     1 
ATOM 629  O O     . HIS C 3 26 ? 5.724   4.004   0.488   1.00 26.74 ? 199 HIS Y O     1 
ATOM 630  C CB    . HIS C 3 26 ? 7.165   6.242   2.529   1.00 69.77 ? 199 HIS Y CB    1 
ATOM 631  C CG    . HIS C 3 26 ? 7.234   4.954   3.290   1.00 84.65 ? 199 HIS Y CG    1 
ATOM 632  N ND1   . HIS C 3 26 ? 8.329   4.119   3.242   1.00 90.41 ? 199 HIS Y ND1   1 
ATOM 633  C CD2   . HIS C 3 26 ? 6.339   4.358   4.111   1.00 86.04 ? 199 HIS Y CD2   1 
ATOM 634  C CE1   . HIS C 3 26 ? 8.106   3.064   4.006   1.00 89.36 ? 199 HIS Y CE1   1 
ATOM 635  N NE2   . HIS C 3 26 ? 6.905   3.185   4.544   1.00 89.59 ? 199 HIS Y NE2   1 
ATOM 636  N N     . TYR C 3 27 ? 4.437   5.694   1.211   1.00 20.00 ? 200 TYR Y N     1 
ATOM 637  C CA    . TYR C 3 27 ? 3.217   4.891   1.101   1.00 20.00 ? 200 TYR Y CA    1 
ATOM 638  C C     . TYR C 3 27 ? 2.804   4.635   -0.335  1.00 20.00 ? 200 TYR Y C     1 
ATOM 639  O O     . TYR C 3 27 ? 2.080   3.680   -0.628  1.00 20.00 ? 200 TYR Y O     1 
ATOM 640  C CB    . TYR C 3 27 ? 2.077   5.550   1.889   1.00 92.01 ? 200 TYR Y CB    1 
ATOM 641  C CG    . TYR C 3 27 ? 2.201   5.306   3.379   1.00 92.01 ? 200 TYR Y CG    1 
ATOM 642  C CD1   . TYR C 3 27 ? 2.231   4.008   3.884   1.00 92.01 ? 200 TYR Y CD1   1 
ATOM 643  C CD2   . TYR C 3 27 ? 2.346   6.364   4.273   1.00 92.01 ? 200 TYR Y CD2   1 
ATOM 644  C CE1   . TYR C 3 27 ? 2.405   3.764   5.241   1.00 92.01 ? 200 TYR Y CE1   1 
ATOM 645  C CE2   . TYR C 3 27 ? 2.521   6.130   5.640   1.00 92.01 ? 200 TYR Y CE2   1 
ATOM 646  C CZ    . TYR C 3 27 ? 2.551   4.824   6.115   1.00 92.01 ? 200 TYR Y CZ    1 
ATOM 647  O OH    . TYR C 3 27 ? 2.741   4.572   7.455   1.00 92.01 ? 200 TYR Y OH    1 
ATOM 648  N N     . ARG C 3 28 ? 3.276   5.481   -1.237  1.00 20.00 ? 201 ARG Y N     1 
ATOM 649  C CA    . ARG C 3 28 ? 2.970   5.326   -2.651  1.00 20.00 ? 201 ARG Y CA    1 
ATOM 650  C C     . ARG C 3 28 ? 3.750   4.087   -3.141  1.00 20.00 ? 201 ARG Y C     1 
ATOM 651  O O     . ARG C 3 28 ? 3.231   3.276   -3.911  1.00 20.00 ? 201 ARG Y O     1 
ATOM 652  C CB    . ARG C 3 28 ? 3.429   6.572   -3.390  1.00 54.36 ? 201 ARG Y CB    1 
ATOM 653  C CG    . ARG C 3 28 ? 2.808   6.831   -4.741  1.00 65.85 ? 201 ARG Y CG    1 
ATOM 654  C CD    . ARG C 3 28 ? 3.454   8.074   -5.352  1.00 74.08 ? 201 ARG Y CD    1 
ATOM 655  N NE    . ARG C 3 28 ? 2.507   8.923   -6.070  1.00 91.10 ? 201 ARG Y NE    1 
ATOM 656  C CZ    . ARG C 3 28 ? 1.926   8.603   -7.222  1.00 91.10 ? 201 ARG Y CZ    1 
ATOM 657  N NH1   . ARG C 3 28 ? 2.191   7.440   -7.803  1.00 91.10 ? 201 ARG Y NH1   1 
ATOM 658  N NH2   . ARG C 3 28 ? 1.074   9.447   -7.790  1.00 91.10 ? 201 ARG Y NH2   1 
ATOM 659  N N     . GLU C 3 29 ? 4.987   3.946   -2.664  1.00 54.04 ? 202 GLU Y N     1 
ATOM 660  C CA    . GLU C 3 29 ? 5.864   2.834   -3.036  1.00 63.51 ? 202 GLU Y CA    1 
ATOM 661  C C     . GLU C 3 29 ? 5.438   1.511   -2.405  1.00 59.00 ? 202 GLU Y C     1 
ATOM 662  O O     . GLU C 3 29 ? 5.461   0.475   -3.057  1.00 61.42 ? 202 GLU Y O     1 
ATOM 663  C CB    . GLU C 3 29 ? 7.310   3.116   -2.609  1.00 57.61 ? 202 GLU Y CB    1 
ATOM 664  C CG    . GLU C 3 29 ? 7.926   4.359   -3.209  1.00 77.57 ? 202 GLU Y CG    1 
ATOM 665  C CD    . GLU C 3 29 ? 9.370   4.549   -2.776  1.00 91.65 ? 202 GLU Y CD    1 
ATOM 666  O OE1   . GLU C 3 29 ? 9.645   4.469   -1.559  1.00 91.83 ? 202 GLU Y OE1   1 
ATOM 667  O OE2   . GLU C 3 29 ? 10.229  4.787   -3.653  1.00 91.83 ? 202 GLU Y OE2   1 
ATOM 668  N N     . VAL C 3 30 ? 5.082   1.559   -1.125  1.00 20.00 ? 203 VAL Y N     1 
ATOM 669  C CA    . VAL C 3 30 ? 4.636   0.384   -0.392  1.00 20.00 ? 203 VAL Y CA    1 
ATOM 670  C C     . VAL C 3 30 ? 3.325   -0.150  -0.976  1.00 20.00 ? 203 VAL Y C     1 
ATOM 671  O O     . VAL C 3 30 ? 3.143   -1.359  -1.099  1.00 20.00 ? 203 VAL Y O     1 
ATOM 672  C CB    . VAL C 3 30 ? 4.442   0.717   1.104   1.00 20.00 ? 203 VAL Y CB    1 
ATOM 673  C CG1   . VAL C 3 30 ? 3.608   -0.354  1.787   1.00 20.00 ? 203 VAL Y CG1   1 
ATOM 674  C CG2   . VAL C 3 30 ? 5.801   0.833   1.777   1.00 20.00 ? 203 VAL Y CG2   1 
ATOM 675  N N     . ALA C 3 31 ? 2.415   0.754   -1.329  1.00 42.38 ? 204 ALA Y N     1 
ATOM 676  C CA    . ALA C 3 31 ? 1.141   0.354   -1.919  1.00 46.34 ? 204 ALA Y CA    1 
ATOM 677  C C     . ALA C 3 31 ? 1.401   -0.448  -3.185  1.00 48.87 ? 204 ALA Y C     1 
ATOM 678  O O     . ALA C 3 31 ? 0.751   -1.467  -3.433  1.00 42.71 ? 204 ALA Y O     1 
ATOM 679  C CB    . ALA C 3 31 ? 0.306   1.569   -2.260  1.00 20.00 ? 204 ALA Y CB    1 
ATOM 680  N N     . ALA C 3 32 ? 2.349   0.031   -3.984  1.00 20.00 ? 205 ALA Y N     1 
ATOM 681  C CA    . ALA C 3 32 ? 2.702   -0.622  -5.235  1.00 20.00 ? 205 ALA Y CA    1 
ATOM 682  C C     . ALA C 3 32 ? 3.406   -1.949  -4.951  1.00 20.00 ? 205 ALA Y C     1 
ATOM 683  O O     . ALA C 3 32 ? 3.055   -2.966  -5.534  1.00 20.00 ? 205 ALA Y O     1 
ATOM 684  C CB    . ALA C 3 32 ? 3.601   0.298   -6.075  1.00 33.19 ? 205 ALA Y CB    1 
ATOM 685  N N     . ALA C 3 33 ? 4.381   -1.935  -4.041  1.00 24.79 ? 206 ALA Y N     1 
ATOM 686  C CA    . ALA C 3 33 ? 5.112   -3.151  -3.683  1.00 32.72 ? 206 ALA Y CA    1 
ATOM 687  C C     . ALA C 3 33 ? 4.189   -4.245  -3.155  1.00 32.13 ? 206 ALA Y C     1 
ATOM 688  O O     . ALA C 3 33 ? 4.322   -5.400  -3.538  1.00 29.29 ? 206 ALA Y O     1 
ATOM 689  C CB    . ALA C 3 33 ? 6.191   -2.841  -2.643  1.00 20.00 ? 206 ALA Y CB    1 
ATOM 690  N N     . LYS C 3 34 ? 3.263   -3.882  -2.270  1.00 20.00 ? 207 LYS Y N     1 
ATOM 691  C CA    . LYS C 3 34 ? 2.316   -4.843  -1.701  1.00 20.00 ? 207 LYS Y CA    1 
ATOM 692  C C     . LYS C 3 34 ? 1.371   -5.358  -2.780  1.00 20.00 ? 207 LYS Y C     1 
ATOM 693  O O     . LYS C 3 34 ? 0.961   -6.519  -2.762  1.00 20.00 ? 207 LYS Y O     1 
ATOM 694  C CB    . LYS C 3 34 ? 1.476   -4.189  -0.596  1.00 47.26 ? 207 LYS Y CB    1 
ATOM 695  C CG    . LYS C 3 34 ? 2.244   -3.779  0.646   1.00 56.60 ? 207 LYS Y CG    1 
ATOM 696  C CD    . LYS C 3 34 ? 2.767   -4.980  1.415   1.00 69.44 ? 207 LYS Y CD    1 
ATOM 697  C CE    . LYS C 3 34 ? 3.324   -4.554  2.772   1.00 76.94 ? 207 LYS Y CE    1 
ATOM 698  N NZ    . LYS C 3 34 ? 3.755   -5.710  3.603   1.00 80.18 ? 207 LYS Y NZ    1 
ATOM 699  N N     . SER C 3 35 ? 1.024   -4.483  -3.715  1.00 53.21 ? 208 SER Y N     1 
ATOM 700  C CA    . SER C 3 35 ? 0.123   -4.859  -4.793  1.00 54.24 ? 208 SER Y CA    1 
ATOM 701  C C     . SER C 3 35 ? 0.800   -5.850  -5.738  1.00 59.79 ? 208 SER Y C     1 
ATOM 702  O O     . SER C 3 35 ? 0.180   -6.810  -6.177  1.00 66.61 ? 208 SER Y O     1 
ATOM 703  C CB    . SER C 3 35 ? -0.318  -3.616  -5.563  1.00 38.16 ? 208 SER Y CB    1 
ATOM 704  O OG    . SER C 3 35 ? -1.351  -3.932  -6.476  1.00 62.10 ? 208 SER Y OG    1 
ATOM 705  N N     . SER C 3 36 ? 2.072   -5.617  -6.052  1.00 42.94 ? 209 SER Y N     1 
ATOM 706  C CA    . SER C 3 36 ? 2.788   -6.522  -6.938  1.00 53.73 ? 209 SER Y CA    1 
ATOM 707  C C     . SER C 3 36 ? 2.985   -7.859  -6.220  1.00 51.12 ? 209 SER Y C     1 
ATOM 708  O O     . SER C 3 36 ? 2.833   -8.918  -6.822  1.00 52.83 ? 209 SER Y O     1 
ATOM 709  C CB    . SER C 3 36 ? 4.137   -5.925  -7.342  1.00 38.42 ? 209 SER Y CB    1 
ATOM 710  O OG    . SER C 3 36 ? 4.935   -5.682  -6.204  1.00 64.98 ? 209 SER Y OG    1 
ATOM 711  N N     . GLU C 3 37 ? 3.315   -7.811  -4.933  1.00 20.00 ? 210 GLU Y N     1 
ATOM 712  C CA    . GLU C 3 37 ? 3.486   -9.040  -4.159  1.00 20.00 ? 210 GLU Y CA    1 
ATOM 713  C C     . GLU C 3 37 ? 2.172   -9.826  -4.161  1.00 20.00 ? 210 GLU Y C     1 
ATOM 714  O O     . GLU C 3 37 ? 2.177   -11.043 -4.286  1.00 20.00 ? 210 GLU Y O     1 
ATOM 715  C CB    . GLU C 3 37 ? 3.880   -8.736  -2.713  1.00 35.40 ? 210 GLU Y CB    1 
ATOM 716  C CG    . GLU C 3 37 ? 3.861   -9.967  -1.804  1.00 51.71 ? 210 GLU Y CG    1 
ATOM 717  C CD    . GLU C 3 37 ? 4.141   -9.640  -0.343  1.00 69.14 ? 210 GLU Y CD    1 
ATOM 718  O OE1   . GLU C 3 37 ? 5.234   -9.109  -0.050  1.00 76.89 ? 210 GLU Y OE1   1 
ATOM 719  O OE2   . GLU C 3 37 ? 3.270   -9.915  0.513   1.00 67.29 ? 210 GLU Y OE2   1 
ATOM 720  N N     . ASN C 3 38 ? 1.056   -9.117  -4.010  1.00 20.00 ? 211 ASN Y N     1 
ATOM 721  C CA    . ASN C 3 38 ? -0.266  -9.743  -4.009  1.00 20.00 ? 211 ASN Y CA    1 
ATOM 722  C C     . ASN C 3 38 ? -0.445  -10.515 -5.316  1.00 21.73 ? 211 ASN Y C     1 
ATOM 723  O O     . ASN C 3 38 ? -0.964  -11.627 -5.319  1.00 25.38 ? 211 ASN Y O     1 
ATOM 724  C CB    . ASN C 3 38 ? -1.360  -8.668  -3.864  1.00 20.00 ? 211 ASN Y CB    1 
ATOM 725  C CG    . ASN C 3 38 ? -2.780  -9.239  -3.918  1.00 29.85 ? 211 ASN Y CG    1 
ATOM 726  O OD1   . ASN C 3 38 ? -3.291  -9.576  -4.986  1.00 40.49 ? 211 ASN Y OD1   1 
ATOM 727  N ND2   . ASN C 3 38 ? -3.420  -9.346  -2.755  1.00 31.02 ? 211 ASN Y ND2   1 
ATOM 728  N N     . ASP C 3 39 ? 0.005   -9.924  -6.420  1.00 40.42 ? 212 ASP Y N     1 
ATOM 729  C CA    . ASP C 3 39 ? -0.104  -10.570 -7.723  1.00 50.52 ? 212 ASP Y CA    1 
ATOM 730  C C     . ASP C 3 39 ? 0.812   -11.785 -7.824  1.00 50.13 ? 212 ASP Y C     1 
ATOM 731  O O     . ASP C 3 39 ? 0.480   -12.769 -8.495  1.00 48.89 ? 212 ASP Y O     1 
ATOM 732  C CB    . ASP C 3 39 ? 0.233   -9.575  -8.837  1.00 86.46 ? 212 ASP Y CB    1 
ATOM 733  C CG    . ASP C 3 39 ? -0.793  -8.463  -8.953  1.00 92.34 ? 212 ASP Y CG    1 
ATOM 734  O OD1   . ASP C 3 39 ? -0.513  -7.467  -9.655  1.00 92.34 ? 212 ASP Y OD1   1 
ATOM 735  O OD2   . ASP C 3 39 ? -1.881  -8.585  -8.347  1.00 92.34 ? 212 ASP Y OD2   1 
ATOM 736  N N     . ARG C 3 40 ? 1.966   -11.725 -7.166  1.00 20.00 ? 213 ARG Y N     1 
ATOM 737  C CA    . ARG C 3 40 ? 2.892   -12.845 -7.208  1.00 20.00 ? 213 ARG Y CA    1 
ATOM 738  C C     . ARG C 3 40 ? 2.367   -14.035 -6.415  1.00 20.00 ? 213 ARG Y C     1 
ATOM 739  O O     . ARG C 3 40 ? 2.445   -15.176 -6.864  1.00 20.00 ? 213 ARG Y O     1 
ATOM 740  C CB    . ARG C 3 40 ? 4.265   -12.438 -6.668  1.00 20.00 ? 213 ARG Y CB    1 
ATOM 741  C CG    . ARG C 3 40 ? 4.999   -11.425 -7.528  1.00 23.37 ? 213 ARG Y CG    1 
ATOM 742  C CD    . ARG C 3 40 ? 6.475   -11.395 -7.167  1.00 32.62 ? 213 ARG Y CD    1 
ATOM 743  N NE    . ARG C 3 40 ? 7.079   -12.715 -7.336  1.00 41.70 ? 213 ARG Y NE    1 
ATOM 744  C CZ    . ARG C 3 40 ? 8.365   -12.987 -7.140  1.00 41.52 ? 213 ARG Y CZ    1 
ATOM 745  N NH1   . ARG C 3 40 ? 9.205   -12.029 -6.767  1.00 46.06 ? 213 ARG Y NH1   1 
ATOM 746  N NH2   . ARG C 3 40 ? 8.814   -14.221 -7.319  1.00 47.43 ? 213 ARG Y NH2   1 
ATOM 747  N N     . LEU C 3 41 ? 1.825   -13.768 -5.236  1.00 20.00 ? 214 LEU Y N     1 
ATOM 748  C CA    . LEU C 3 41 ? 1.297   -14.833 -4.401  1.00 20.00 ? 214 LEU Y CA    1 
ATOM 749  C C     . LEU C 3 41 ? 0.072   -15.494 -5.043  1.00 20.00 ? 214 LEU Y C     1 
ATOM 750  O O     . LEU C 3 41 ? -0.126  -16.700 -4.904  1.00 20.00 ? 214 LEU Y O     1 
ATOM 751  C CB    . LEU C 3 41 ? 0.952   -14.289 -3.011  1.00 23.18 ? 214 LEU Y CB    1 
ATOM 752  C CG    . LEU C 3 41 ? 2.134   -13.953 -2.092  1.00 39.00 ? 214 LEU Y CG    1 
ATOM 753  C CD1   . LEU C 3 41 ? 1.764   -12.805 -1.157  1.00 33.16 ? 214 LEU Y CD1   1 
ATOM 754  C CD2   . LEU C 3 41 ? 2.535   -15.194 -1.295  1.00 21.34 ? 214 LEU Y CD2   1 
ATOM 755  N N     . ARG C 3 42 ? -0.749  -14.710 -5.737  1.00 28.65 ? 215 ARG Y N     1 
ATOM 756  C CA    . ARG C 3 42 ? -1.936  -15.259 -6.393  1.00 31.05 ? 215 ARG Y CA    1 
ATOM 757  C C     . ARG C 3 42 ? -1.529  -16.185 -7.543  1.00 33.61 ? 215 ARG Y C     1 
ATOM 758  O O     . ARG C 3 42 ? -2.209  -17.172 -7.828  1.00 29.88 ? 215 ARG Y O     1 
ATOM 759  C CB    . ARG C 3 42 ? -2.836  -14.140 -6.936  1.00 20.00 ? 215 ARG Y CB    1 
ATOM 760  C CG    . ARG C 3 42 ? -3.647  -13.387 -5.871  1.00 20.00 ? 215 ARG Y CG    1 
ATOM 761  C CD    . ARG C 3 42 ? -4.442  -12.237 -6.490  1.00 20.00 ? 215 ARG Y CD    1 
ATOM 762  N NE    . ARG C 3 42 ? -5.196  -11.466 -5.503  1.00 20.00 ? 215 ARG Y NE    1 
ATOM 763  C CZ    . ARG C 3 42 ? -6.313  -11.880 -4.918  1.00 20.00 ? 215 ARG Y CZ    1 
ATOM 764  N NH1   . ARG C 3 42 ? -6.824  -13.066 -5.219  1.00 20.00 ? 215 ARG Y NH1   1 
ATOM 765  N NH2   . ARG C 3 42 ? -6.926  -11.107 -4.036  1.00 20.00 ? 215 ARG Y NH2   1 
ATOM 766  N N     . LEU C 3 43 ? -0.420  -15.862 -8.200  1.00 20.00 ? 216 LEU Y N     1 
ATOM 767  C CA    . LEU C 3 43 ? 0.065   -16.665 -9.314  1.00 20.00 ? 216 LEU Y CA    1 
ATOM 768  C C     . LEU C 3 43 ? 0.753   -17.935 -8.818  1.00 20.00 ? 216 LEU Y C     1 
ATOM 769  O O     . LEU C 3 43 ? 0.598   -19.003 -9.411  1.00 20.00 ? 216 LEU Y O     1 
ATOM 770  C CB    . LEU C 3 43 ? 1.035   -15.853 -10.174 1.00 45.74 ? 216 LEU Y CB    1 
ATOM 771  C CG    . LEU C 3 43 ? 1.430   -16.492 -11.506 1.00 66.10 ? 216 LEU Y CG    1 
ATOM 772  C CD1   . LEU C 3 43 ? 0.186   -16.722 -12.355 1.00 70.45 ? 216 LEU Y CD1   1 
ATOM 773  C CD2   . LEU C 3 43 ? 2.411   -15.593 -12.234 1.00 68.03 ? 216 LEU Y CD2   1 
ATOM 774  N N     . LEU C 3 44 ? 1.514   -17.815 -7.736  1.00 26.33 ? 217 LEU Y N     1 
ATOM 775  C CA    . LEU C 3 44 ? 2.206   -18.968 -7.166  1.00 31.15 ? 217 LEU Y CA    1 
ATOM 776  C C     . LEU C 3 44 ? 1.186   -19.976 -6.649  1.00 27.20 ? 217 LEU Y C     1 
ATOM 777  O O     . LEU C 3 44 ? 1.334   -21.178 -6.843  1.00 31.15 ? 217 LEU Y O     1 
ATOM 778  C CB    . LEU C 3 44 ? 3.113   -18.541 -6.010  1.00 20.00 ? 217 LEU Y CB    1 
ATOM 779  C CG    . LEU C 3 44 ? 3.787   -19.685 -5.245  1.00 26.69 ? 217 LEU Y CG    1 
ATOM 780  C CD1   . LEU C 3 44 ? 4.577   -20.555 -6.206  1.00 20.00 ? 217 LEU Y CD1   1 
ATOM 781  C CD2   . LEU C 3 44 ? 4.700   -19.115 -4.169  1.00 34.21 ? 217 LEU Y CD2   1 
ATOM 782  N N     . LEU C 3 45 ? 0.144   -19.478 -5.997  1.00 29.58 ? 218 LEU Y N     1 
ATOM 783  C CA    . LEU C 3 45 ? -0.895  -20.343 -5.456  1.00 33.91 ? 218 LEU Y CA    1 
ATOM 784  C C     . LEU C 3 45 ? -1.605  -21.065 -6.590  1.00 35.94 ? 218 LEU Y C     1 
ATOM 785  O O     . LEU C 3 45 ? -2.030  -22.212 -6.446  1.00 32.36 ? 218 LEU Y O     1 
ATOM 786  C CB    . LEU C 3 45 ? -1.899  -19.518 -4.657  1.00 24.03 ? 218 LEU Y CB    1 
ATOM 787  C CG    . LEU C 3 45 ? -3.029  -20.263 -3.949  1.00 35.89 ? 218 LEU Y CG    1 
ATOM 788  C CD1   . LEU C 3 45 ? -2.461  -21.362 -3.052  1.00 30.16 ? 218 LEU Y CD1   1 
ATOM 789  C CD2   . LEU C 3 45 ? -3.843  -19.268 -3.133  1.00 31.18 ? 218 LEU Y CD2   1 
ATOM 790  N N     . LYS C 3 46 ? -1.729  -20.383 -7.721  1.00 38.22 ? 219 LYS Y N     1 
ATOM 791  C CA    . LYS C 3 46 ? -2.383  -20.950 -8.884  1.00 34.86 ? 219 LYS Y CA    1 
ATOM 792  C C     . LYS C 3 46 ? -1.484  -22.030 -9.494  1.00 30.64 ? 219 LYS Y C     1 
ATOM 793  O O     . LYS C 3 46 ? -1.969  -23.074 -9.915  1.00 32.23 ? 219 LYS Y O     1 
ATOM 794  C CB    . LYS C 3 46 ? -2.668  -19.852 -9.912  1.00 71.38 ? 219 LYS Y CB    1 
ATOM 795  C CG    . LYS C 3 46 ? -3.687  -20.245 -10.968 1.00 84.03 ? 219 LYS Y CG    1 
ATOM 796  C CD    . LYS C 3 46 ? -5.055  -20.493 -10.343 1.00 81.24 ? 219 LYS Y CD    1 
ATOM 797  C CE    . LYS C 3 46 ? -6.087  -20.863 -11.397 1.00 76.24 ? 219 LYS Y CE    1 
ATOM 798  N NZ    . LYS C 3 46 ? -7.437  -21.139 -10.819 1.00 79.03 ? 219 LYS Y NZ    1 
ATOM 799  N N     . GLN C 3 47 ? -0.178  -21.783 -9.526  1.00 61.73 ? 220 GLN Y N     1 
ATOM 800  C CA    . GLN C 3 47 ? 0.763   -22.758 -10.077 1.00 69.49 ? 220 GLN Y CA    1 
ATOM 801  C C     . GLN C 3 47 ? 0.735   -24.045 -9.261  1.00 78.86 ? 220 GLN Y C     1 
ATOM 802  O O     . GLN C 3 47 ? 0.696   -25.135 -9.823  1.00 73.52 ? 220 GLN Y O     1 
ATOM 803  C CB    . GLN C 3 47 ? 2.196   -22.212 -10.082 1.00 92.32 ? 220 GLN Y CB    1 
ATOM 804  C CG    . GLN C 3 47 ? 2.421   -21.007 -10.969 1.00 92.32 ? 220 GLN Y CG    1 
ATOM 805  C CD    . GLN C 3 47 ? 3.894   -20.694 -11.163 1.00 92.32 ? 220 GLN Y CD    1 
ATOM 806  O OE1   . GLN C 3 47 ? 4.689   -20.773 -10.225 1.00 92.32 ? 220 GLN Y OE1   1 
ATOM 807  N NE2   . GLN C 3 47 ? 4.264   -20.327 -12.384 1.00 92.32 ? 220 GLN Y NE2   1 
ATOM 808  N N     . MET C 3 48 ? 0.753   -23.907 -7.936  1.00 63.41 ? 221 MET Y N     1 
ATOM 809  C CA    . MET C 3 48 ? 0.739   -25.057 -7.040  1.00 67.02 ? 221 MET Y CA    1 
ATOM 810  C C     . MET C 3 48 ? -0.620  -25.740 -6.972  1.00 70.31 ? 221 MET Y C     1 
ATOM 811  O O     . MET C 3 48 ? -0.696  -26.963 -6.876  1.00 75.65 ? 221 MET Y O     1 
ATOM 812  C CB    . MET C 3 48 ? 1.157   -24.635 -5.629  1.00 66.26 ? 221 MET Y CB    1 
ATOM 813  C CG    . MET C 3 48 ? 2.500   -23.935 -5.570  1.00 69.84 ? 221 MET Y CG    1 
ATOM 814  S SD    . MET C 3 48 ? 3.771   -24.861 -6.443  1.00 79.66 ? 221 MET Y SD    1 
ATOM 815  C CE    . MET C 3 48 ? 4.191   -26.098 -5.220  1.00 83.14 ? 221 MET Y CE    1 
ATOM 816  N N     . CYS C 3 49 ? -1.690  -24.952 -7.015  1.00 48.35 ? 222 CYS Y N     1 
ATOM 817  C CA    . CYS C 3 49 ? -3.044  -25.494 -6.953  1.00 43.63 ? 222 CYS Y CA    1 
ATOM 818  C C     . CYS C 3 49 ? -3.838  -25.053 -8.178  1.00 49.68 ? 222 CYS Y C     1 
ATOM 819  O O     . CYS C 3 49 ? -4.771  -24.250 -8.085  1.00 44.16 ? 222 CYS Y O     1 
ATOM 820  C CB    . CYS C 3 49 ? -3.746  -25.022 -5.680  1.00 46.67 ? 222 CYS Y CB    1 
ATOM 821  S SG    . CYS C 3 49 ? -2.869  -25.447 -4.156  1.00 59.91 ? 222 CYS Y SG    1 
ATOM 822  N N     . PRO C 3 50 ? -3.469  -25.584 -9.356  1.00 70.90 ? 223 PRO Y N     1 
ATOM 823  C CA    . PRO C 3 50 ? -4.111  -25.276 -10.634 1.00 71.53 ? 223 PRO Y CA    1 
ATOM 824  C C     . PRO C 3 50 ? -5.631  -25.398 -10.605 1.00 69.25 ? 223 PRO Y C     1 
ATOM 825  O O     . PRO C 3 50 ? -6.326  -24.761 -11.392 1.00 75.13 ? 223 PRO Y O     1 
ATOM 826  C CB    . PRO C 3 50 ? -3.471  -26.286 -11.583 1.00 80.89 ? 223 PRO Y CB    1 
ATOM 827  C CG    . PRO C 3 50 ? -2.101  -26.448 -11.017 1.00 88.27 ? 223 PRO Y CG    1 
ATOM 828  C CD    . PRO C 3 50 ? -2.385  -26.566 -9.541  1.00 82.07 ? 223 PRO Y CD    1 
ATOM 829  N N     . SER C 3 51 ? -6.141  -26.207 -9.684  1.00 60.12 ? 224 SER Y N     1 
ATOM 830  C CA    . SER C 3 51 ? -7.579  -26.429 -9.576  1.00 67.16 ? 224 SER Y CA    1 
ATOM 831  C C     . SER C 3 51 ? -8.297  -25.513 -8.590  1.00 67.13 ? 224 SER Y C     1 
ATOM 832  O O     . SER C 3 51 ? -9.483  -25.701 -8.317  1.00 72.92 ? 224 SER Y O     1 
ATOM 833  C CB    . SER C 3 51 ? -7.839  -27.889 -9.195  1.00 61.35 ? 224 SER Y CB    1 
ATOM 834  O OG    . SER C 3 51 ? -7.040  -28.275 -8.088  1.00 70.40 ? 224 SER Y OG    1 
ATOM 835  N N     . LEU C 3 52 ? -7.592  -24.517 -8.067  1.00 20.00 ? 225 LEU Y N     1 
ATOM 836  C CA    . LEU C 3 52 ? -8.189  -23.600 -7.099  1.00 20.00 ? 225 LEU Y CA    1 
ATOM 837  C C     . LEU C 3 52 ? -8.522  -22.226 -7.687  1.00 20.47 ? 225 LEU Y C     1 
ATOM 838  O O     . LEU C 3 52 ? -7.685  -21.596 -8.336  1.00 20.00 ? 225 LEU Y O     1 
ATOM 839  C CB    . LEU C 3 52 ? -7.245  -23.444 -5.901  1.00 33.27 ? 225 LEU Y CB    1 
ATOM 840  C CG    . LEU C 3 52 ? -7.746  -22.647 -4.694  1.00 38.50 ? 225 LEU Y CG    1 
ATOM 841  C CD1   . LEU C 3 52 ? -8.998  -23.297 -4.129  1.00 40.53 ? 225 LEU Y CD1   1 
ATOM 842  C CD2   . LEU C 3 52 ? -6.649  -22.590 -3.640  1.00 38.92 ? 225 LEU Y CD2   1 
ATOM 843  N N     . ASP C 3 53 ? -9.751  -21.765 -7.453  1.00 20.00 ? 226 ASP Y N     1 
ATOM 844  C CA    . ASP C 3 53 ? -10.193 -20.462 -7.949  1.00 20.00 ? 226 ASP Y CA    1 
ATOM 845  C C     . ASP C 3 53 ? -9.865  -19.396 -6.906  1.00 20.00 ? 226 ASP Y C     1 
ATOM 846  O O     . ASP C 3 53 ? -10.715 -19.019 -6.099  1.00 20.00 ? 226 ASP Y O     1 
ATOM 847  C CB    . ASP C 3 53 ? -11.703 -20.465 -8.209  1.00 39.88 ? 226 ASP Y CB    1 
ATOM 848  C CG    . ASP C 3 53 ? -12.161 -19.242 -8.982  1.00 41.63 ? 226 ASP Y CG    1 
ATOM 849  O OD1   . ASP C 3 53 ? -11.548 -18.168 -8.807  1.00 30.96 ? 226 ASP Y OD1   1 
ATOM 850  O OD2   . ASP C 3 53 ? -13.136 -19.349 -9.758  1.00 46.80 ? 226 ASP Y OD2   1 
ATOM 851  N N     . VAL C 3 54 ? -8.630  -18.912 -6.933  1.00 20.00 ? 227 VAL Y N     1 
ATOM 852  C CA    . VAL C 3 54 ? -8.181  -17.913 -5.974  1.00 24.51 ? 227 VAL Y CA    1 
ATOM 853  C C     . VAL C 3 54 ? -9.030  -16.644 -5.939  1.00 25.77 ? 227 VAL Y C     1 
ATOM 854  O O     . VAL C 3 54 ? -9.446  -16.198 -4.870  1.00 28.86 ? 227 VAL Y O     1 
ATOM 855  C CB    . VAL C 3 54 ? -6.722  -17.518 -6.248  1.00 32.29 ? 227 VAL Y CB    1 
ATOM 856  C CG1   . VAL C 3 54 ? -6.226  -16.597 -5.152  1.00 24.54 ? 227 VAL Y CG1   1 
ATOM 857  C CG2   . VAL C 3 54 ? -5.858  -18.771 -6.339  1.00 33.33 ? 227 VAL Y CG2   1 
ATOM 858  N N     . ASP C 3 55 ? -9.289  -16.064 -7.105  1.00 35.79 ? 228 ASP Y N     1 
ATOM 859  C CA    . ASP C 3 55 ? -10.069 -14.834 -7.185  1.00 37.26 ? 228 ASP Y CA    1 
ATOM 860  C C     . ASP C 3 55 ? -11.437 -14.934 -6.526  1.00 41.29 ? 228 ASP Y C     1 
ATOM 861  O O     . ASP C 3 55 ? -12.009 -13.926 -6.119  1.00 35.61 ? 228 ASP Y O     1 
ATOM 862  C CB    . ASP C 3 55 ? -10.238 -14.405 -8.644  1.00 54.34 ? 228 ASP Y CB    1 
ATOM 863  C CG    . ASP C 3 55 ? -8.912  -14.155 -9.329  1.00 53.35 ? 228 ASP Y CG    1 
ATOM 864  O OD1   . ASP C 3 55 ? -8.257  -15.131 -9.749  1.00 61.77 ? 228 ASP Y OD1   1 
ATOM 865  O OD2   . ASP C 3 55 ? -8.517  -12.977 -9.439  1.00 62.62 ? 228 ASP Y OD2   1 
ATOM 866  N N     . SER C 3 56 ? -11.962 -16.152 -6.424  1.00 34.76 ? 229 SER Y N     1 
ATOM 867  C CA    . SER C 3 56 ? -13.268 -16.362 -5.814  1.00 40.05 ? 229 SER Y CA    1 
ATOM 868  C C     . SER C 3 56 ? -13.161 -16.465 -4.300  1.00 41.78 ? 229 SER Y C     1 
ATOM 869  O O     . SER C 3 56 ? -14.064 -16.052 -3.576  1.00 45.78 ? 229 SER Y O     1 
ATOM 870  C CB    . SER C 3 56 ? -13.912 -17.634 -6.369  1.00 76.38 ? 229 SER Y CB    1 
ATOM 871  O OG    . SER C 3 56 ? -14.087 -17.533 -7.771  1.00 90.34 ? 229 SER Y OG    1 
ATOM 872  N N     . ILE C 3 57 ? -12.052 -17.020 -3.825  1.00 33.83 ? 230 ILE Y N     1 
ATOM 873  C CA    . ILE C 3 57 ? -11.826 -17.173 -2.395  1.00 33.48 ? 230 ILE Y CA    1 
ATOM 874  C C     . ILE C 3 57 ? -11.448 -15.833 -1.780  1.00 33.00 ? 230 ILE Y C     1 
ATOM 875  O O     . ILE C 3 57 ? -12.179 -15.284 -0.950  1.00 36.06 ? 230 ILE Y O     1 
ATOM 876  C CB    . ILE C 3 57 ? -10.697 -18.179 -2.119  1.00 46.29 ? 230 ILE Y CB    1 
ATOM 877  C CG1   . ILE C 3 57 ? -11.079 -19.552 -2.671  1.00 51.67 ? 230 ILE Y CG1   1 
ATOM 878  C CG2   . ILE C 3 57 ? -10.416 -18.250 -0.626  1.00 48.73 ? 230 ILE Y CG2   1 
ATOM 879  C CD1   . ILE C 3 57 ? -9.986  -20.581 -2.535  1.00 60.40 ? 230 ILE Y CD1   1 
ATOM 880  N N     . ILE C 3 58 ? -10.293 -15.315 -2.182  1.00 20.62 ? 231 ILE Y N     1 
ATOM 881  C CA    . ILE C 3 58 ? -9.818  -14.035 -1.681  1.00 22.00 ? 231 ILE Y CA    1 
ATOM 882  C C     . ILE C 3 58 ? -9.992  -13.013 -2.792  1.00 22.85 ? 231 ILE Y C     1 
ATOM 883  O O     . ILE C 3 58 ? -9.075  -12.767 -3.578  1.00 20.09 ? 231 ILE Y O     1 
ATOM 884  C CB    . ILE C 3 58 ? -8.331  -14.105 -1.279  1.00 51.92 ? 231 ILE Y CB    1 
ATOM 885  C CG1   . ILE C 3 58 ? -8.126  -15.217 -0.248  1.00 43.88 ? 231 ILE Y CG1   1 
ATOM 886  C CG2   . ILE C 3 58 ? -7.883  -12.764 -0.701  1.00 49.14 ? 231 ILE Y CG2   1 
ATOM 887  C CD1   . ILE C 3 58 ? -6.682  -15.385 0.200   1.00 44.43 ? 231 ILE Y CD1   1 
ATOM 888  N N     . PRO C 3 59 ? -11.181 -12.396 -2.871  1.00 20.00 ? 232 PRO Y N     1 
ATOM 889  C CA    . PRO C 3 59 ? -11.454 -11.399 -3.906  1.00 20.00 ? 232 PRO Y CA    1 
ATOM 890  C C     . PRO C 3 59 ? -10.394 -10.307 -3.981  1.00 20.00 ? 232 PRO Y C     1 
ATOM 891  O O     . PRO C 3 59 ? -9.813  -9.923  -2.968  1.00 20.00 ? 232 PRO Y O     1 
ATOM 892  C CB    . PRO C 3 59 ? -12.832 -10.861 -3.517  1.00 79.46 ? 232 PRO Y CB    1 
ATOM 893  C CG    . PRO C 3 59 ? -12.858 -11.041 -2.028  1.00 77.61 ? 232 PRO Y CG    1 
ATOM 894  C CD    . PRO C 3 59 ? -12.256 -12.410 -1.863  1.00 68.82 ? 232 PRO Y CD    1 
ATOM 895  N N     . ARG C 3 60 ? -10.141 -9.824  -5.192  1.00 20.00 ? 233 ARG Y N     1 
ATOM 896  C CA    . ARG C 3 60 ? -9.163  -8.773  -5.409  1.00 24.37 ? 233 ARG Y CA    1 
ATOM 897  C C     . ARG C 3 60 ? -9.719  -7.430  -4.951  1.00 25.11 ? 233 ARG Y C     1 
ATOM 898  O O     . ARG C 3 60 ? -10.929 -7.227  -4.914  1.00 28.44 ? 233 ARG Y O     1 
ATOM 899  C CB    . ARG C 3 60 ? -8.805  -8.697  -6.891  1.00 51.75 ? 233 ARG Y CB    1 
ATOM 900  C CG    . ARG C 3 60 ? -8.003  -9.877  -7.407  1.00 48.89 ? 233 ARG Y CG    1 
ATOM 901  C CD    . ARG C 3 60 ? -8.011  -9.910  -8.925  1.00 55.92 ? 233 ARG Y CD    1 
ATOM 902  N NE    . ARG C 3 60 ? -7.005  -10.822 -9.461  1.00 60.32 ? 233 ARG Y NE    1 
ATOM 903  C CZ    . ARG C 3 60 ? -5.701  -10.575 -9.462  1.00 66.86 ? 233 ARG Y CZ    1 
ATOM 904  N NH1   . ARG C 3 60 ? -5.241  -9.438  -8.960  1.00 63.03 ? 233 ARG Y NH1   1 
ATOM 905  N NH2   . ARG C 3 60 ? -4.854  -11.463 -9.969  1.00 66.50 ? 233 ARG Y NH2   1 
ATOM 906  N N     . THR C 3 61 ? -8.823  -6.518  -4.592  1.00 33.00 ? 234 THR Y N     1 
ATOM 907  C CA    . THR C 3 61 ? -9.214  -5.185  -4.151  1.00 37.10 ? 234 THR Y CA    1 
ATOM 908  C C     . THR C 3 61 ? -8.728  -4.191  -5.193  1.00 34.85 ? 234 THR Y C     1 
ATOM 909  O O     . THR C 3 61 ? -7.705  -4.413  -5.842  1.00 32.99 ? 234 THR Y O     1 
ATOM 910  C CB    . THR C 3 61 ? -8.567  -4.839  -2.783  1.00 53.88 ? 234 THR Y CB    1 
ATOM 911  O OG1   . THR C 3 61 ? -9.205  -5.594  -1.749  1.00 59.11 ? 234 THR Y OG1   1 
ATOM 912  C CG2   . THR C 3 61 ? -8.702  -3.355  -2.471  1.00 56.10 ? 234 THR Y CG2   1 
ATOM 913  N N     . PRO C 3 62 ? -9.466  -3.090  -5.389  1.00 86.83 ? 235 PRO Y N     1 
ATOM 914  C CA    . PRO C 3 62 ? -9.015  -2.112  -6.383  1.00 88.97 ? 235 PRO Y CA    1 
ATOM 915  C C     . PRO C 3 62 ? -7.719  -1.449  -5.925  1.00 91.45 ? 235 PRO Y C     1 
ATOM 916  O O     . PRO C 3 62 ? -7.191  -1.775  -4.861  1.00 88.48 ? 235 PRO Y O     1 
ATOM 917  C CB    . PRO C 3 62 ? -10.184 -1.132  -6.450  1.00 70.23 ? 235 PRO Y CB    1 
ATOM 918  C CG    . PRO C 3 62 ? -10.748 -1.188  -5.061  1.00 69.21 ? 235 PRO Y CG    1 
ATOM 919  C CD    . PRO C 3 62 ? -10.740 -2.671  -4.780  1.00 68.22 ? 235 PRO Y CD    1 
ATOM 920  N N     . ASP C 3 63 ? -7.210  -0.529  -6.731  1.00 77.44 ? 236 ASP Y N     1 
ATOM 921  C CA    . ASP C 3 63 ? -5.981  0.175   -6.398  1.00 77.27 ? 236 ASP Y CA    1 
ATOM 922  C C     . ASP C 3 63 ? -6.100  1.650   -6.771  1.00 77.94 ? 236 ASP Y C     1 
ATOM 923  O O     . ASP C 3 63 ? -7.105  2.016   -7.421  1.00 76.82 ? 236 ASP Y O     1 
ATOM 924  C CB    . ASP C 3 63 ? -4.797  -0.451  -7.139  1.00 91.53 ? 236 ASP Y CB    1 
ATOM 925  C CG    . ASP C 3 63 ? -4.580  -1.910  -6.779  1.00 91.53 ? 236 ASP Y CG    1 
ATOM 926  O OD1   . ASP C 3 63 ? -5.475  -2.737  -7.055  1.00 91.53 ? 236 ASP Y OD1   1 
ATOM 927  O OD2   . ASP C 3 63 ? -3.513  -2.232  -6.218  1.00 91.53 ? 236 ASP Y OD2   1 
ATOM 928  O OXT   . ASP C 3 63 ? -5.183  2.421   -6.413  1.00 91.53 ? 236 ASP Y OXT   1 
ATOM 929  N N     . LYS D 3 5  ? -7.563  38.089  -6.186  1.00 56.25 ? 178 LYS Z N     1 
ATOM 930  C CA    . LYS D 3 5  ? -7.494  36.649  -6.360  1.00 53.09 ? 178 LYS Z CA    1 
ATOM 931  C C     . LYS D 3 5  ? -7.209  35.901  -5.060  1.00 45.59 ? 178 LYS Z C     1 
ATOM 932  O O     . LYS D 3 5  ? -6.835  34.730  -5.091  1.00 22.92 ? 178 LYS Z O     1 
ATOM 933  C CB    . LYS D 3 5  ? -6.422  36.292  -7.394  1.00 90.98 ? 178 LYS Z CB    1 
ATOM 934  C CG    . LYS D 3 5  ? -5.018  36.781  -7.051  1.00 90.98 ? 178 LYS Z CG    1 
ATOM 935  C CD    . LYS D 3 5  ? -3.995  36.256  -8.056  1.00 90.65 ? 178 LYS Z CD    1 
ATOM 936  C CE    . LYS D 3 5  ? -2.592  36.780  -7.772  1.00 85.12 ? 178 LYS Z CE    1 
ATOM 937  N NZ    . LYS D 3 5  ? -2.487  38.256  -7.949  1.00 79.97 ? 178 LYS Z NZ    1 
ATOM 938  N N     . ARG D 3 6  ? -7.384  36.564  -3.920  1.00 49.31 ? 179 ARG Z N     1 
ATOM 939  C CA    . ARG D 3 6  ? -7.132  35.909  -2.640  1.00 46.52 ? 179 ARG Z CA    1 
ATOM 940  C C     . ARG D 3 6  ? -8.147  34.799  -2.367  1.00 42.84 ? 179 ARG Z C     1 
ATOM 941  O O     . ARG D 3 6  ? -7.803  33.757  -1.810  1.00 36.22 ? 179 ARG Z O     1 
ATOM 942  C CB    . ARG D 3 6  ? -7.133  36.931  -1.496  1.00 68.54 ? 179 ARG Z CB    1 
ATOM 943  C CG    . ARG D 3 6  ? -5.761  37.099  -0.841  1.00 82.88 ? 179 ARG Z CG    1 
ATOM 944  C CD    . ARG D 3 6  ? -5.721  38.194  0.223   1.00 51.92 ? 179 ARG Z CD    1 
ATOM 945  N NE    . ARG D 3 6  ? -5.823  39.532  -0.355  1.00 91.29 ? 179 ARG Z NE    1 
ATOM 946  C CZ    . ARG D 3 6  ? -5.640  40.658  0.325   1.00 82.53 ? 179 ARG Z CZ    1 
ATOM 947  N NH1   . ARG D 3 6  ? -5.343  40.617  1.618   1.00 91.23 ? 179 ARG Z NH1   1 
ATOM 948  N NH2   . ARG D 3 6  ? -5.755  41.831  -0.286  1.00 91.29 ? 179 ARG Z NH2   1 
ATOM 949  N N     . TYR D 3 7  ? -9.394  35.019  -2.773  1.00 25.25 ? 180 TYR Z N     1 
ATOM 950  C CA    . TYR D 3 7  ? -10.442 34.025  -2.568  1.00 21.38 ? 180 TYR Z CA    1 
ATOM 951  C C     . TYR D 3 7  ? -10.169 32.747  -3.360  1.00 20.00 ? 180 TYR Z C     1 
ATOM 952  O O     . TYR D 3 7  ? -10.285 31.641  -2.828  1.00 20.00 ? 180 TYR Z O     1 
ATOM 953  C CB    . TYR D 3 7  ? -11.802 34.596  -2.977  1.00 89.51 ? 180 TYR Z CB    1 
ATOM 954  C CG    . TYR D 3 7  ? -12.915 33.573  -2.971  1.00 85.68 ? 180 TYR Z CG    1 
ATOM 955  C CD1   . TYR D 3 7  ? -13.378 33.023  -1.776  1.00 92.04 ? 180 TYR Z CD1   1 
ATOM 956  C CD2   . TYR D 3 7  ? -13.487 33.135  -4.163  1.00 83.86 ? 180 TYR Z CD2   1 
ATOM 957  C CE1   . TYR D 3 7  ? -14.385 32.055  -1.771  1.00 92.04 ? 180 TYR Z CE1   1 
ATOM 958  C CE2   . TYR D 3 7  ? -14.491 32.170  -4.172  1.00 92.04 ? 180 TYR Z CE2   1 
ATOM 959  C CZ    . TYR D 3 7  ? -14.935 31.634  -2.974  1.00 92.04 ? 180 TYR Z CZ    1 
ATOM 960  O OH    . TYR D 3 7  ? -15.916 30.670  -2.982  1.00 92.04 ? 180 TYR Z OH    1 
ATOM 961  N N     . LYS D 3 8  ? -9.815  32.906  -4.629  1.00 56.50 ? 181 LYS Z N     1 
ATOM 962  C CA    . LYS D 3 8  ? -9.540  31.763  -5.492  1.00 62.86 ? 181 LYS Z CA    1 
ATOM 963  C C     . LYS D 3 8  ? -8.392  30.916  -4.967  1.00 63.36 ? 181 LYS Z C     1 
ATOM 964  O O     . LYS D 3 8  ? -8.485  29.687  -4.930  1.00 56.80 ? 181 LYS Z O     1 
ATOM 965  C CB    . LYS D 3 8  ? -9.214  32.233  -6.911  1.00 73.16 ? 181 LYS Z CB    1 
ATOM 966  C CG    . LYS D 3 8  ? -10.344 32.981  -7.601  1.00 91.73 ? 181 LYS Z CG    1 
ATOM 967  C CD    . LYS D 3 8  ? -11.560 32.094  -7.819  1.00 91.36 ? 181 LYS Z CD    1 
ATOM 968  C CE    . LYS D 3 8  ? -12.668 32.852  -8.535  1.00 91.73 ? 181 LYS Z CE    1 
ATOM 969  N NZ    . LYS D 3 8  ? -13.853 31.995  -8.819  1.00 91.73 ? 181 LYS Z NZ    1 
ATOM 970  N N     . ASN D 3 9  ? -7.310  31.565  -4.557  1.00 71.18 ? 182 ASN Z N     1 
ATOM 971  C CA    . ASN D 3 9  ? -6.164  30.820  -4.063  1.00 79.51 ? 182 ASN Z CA    1 
ATOM 972  C C     . ASN D 3 9  ? -6.457  30.156  -2.724  1.00 73.62 ? 182 ASN Z C     1 
ATOM 973  O O     . ASN D 3 9  ? -5.931  29.081  -2.430  1.00 67.21 ? 182 ASN Z O     1 
ATOM 974  C CB    . ASN D 3 9  ? -4.937  31.722  -3.949  1.00 54.85 ? 182 ASN Z CB    1 
ATOM 975  C CG    . ASN D 3 9  ? -3.675  30.938  -3.665  1.00 71.99 ? 182 ASN Z CG    1 
ATOM 976  O OD1   . ASN D 3 9  ? -3.169  30.937  -2.545  1.00 59.88 ? 182 ASN Z OD1   1 
ATOM 977  N ND2   . ASN D 3 9  ? -3.170  30.243  -4.682  1.00 61.36 ? 182 ASN Z ND2   1 
ATOM 978  N N     . ARG D 3 10 ? -7.297  30.787  -1.913  1.00 20.00 ? 183 ARG Z N     1 
ATOM 979  C CA    . ARG D 3 10 ? -7.642  30.199  -0.628  1.00 20.00 ? 183 ARG Z CA    1 
ATOM 980  C C     . ARG D 3 10 ? -8.301  28.853  -0.918  1.00 20.00 ? 183 ARG Z C     1 
ATOM 981  O O     . ARG D 3 10 ? -8.005  27.851  -0.269  1.00 20.00 ? 183 ARG Z O     1 
ATOM 982  C CB    . ARG D 3 10 ? -8.607  31.105  0.136   1.00 52.12 ? 183 ARG Z CB    1 
ATOM 983  C CG    . ARG D 3 10 ? -8.852  30.669  1.571   1.00 54.99 ? 183 ARG Z CG    1 
ATOM 984  C CD    . ARG D 3 10 ? -9.815  31.614  2.275   1.00 60.88 ? 183 ARG Z CD    1 
ATOM 985  N NE    . ARG D 3 10 ? -9.450  33.009  2.055   1.00 64.60 ? 183 ARG Z NE    1 
ATOM 986  C CZ    . ARG D 3 10 ? -10.265 33.915  1.521   1.00 78.46 ? 183 ARG Z CZ    1 
ATOM 987  N NH1   . ARG D 3 10 ? -11.492 33.573  1.156   1.00 72.63 ? 183 ARG Z NH1   1 
ATOM 988  N NH2   . ARG D 3 10 ? -9.847  35.160  1.343   1.00 67.68 ? 183 ARG Z NH2   1 
ATOM 989  N N     . VAL D 3 11 ? -9.191  28.841  -1.908  1.00 69.43 ? 184 VAL Z N     1 
ATOM 990  C CA    . VAL D 3 11 ? -9.898  27.627  -2.312  1.00 64.17 ? 184 VAL Z CA    1 
ATOM 991  C C     . VAL D 3 11 ? -8.933  26.581  -2.874  1.00 65.76 ? 184 VAL Z C     1 
ATOM 992  O O     . VAL D 3 11 ? -8.966  25.415  -2.474  1.00 63.32 ? 184 VAL Z O     1 
ATOM 993  C CB    . VAL D 3 11 ? -10.973 27.940  -3.383  1.00 39.88 ? 184 VAL Z CB    1 
ATOM 994  C CG1   . VAL D 3 11 ? -11.528 26.649  -3.973  1.00 32.12 ? 184 VAL Z CG1   1 
ATOM 995  C CG2   . VAL D 3 11 ? -12.098 28.757  -2.763  1.00 39.79 ? 184 VAL Z CG2   1 
ATOM 996  N N     . ALA D 3 12 ? -8.076  27.000  -3.800  1.00 20.00 ? 185 ALA Z N     1 
ATOM 997  C CA    . ALA D 3 12 ? -7.113  26.084  -4.404  1.00 20.00 ? 185 ALA Z CA    1 
ATOM 998  C C     . ALA D 3 12 ? -6.170  25.482  -3.361  1.00 20.00 ? 185 ALA Z C     1 
ATOM 999  O O     . ALA D 3 12 ? -5.784  24.314  -3.468  1.00 20.00 ? 185 ALA Z O     1 
ATOM 1000 C CB    . ALA D 3 12 ? -6.321  26.796  -5.481  1.00 39.84 ? 185 ALA Z CB    1 
ATOM 1001 N N     . SER D 3 13 ? -5.796  26.273  -2.353  1.00 23.41 ? 186 SER Z N     1 
ATOM 1002 C CA    . SER D 3 13 ? -4.922  25.764  -1.293  1.00 23.15 ? 186 SER Z CA    1 
ATOM 1003 C C     . SER D 3 13 ? -5.618  24.601  -0.593  1.00 29.24 ? 186 SER Z C     1 
ATOM 1004 O O     . SER D 3 13 ? -5.030  23.531  -0.435  1.00 28.20 ? 186 SER Z O     1 
ATOM 1005 C CB    . SER D 3 13 ? -4.543  26.886  -0.326  1.00 20.00 ? 186 SER Z CB    1 
ATOM 1006 O OG    . SER D 3 13 ? -3.799  27.899  -0.983  1.00 20.13 ? 186 SER Z OG    1 
ATOM 1007 N N     . ARG D 3 14 ? -6.849  24.838  -0.147  1.00 21.89 ? 187 ARG Z N     1 
ATOM 1008 C CA    . ARG D 3 14 ? -7.613  23.798  0.542   1.00 20.00 ? 187 ARG Z CA    1 
ATOM 1009 C C     . ARG D 3 14 ? -7.718  22.561  -0.338  1.00 25.42 ? 187 ARG Z C     1 
ATOM 1010 O O     . ARG D 3 14 ? -7.587  21.431  0.136   1.00 20.00 ? 187 ARG Z O     1 
ATOM 1011 C CB    . ARG D 3 14 ? -9.035  24.273  0.856   1.00 55.38 ? 187 ARG Z CB    1 
ATOM 1012 C CG    . ARG D 3 14 ? -9.121  25.436  1.818   1.00 59.62 ? 187 ARG Z CG    1 
ATOM 1013 C CD    . ARG D 3 14 ? -10.554 25.938  1.910   1.00 65.14 ? 187 ARG Z CD    1 
ATOM 1014 N NE    . ARG D 3 14 ? -10.642 27.187  2.659   1.00 60.16 ? 187 ARG Z NE    1 
ATOM 1015 C CZ    . ARG D 3 14 ? -11.771 27.852  2.874   1.00 74.63 ? 187 ARG Z CZ    1 
ATOM 1016 N NH1   . ARG D 3 14 ? -12.920 27.389  2.396   1.00 67.96 ? 187 ARG Z NH1   1 
ATOM 1017 N NH2   . ARG D 3 14 ? -11.752 28.982  3.569   1.00 52.72 ? 187 ARG Z NH2   1 
ATOM 1018 N N     . LYS D 3 15 ? -7.955  22.785  -1.626  1.00 24.39 ? 188 LYS Z N     1 
ATOM 1019 C CA    . LYS D 3 15 ? -8.090  21.686  -2.572  1.00 39.89 ? 188 LYS Z CA    1 
ATOM 1020 C C     . LYS D 3 15 ? -6.779  20.907  -2.694  1.00 38.82 ? 188 LYS Z C     1 
ATOM 1021 O O     . LYS D 3 15 ? -6.773  19.678  -2.604  1.00 30.65 ? 188 LYS Z O     1 
ATOM 1022 C CB    . LYS D 3 15 ? -8.528  22.223  -3.938  1.00 42.80 ? 188 LYS Z CB    1 
ATOM 1023 C CG    . LYS D 3 15 ? -8.758  21.151  -4.998  1.00 62.49 ? 188 LYS Z CG    1 
ATOM 1024 C CD    . LYS D 3 15 ? -9.384  21.746  -6.255  1.00 53.46 ? 188 LYS Z CD    1 
ATOM 1025 C CE    . LYS D 3 15 ? -9.421  20.736  -7.395  1.00 60.57 ? 188 LYS Z CE    1 
ATOM 1026 N NZ    . LYS D 3 15 ? -9.997  21.324  -8.640  1.00 61.68 ? 188 LYS Z NZ    1 
ATOM 1027 N N     . CYS D 3 16 ? -5.672  21.620  -2.882  1.00 72.54 ? 189 CYS Z N     1 
ATOM 1028 C CA    . CYS D 3 16 ? -4.372  20.968  -3.007  1.00 59.90 ? 189 CYS Z CA    1 
ATOM 1029 C C     . CYS D 3 16 ? -4.049  20.138  -1.759  1.00 63.97 ? 189 CYS Z C     1 
ATOM 1030 O O     . CYS D 3 16 ? -3.543  19.027  -1.867  1.00 67.06 ? 189 CYS Z O     1 
ATOM 1031 C CB    . CYS D 3 16 ? -3.277  22.012  -3.252  1.00 34.65 ? 189 CYS Z CB    1 
ATOM 1032 S SG    . CYS D 3 16 ? -2.027  21.395  -3.506  1.00 56.97 ? 189 CYS Z SG    1 
ATOM 1033 N N     . ARG D 3 17 ? -4.360  20.667  -0.578  1.00 31.07 ? 190 ARG Z N     1 
ATOM 1034 C CA    . ARG D 3 17 ? -4.103  19.942  0.668   1.00 26.44 ? 190 ARG Z CA    1 
ATOM 1035 C C     . ARG D 3 17 ? -5.029  18.742  0.862   1.00 33.64 ? 190 ARG Z C     1 
ATOM 1036 O O     . ARG D 3 17 ? -4.647  17.752  1.488   1.00 30.08 ? 190 ARG Z O     1 
ATOM 1037 C CB    . ARG D 3 17 ? -4.215  20.887  1.871   1.00 20.00 ? 190 ARG Z CB    1 
ATOM 1038 C CG    . ARG D 3 17 ? -3.003  21.793  2.022   1.00 27.40 ? 190 ARG Z CG    1 
ATOM 1039 C CD    . ARG D 3 17 ? -3.219  22.950  2.994   1.00 20.00 ? 190 ARG Z CD    1 
ATOM 1040 N NE    . ARG D 3 17 ? -2.062  23.840  2.943   1.00 44.15 ? 190 ARG Z NE    1 
ATOM 1041 C CZ    . ARG D 3 17 ? -2.087  25.146  3.188   1.00 20.00 ? 190 ARG Z CZ    1 
ATOM 1042 N NH1   . ARG D 3 17 ? -3.218  25.753  3.509   1.00 20.25 ? 190 ARG Z NH1   1 
ATOM 1043 N NH2   . ARG D 3 17 ? -0.972  25.854  3.095   1.00 58.64 ? 190 ARG Z NH2   1 
ATOM 1044 N N     . ALA D 3 18 ? -6.245  18.824  0.328   1.00 49.55 ? 191 ALA Z N     1 
ATOM 1045 C CA    . ALA D 3 18 ? -7.187  17.713  0.454   1.00 55.85 ? 191 ALA Z CA    1 
ATOM 1046 C C     . ALA D 3 18 ? -6.727  16.580  -0.464  1.00 46.22 ? 191 ALA Z C     1 
ATOM 1047 O O     . ALA D 3 18 ? -6.713  15.414  -0.069  1.00 56.91 ? 191 ALA Z O     1 
ATOM 1048 C CB    . ALA D 3 18 ? -8.602  18.164  0.074   1.00 30.17 ? 191 ALA Z CB    1 
ATOM 1049 N N     . LYS D 3 19 ? -6.335  16.934  -1.682  1.00 20.00 ? 192 LYS Z N     1 
ATOM 1050 C CA    . LYS D 3 19 ? -5.861  15.934  -2.633  1.00 20.00 ? 192 LYS Z CA    1 
ATOM 1051 C C     . LYS D 3 19 ? -4.751  15.110  -1.993  1.00 20.00 ? 192 LYS Z C     1 
ATOM 1052 O O     . LYS D 3 19 ? -4.788  13.880  -2.012  1.00 20.00 ? 192 LYS Z O     1 
ATOM 1053 C CB    . LYS D 3 19 ? -5.330  16.611  -3.898  1.00 57.47 ? 192 LYS Z CB    1 
ATOM 1054 C CG    . LYS D 3 19 ? -4.559  15.663  -4.806  1.00 78.85 ? 192 LYS Z CG    1 
ATOM 1055 C CD    . LYS D 3 19 ? -3.866  16.397  -5.943  1.00 89.63 ? 192 LYS Z CD    1 
ATOM 1056 C CE    . LYS D 3 19 ? -2.905  15.474  -6.675  1.00 91.12 ? 192 LYS Z CE    1 
ATOM 1057 N NZ    . LYS D 3 19 ? -2.176  16.167  -7.770  1.00 91.12 ? 192 LYS Z NZ    1 
ATOM 1058 N N     . PHE D 3 20 ? -3.574  16.414  -1.364  0.50 20.00 ? 193 PHE Z N     1 
ATOM 1059 C CA    . PHE D 3 20 ? -2.401  15.705  -0.874  0.50 20.00 ? 193 PHE Z CA    1 
ATOM 1060 C C     . PHE D 3 20 ? -2.762  14.771  0.270   0.50 20.00 ? 193 PHE Z C     1 
ATOM 1061 O O     . PHE D 3 20 ? -2.376  13.603  0.270   0.50 20.00 ? 193 PHE Z O     1 
ATOM 1062 C CB    . PHE D 3 20 ? -1.350  16.707  -0.385  0.50 40.28 ? 193 PHE Z CB    1 
ATOM 1063 C CG    . PHE D 3 20 ? -0.142  16.064  0.227   0.50 34.20 ? 193 PHE Z CG    1 
ATOM 1064 C CD1   . PHE D 3 20 ? 0.853   15.516  -0.572  0.50 42.71 ? 193 PHE Z CD1   1 
ATOM 1065 C CD2   . PHE D 3 20 ? 0.000   16.000  1.610   0.50 40.72 ? 193 PHE Z CD2   1 
ATOM 1066 C CE1   . PHE D 3 20 ? 1.973   14.910  -0.006  0.50 33.22 ? 193 PHE Z CE1   1 
ATOM 1067 C CE2   . PHE D 3 20 ? 1.117   15.394  2.187   0.50 51.49 ? 193 PHE Z CE2   1 
ATOM 1068 C CZ    . PHE D 3 20 ? 2.103   14.849  1.377   0.50 47.48 ? 193 PHE Z CZ    1 
ATOM 1069 N N     . LYS D 3 21 ? -3.496  15.297  1.248   1.00 50.98 ? 194 LYS Z N     1 
ATOM 1070 C CA    . LYS D 3 21 ? -3.894  14.511  2.408   1.00 45.30 ? 194 LYS Z CA    1 
ATOM 1071 C C     . LYS D 3 21 ? -4.712  13.301  1.932   1.00 51.06 ? 194 LYS Z C     1 
ATOM 1072 O O     . LYS D 3 21 ? -4.550  12.194  2.441   1.00 50.82 ? 194 LYS Z O     1 
ATOM 1073 C CB    . LYS D 3 21 ? -4.742  15.349  3.372   1.00 23.06 ? 194 LYS Z CB    1 
ATOM 1074 C CG    . LYS D 3 21 ? -3.970  16.385  4.188   1.00 21.94 ? 194 LYS Z CG    1 
ATOM 1075 C CD    . LYS D 3 21 ? -2.933  15.713  5.064   1.00 36.47 ? 194 LYS Z CD    1 
ATOM 1076 C CE    . LYS D 3 21 ? -2.244  16.718  5.982   1.00 38.23 ? 194 LYS Z CE    1 
ATOM 1077 N NZ    . LYS D 3 21 ? -1.240  16.045  6.855   1.00 47.38 ? 194 LYS Z NZ    1 
ATOM 1078 N N     . GLN D 3 22 ? -5.583  13.522  0.952   1.00 20.00 ? 195 GLN Z N     1 
ATOM 1079 C CA    . GLN D 3 22 ? -6.413  12.445  0.413   1.00 20.00 ? 195 GLN Z CA    1 
ATOM 1080 C C     . GLN D 3 22 ? -5.547  11.391  -0.274  1.00 20.00 ? 195 GLN Z C     1 
ATOM 1081 O O     . GLN D 3 22 ? -5.720  10.198  -0.042  1.00 20.00 ? 195 GLN Z O     1 
ATOM 1082 C CB    . GLN D 3 22 ? -7.442  13.004  -0.577  1.00 31.52 ? 195 GLN Z CB    1 
ATOM 1083 C CG    . GLN D 3 22 ? -8.502  13.890  0.070   1.00 38.50 ? 195 GLN Z CG    1 
ATOM 1084 C CD    . GLN D 3 22 ? -9.669  14.175  -0.855  1.00 59.62 ? 195 GLN Z CD    1 
ATOM 1085 O OE1   . GLN D 3 22 ? -10.397 13.262  -1.252  1.00 57.49 ? 195 GLN Z OE1   1 
ATOM 1086 N NE2   . GLN D 3 22 ? -9.858  15.449  -1.204  1.00 52.26 ? 195 GLN Z NE2   1 
ATOM 1087 N N     . LEU D 3 23 ? -4.616  11.838  -1.113  1.00 25.79 ? 196 LEU Z N     1 
ATOM 1088 C CA    . LEU D 3 23 ? -3.718  10.922  -1.810  1.00 27.58 ? 196 LEU Z CA    1 
ATOM 1089 C C     . LEU D 3 23 ? -3.009  10.031  -0.808  1.00 20.39 ? 196 LEU Z C     1 
ATOM 1090 O O     . LEU D 3 23 ? -2.981  8.815   -0.958  1.00 20.92 ? 196 LEU Z O     1 
ATOM 1091 C CB    . LEU D 3 23 ? -2.667  11.690  -2.616  1.00 48.91 ? 196 LEU Z CB    1 
ATOM 1092 C CG    . LEU D 3 23 ? -3.005  12.014  -4.073  1.00 53.02 ? 196 LEU Z CG    1 
ATOM 1093 C CD1   . LEU D 3 23 ? -1.850  12.795  -4.702  1.00 46.41 ? 196 LEU Z CD1   1 
ATOM 1094 C CD2   . LEU D 3 23 ? -3.253  10.717  -4.836  1.00 43.90 ? 196 LEU Z CD2   1 
ATOM 1095 N N     . LEU D 3 24 ? -2.457  10.655  0.226   1.00 20.00 ? 197 LEU Z N     1 
ATOM 1096 C CA    . LEU D 3 24 ? -1.736  9.936   1.264   1.00 20.00 ? 197 LEU Z CA    1 
ATOM 1097 C C     . LEU D 3 24 ? -2.609  8.915   1.963   1.00 20.00 ? 197 LEU Z C     1 
ATOM 1098 O O     . LEU D 3 24 ? -2.190  7.783   2.186   1.00 20.00 ? 197 LEU Z O     1 
ATOM 1099 C CB    . LEU D 3 24 ? -1.166  10.916  2.293   1.00 64.80 ? 197 LEU Z CB    1 
ATOM 1100 C CG    . LEU D 3 24 ? -0.619  10.247  3.557   1.00 69.27 ? 197 LEU Z CG    1 
ATOM 1101 C CD1   . LEU D 3 24 ? 0.503   9.288   3.195   1.00 74.19 ? 197 LEU Z CD1   1 
ATOM 1102 C CD2   . LEU D 3 24 ? -0.128  11.315  4.525   1.00 80.93 ? 197 LEU Z CD2   1 
ATOM 1103 N N     . GLN D 3 25 ? -3.821  9.321   2.323   1.00 20.00 ? 198 GLN Z N     1 
ATOM 1104 C CA    . GLN D 3 25 ? -4.751  8.424   2.988   1.00 20.00 ? 198 GLN Z CA    1 
ATOM 1105 C C     . GLN D 3 25 ? -5.089  7.288   2.024   1.00 20.00 ? 198 GLN Z C     1 
ATOM 1106 O O     . GLN D 3 25 ? -5.127  6.127   2.411   1.00 20.00 ? 198 GLN Z O     1 
ATOM 1107 C CB    . GLN D 3 25 ? -6.023  9.181   3.384   1.00 63.67 ? 198 GLN Z CB    1 
ATOM 1108 C CG    . GLN D 3 25 ? -7.032  8.373   4.199   1.00 54.73 ? 198 GLN Z CG    1 
ATOM 1109 C CD    . GLN D 3 25 ? -8.259  9.196   4.568   1.00 67.83 ? 198 GLN Z CD    1 
ATOM 1110 O OE1   . GLN D 3 25 ? -8.899  9.788   3.702   1.00 78.87 ? 198 GLN Z OE1   1 
ATOM 1111 N NE2   . GLN D 3 25 ? -8.587  9.239   5.856   1.00 53.22 ? 198 GLN Z NE2   1 
ATOM 1112 N N     . HIS D 3 26 ? -5.315  7.630   0.762   1.00 32.54 ? 199 HIS Z N     1 
ATOM 1113 C CA    . HIS D 3 26 ? -5.638  6.628   -0.262  1.00 32.91 ? 199 HIS Z CA    1 
ATOM 1114 C C     . HIS D 3 26 ? -4.570  5.531   -0.385  1.00 46.27 ? 199 HIS Z C     1 
ATOM 1115 O O     . HIS D 3 26 ? -4.881  4.335   -0.301  1.00 44.30 ? 199 HIS Z O     1 
ATOM 1116 C CB    . HIS D 3 26 ? -5.823  7.321   -1.612  1.00 46.21 ? 199 HIS Z CB    1 
ATOM 1117 C CG    . HIS D 3 26 ? -6.020  6.378   -2.758  1.00 71.03 ? 199 HIS Z CG    1 
ATOM 1118 N ND1   . HIS D 3 26 ? -7.138  5.583   -2.884  1.00 74.77 ? 199 HIS Z ND1   1 
ATOM 1119 C CD2   . HIS D 3 26 ? -5.244  6.112   -3.836  1.00 70.08 ? 199 HIS Z CD2   1 
ATOM 1120 C CE1   . HIS D 3 26 ? -7.045  4.868   -3.989  1.00 72.38 ? 199 HIS Z CE1   1 
ATOM 1121 N NE2   . HIS D 3 26 ? -5.905  5.169   -4.587  1.00 76.33 ? 199 HIS Z NE2   1 
ATOM 1122 N N     . TYR D 3 27 ? -3.313  5.925   -0.591  1.00 28.99 ? 200 TYR Z N     1 
ATOM 1123 C CA    . TYR D 3 27 ? -2.240  4.945   -0.725  1.00 22.82 ? 200 TYR Z CA    1 
ATOM 1124 C C     . TYR D 3 27 ? -2.134  4.103   0.531   1.00 23.77 ? 200 TYR Z C     1 
ATOM 1125 O O     . TYR D 3 27 ? -1.923  2.891   0.468   1.00 28.39 ? 200 TYR Z O     1 
ATOM 1126 C CB    . TYR D 3 27 ? -0.900  5.640   -0.990  1.00 32.81 ? 200 TYR Z CB    1 
ATOM 1127 C CG    . TYR D 3 27 ? -0.802  6.265   -2.361  1.00 30.27 ? 200 TYR Z CG    1 
ATOM 1128 C CD1   . TYR D 3 27 ? -0.203  7.510   -2.535  1.00 38.14 ? 200 TYR Z CD1   1 
ATOM 1129 C CD2   . TYR D 3 27 ? -1.326  5.622   -3.483  1.00 29.46 ? 200 TYR Z CD2   1 
ATOM 1130 C CE1   . TYR D 3 27 ? -0.135  8.110   -3.789  1.00 44.21 ? 200 TYR Z CE1   1 
ATOM 1131 C CE2   . TYR D 3 27 ? -1.264  6.213   -4.745  1.00 41.87 ? 200 TYR Z CE2   1 
ATOM 1132 C CZ    . TYR D 3 27 ? -0.668  7.459   -4.888  1.00 46.30 ? 200 TYR Z CZ    1 
ATOM 1133 O OH    . TYR D 3 27 ? -0.616  8.069   -6.122  1.00 55.63 ? 200 TYR Z OH    1 
ATOM 1134 N N     . ARG D 3 28 ? -2.306  4.746   1.679   1.00 20.00 ? 201 ARG Z N     1 
ATOM 1135 C CA    . ARG D 3 28 ? -2.218  4.052   2.954   1.00 20.00 ? 201 ARG Z CA    1 
ATOM 1136 C C     . ARG D 3 28 ? -3.268  2.945   3.021   1.00 20.00 ? 201 ARG Z C     1 
ATOM 1137 O O     . ARG D 3 28 ? -2.987  1.821   3.463   1.00 20.00 ? 201 ARG Z O     1 
ATOM 1138 C CB    . ARG D 3 28 ? -2.420  5.049   4.093   1.00 51.16 ? 201 ARG Z CB    1 
ATOM 1139 C CG    . ARG D 3 28 ? -1.466  4.879   5.259   1.00 68.60 ? 201 ARG Z CG    1 
ATOM 1140 C CD    . ARG D 3 28 ? -1.639  6.006   6.276   1.00 71.53 ? 201 ARG Z CD    1 
ATOM 1141 N NE    . ARG D 3 28 ? -0.672  5.911   7.366   1.00 88.33 ? 201 ARG Z NE    1 
ATOM 1142 C CZ    . ARG D 3 28 ? -0.632  6.730   8.410   1.00 91.44 ? 201 ARG Z CZ    1 
ATOM 1143 N NH1   . ARG D 3 28 ? -1.505  7.722   8.513   1.00 91.44 ? 201 ARG Z NH1   1 
ATOM 1144 N NH2   . ARG D 3 28 ? 0.280   6.555   9.357   1.00 91.44 ? 201 ARG Z NH2   1 
ATOM 1145 N N     . GLU D 3 29 ? -4.478  3.272   2.576   1.00 20.00 ? 202 GLU Z N     1 
ATOM 1146 C CA    . GLU D 3 29 ? -5.576  2.314   2.576   1.00 24.54 ? 202 GLU Z CA    1 
ATOM 1147 C C     . GLU D 3 29 ? -5.301  1.188   1.586   1.00 21.21 ? 202 GLU Z C     1 
ATOM 1148 O O     . GLU D 3 29 ? -5.492  0.014   1.903   1.00 24.01 ? 202 GLU Z O     1 
ATOM 1149 C CB    . GLU D 3 29 ? -6.898  3.040   2.268   1.00 74.70 ? 202 GLU Z CB    1 
ATOM 1150 C CG    . GLU D 3 29 ? -7.360  3.922   3.442   1.00 81.57 ? 202 GLU Z CG    1 
ATOM 1151 C CD    . GLU D 3 29 ? -8.491  4.896   3.102   1.00 87.78 ? 202 GLU Z CD    1 
ATOM 1152 O OE1   . GLU D 3 29 ? -9.040  5.509   4.043   1.00 83.00 ? 202 GLU Z OE1   1 
ATOM 1153 O OE2   . GLU D 3 29 ? -8.827  5.064   1.912   1.00 85.79 ? 202 GLU Z OE2   1 
ATOM 1154 N N     . VAL D 3 30 ? -4.836  1.533   0.391   1.00 20.00 ? 203 VAL Z N     1 
ATOM 1155 C CA    . VAL D 3 30 ? -4.517  0.507   -0.601  1.00 20.00 ? 203 VAL Z CA    1 
ATOM 1156 C C     . VAL D 3 30 ? -3.444  -0.431  -0.042  1.00 20.00 ? 203 VAL Z C     1 
ATOM 1157 O O     . VAL D 3 30 ? -3.569  -1.652  -0.123  1.00 20.00 ? 203 VAL Z O     1 
ATOM 1158 C CB    . VAL D 3 30 ? -3.988  1.131   -1.904  1.00 51.19 ? 203 VAL Z CB    1 
ATOM 1159 C CG1   . VAL D 3 30 ? -3.497  0.050   -2.842  1.00 55.88 ? 203 VAL Z CG1   1 
ATOM 1160 C CG2   . VAL D 3 30 ? -5.088  1.952   -2.558  1.00 59.35 ? 203 VAL Z CG2   1 
ATOM 1161 N N     . ALA D 3 31 ? -2.398  0.146   0.540   1.00 29.58 ? 204 ALA Z N     1 
ATOM 1162 C CA    . ALA D 3 31 ? -1.299  -0.634  1.099   1.00 33.38 ? 204 ALA Z CA    1 
ATOM 1163 C C     . ALA D 3 31 ? -1.775  -1.581  2.188   1.00 35.95 ? 204 ALA Z C     1 
ATOM 1164 O O     . ALA D 3 31 ? -1.345  -2.736  2.249   1.00 41.56 ? 204 ALA Z O     1 
ATOM 1165 C CB    . ALA D 3 31 ? -0.208  0.313   1.650   1.00 28.93 ? 204 ALA Z CB    1 
ATOM 1166 N N     . ALA D 3 32 ? -2.656  -1.088  3.051   1.00 20.00 ? 205 ALA Z N     1 
ATOM 1167 C CA    . ALA D 3 32 ? -3.196  -1.892  4.144   1.00 20.00 ? 205 ALA Z CA    1 
ATOM 1168 C C     . ALA D 3 32 ? -4.108  -2.980  3.594   1.00 20.00 ? 205 ALA Z C     1 
ATOM 1169 O O     . ALA D 3 32 ? -4.082  -4.120  4.058   1.00 20.00 ? 205 ALA Z O     1 
ATOM 1170 C CB    . ALA D 3 32 ? -3.971  -1.004  5.112   1.00 42.30 ? 205 ALA Z CB    1 
ATOM 1171 N N     . ALA D 3 33 ? -4.924  -2.622  2.609   1.00 20.00 ? 206 ALA Z N     1 
ATOM 1172 C CA    . ALA D 3 33 ? -5.837  -3.581  1.998   1.00 20.00 ? 206 ALA Z CA    1 
ATOM 1173 C C     . ALA D 3 33 ? -5.040  -4.728  1.371   1.00 20.00 ? 206 ALA Z C     1 
ATOM 1174 O O     . ALA D 3 33 ? -5.327  -5.895  1.618   1.00 20.00 ? 206 ALA Z O     1 
ATOM 1175 C CB    . ALA D 3 33 ? -6.699  -2.890  0.937   1.00 42.16 ? 206 ALA Z CB    1 
ATOM 1176 N N     . LYS D 3 34 ? -4.036  -4.389  0.567   1.00 20.00 ? 207 LYS Z N     1 
ATOM 1177 C CA    . LYS D 3 34 ? -3.211  -5.407  -0.086  1.00 20.00 ? 207 LYS Z CA    1 
ATOM 1178 C C     . LYS D 3 34 ? -2.475  -6.300  0.905   1.00 20.00 ? 207 LYS Z C     1 
ATOM 1179 O O     . LYS D 3 34 ? -2.413  -7.519  0.723   1.00 22.31 ? 207 LYS Z O     1 
ATOM 1180 C CB    . LYS D 3 34 ? -2.201  -4.748  -1.031  1.00 20.00 ? 207 LYS Z CB    1 
ATOM 1181 C CG    . LYS D 3 34 ? -2.857  -3.967  -2.148  1.00 20.00 ? 207 LYS Z CG    1 
ATOM 1182 C CD    . LYS D 3 34 ? -3.863  -4.834  -2.890  1.00 20.00 ? 207 LYS Z CD    1 
ATOM 1183 C CE    . LYS D 3 34 ? -4.570  -4.049  -3.983  1.00 40.73 ? 207 LYS Z CE    1 
ATOM 1184 N NZ    . LYS D 3 34 ? -4.340  -4.665  -5.333  1.00 40.96 ? 207 LYS Z NZ    1 
ATOM 1185 N N     . SER D 3 35 ? -1.918  -5.696  1.953   1.00 20.00 ? 208 SER Z N     1 
ATOM 1186 C CA    . SER D 3 35 ? -1.189  -6.446  2.972   1.00 20.27 ? 208 SER Z CA    1 
ATOM 1187 C C     . SER D 3 35 ? -2.033  -7.527  3.627   1.00 20.00 ? 208 SER Z C     1 
ATOM 1188 O O     . SER D 3 35 ? -1.576  -8.655  3.803   1.00 30.92 ? 208 SER Z O     1 
ATOM 1189 C CB    . SER D 3 35 ? -0.656  -5.504  4.057   1.00 39.08 ? 208 SER Z CB    1 
ATOM 1190 O OG    . SER D 3 35 ? 0.413   -4.715  3.569   1.00 44.12 ? 208 SER Z OG    1 
ATOM 1191 N N     . SER D 3 36 ? -3.259  -7.182  4.004   1.00 20.00 ? 209 SER Z N     1 
ATOM 1192 C CA    . SER D 3 36 ? -4.146  -8.145  4.643   1.00 20.00 ? 209 SER Z CA    1 
ATOM 1193 C C     . SER D 3 36 ? -4.497  -9.259  3.666   1.00 20.00 ? 209 SER Z C     1 
ATOM 1194 O O     . SER D 3 36 ? -4.600  -10.427 4.045   1.00 20.00 ? 209 SER Z O     1 
ATOM 1195 C CB    . SER D 3 36 ? -5.424  -7.451  5.121   1.00 40.01 ? 209 SER Z CB    1 
ATOM 1196 O OG    . SER D 3 36 ? -6.116  -6.859  4.039   1.00 57.60 ? 209 SER Z OG    1 
ATOM 1197 N N     . GLU D 3 37 ? -4.675  -8.893  2.404   1.00 20.00 ? 210 GLU Z N     1 
ATOM 1198 C CA    . GLU D 3 37 ? -4.999  -9.859  1.369   1.00 20.00 ? 210 GLU Z CA    1 
ATOM 1199 C C     . GLU D 3 37 ? -3.824  -10.814 1.185   1.00 20.00 ? 210 GLU Z C     1 
ATOM 1200 O O     . GLU D 3 37 ? -4.005  -12.024 1.073   1.00 20.00 ? 210 GLU Z O     1 
ATOM 1201 C CB    . GLU D 3 37 ? -5.289  -9.129  0.057   1.00 61.85 ? 210 GLU Z CB    1 
ATOM 1202 C CG    . GLU D 3 37 ? -5.921  -9.980  -1.029  1.00 71.00 ? 210 GLU Z CG    1 
ATOM 1203 C CD    . GLU D 3 37 ? -6.372  -9.144  -2.213  1.00 82.56 ? 210 GLU Z CD    1 
ATOM 1204 O OE1   . GLU D 3 37 ? -7.154  -8.191  -2.004  1.00 82.96 ? 210 GLU Z OE1   1 
ATOM 1205 O OE2   . GLU D 3 37 ? -5.948  -9.432  -3.350  1.00 85.48 ? 210 GLU Z OE2   1 
ATOM 1206 N N     . ASN D 3 38 ? -2.618  -10.256 1.168   1.00 20.00 ? 211 ASN Z N     1 
ATOM 1207 C CA    . ASN D 3 38 ? -1.409  -11.054 0.997   1.00 20.00 ? 211 ASN Z CA    1 
ATOM 1208 C C     . ASN D 3 38 ? -1.181  -12.027 2.142   1.00 20.00 ? 211 ASN Z C     1 
ATOM 1209 O O     . ASN D 3 38 ? -0.661  -13.119 1.942   1.00 20.00 ? 211 ASN Z O     1 
ATOM 1210 C CB    . ASN D 3 38 ? -0.194  -10.140 0.844   1.00 37.49 ? 211 ASN Z CB    1 
ATOM 1211 C CG    . ASN D 3 38 ? -0.033  -9.623  -0.572  1.00 50.72 ? 211 ASN Z CG    1 
ATOM 1212 O OD1   . ASN D 3 38 ? -0.982  -9.624  -1.363  1.00 42.41 ? 211 ASN Z OD1   1 
ATOM 1213 N ND2   . ASN D 3 38 ? 1.170   -9.169  -0.899  1.00 50.43 ? 211 ASN Z ND2   1 
ATOM 1214 N N     . ASP D 3 39 ? -1.566  -11.629 3.350   1.00 24.05 ? 212 ASP Z N     1 
ATOM 1215 C CA    . ASP D 3 39 ? -1.395  -12.502 4.497   1.00 24.24 ? 212 ASP Z CA    1 
ATOM 1216 C C     . ASP D 3 39 ? -2.359  -13.673 4.383   1.00 20.00 ? 212 ASP Z C     1 
ATOM 1217 O O     . ASP D 3 39 ? -2.033  -14.787 4.783   1.00 27.48 ? 212 ASP Z O     1 
ATOM 1218 C CB    . ASP D 3 39 ? -1.635  -11.730 5.789   1.00 60.95 ? 212 ASP Z CB    1 
ATOM 1219 C CG    . ASP D 3 39 ? -0.616  -10.638 6.006   1.00 71.53 ? 212 ASP Z CG    1 
ATOM 1220 O OD1   . ASP D 3 39 ? -0.740  -9.893  6.998   1.00 75.31 ? 212 ASP Z OD1   1 
ATOM 1221 O OD2   . ASP D 3 39 ? 0.317   -10.526 5.181   1.00 77.88 ? 212 ASP Z OD2   1 
ATOM 1222 N N     . ARG D 3 40 ? -3.539  -13.417 3.829   1.00 20.00 ? 213 ARG Z N     1 
ATOM 1223 C CA    . ARG D 3 40 ? -4.533  -14.472 3.653   1.00 20.00 ? 213 ARG Z CA    1 
ATOM 1224 C C     . ARG D 3 40 ? -4.072  -15.439 2.561   1.00 20.00 ? 213 ARG Z C     1 
ATOM 1225 O O     . ARG D 3 40 ? -4.325  -16.639 2.636   1.00 20.00 ? 213 ARG Z O     1 
ATOM 1226 C CB    . ARG D 3 40 ? -5.896  -13.881 3.283   1.00 32.71 ? 213 ARG Z CB    1 
ATOM 1227 C CG    . ARG D 3 40 ? -6.494  -12.970 4.348   1.00 47.15 ? 213 ARG Z CG    1 
ATOM 1228 C CD    . ARG D 3 40 ? -8.020  -12.938 4.270   1.00 50.58 ? 213 ARG Z CD    1 
ATOM 1229 N NE    . ARG D 3 40 ? -8.531  -12.332 3.046   1.00 61.07 ? 213 ARG Z NE    1 
ATOM 1230 C CZ    . ARG D 3 40 ? -8.527  -11.025 2.790   1.00 64.74 ? 213 ARG Z CZ    1 
ATOM 1231 N NH1   . ARG D 3 40 ? -8.034  -10.173 3.677   1.00 65.22 ? 213 ARG Z NH1   1 
ATOM 1232 N NH2   . ARG D 3 40 ? -9.024  -10.570 1.649   1.00 65.18 ? 213 ARG Z NH2   1 
ATOM 1233 N N     . LEU D 3 41 ? -3.392  -14.906 1.549   1.00 20.00 ? 214 LEU Z N     1 
ATOM 1234 C CA    . LEU D 3 41 ? -2.888  -15.732 0.457   1.00 20.00 ? 214 LEU Z CA    1 
ATOM 1235 C C     . LEU D 3 41 ? -1.754  -16.612 0.961   1.00 20.00 ? 214 LEU Z C     1 
ATOM 1236 O O     . LEU D 3 41 ? -1.686  -17.790 0.618   1.00 20.00 ? 214 LEU Z O     1 
ATOM 1237 C CB    . LEU D 3 41 ? -2.388  -14.856 -0.697  1.00 20.00 ? 214 LEU Z CB    1 
ATOM 1238 C CG    . LEU D 3 41 ? -3.458  -14.163 -1.538  1.00 20.00 ? 214 LEU Z CG    1 
ATOM 1239 C CD1   . LEU D 3 41 ? -2.828  -13.060 -2.371  1.00 20.00 ? 214 LEU Z CD1   1 
ATOM 1240 C CD2   . LEU D 3 41 ? -4.153  -15.189 -2.421  1.00 20.00 ? 214 LEU Z CD2   1 
ATOM 1241 N N     . ARG D 3 42 ? -0.869  -16.035 1.770   1.00 27.54 ? 215 ARG Z N     1 
ATOM 1242 C CA    . ARG D 3 42 ? 0.259   -16.778 2.328   1.00 33.04 ? 215 ARG Z CA    1 
ATOM 1243 C C     . ARG D 3 42 ? -0.200  -17.909 3.237   1.00 34.27 ? 215 ARG Z C     1 
ATOM 1244 O O     . ARG D 3 42 ? 0.441   -18.957 3.309   1.00 31.57 ? 215 ARG Z O     1 
ATOM 1245 C CB    . ARG D 3 42 ? 1.172   -15.850 3.124   1.00 20.00 ? 215 ARG Z CB    1 
ATOM 1246 C CG    . ARG D 3 42 ? 2.057   -14.982 2.268   1.00 20.00 ? 215 ARG Z CG    1 
ATOM 1247 C CD    . ARG D 3 42 ? 2.809   -13.970 3.109   1.00 20.00 ? 215 ARG Z CD    1 
ATOM 1248 N NE    . ARG D 3 42 ? 3.691   -13.157 2.284   1.00 20.00 ? 215 ARG Z NE    1 
ATOM 1249 C CZ    . ARG D 3 42 ? 4.812   -13.602 1.730   1.00 20.00 ? 215 ARG Z CZ    1 
ATOM 1250 N NH1   . ARG D 3 42 ? 5.198   -14.858 1.921   1.00 20.00 ? 215 ARG Z NH1   1 
ATOM 1251 N NH2   . ARG D 3 42 ? 5.537   -12.796 0.970   1.00 20.00 ? 215 ARG Z NH2   1 
ATOM 1252 N N     . LEU D 3 43 ? -1.303  -17.686 3.938   1.00 39.94 ? 216 LEU Z N     1 
ATOM 1253 C CA    . LEU D 3 43 ? -1.831  -18.699 4.834   1.00 45.12 ? 216 LEU Z CA    1 
ATOM 1254 C C     . LEU D 3 43 ? -2.486  -19.799 4.014   1.00 42.53 ? 216 LEU Z C     1 
ATOM 1255 O O     . LEU D 3 43 ? -2.308  -20.979 4.299   1.00 45.02 ? 216 LEU Z O     1 
ATOM 1256 C CB    . LEU D 3 43 ? -2.847  -18.088 5.806   1.00 77.82 ? 216 LEU Z CB    1 
ATOM 1257 C CG    . LEU D 3 43 ? -3.390  -19.043 6.875   1.00 85.50 ? 216 LEU Z CG    1 
ATOM 1258 C CD1   . LEU D 3 43 ? -2.239  -19.592 7.704   1.00 80.28 ? 216 LEU Z CD1   1 
ATOM 1259 C CD2   . LEU D 3 43 ? -4.387  -18.316 7.763   1.00 83.99 ? 216 LEU Z CD2   1 
ATOM 1260 N N     . LEU D 3 44 ? -3.236  -19.407 2.988   1.00 32.93 ? 217 LEU Z N     1 
ATOM 1261 C CA    . LEU D 3 44 ? -3.912  -20.372 2.128   1.00 25.19 ? 217 LEU Z CA    1 
ATOM 1262 C C     . LEU D 3 44 ? -2.903  -21.303 1.462   1.00 20.73 ? 217 LEU Z C     1 
ATOM 1263 O O     . LEU D 3 44 ? -3.130  -22.503 1.359   1.00 20.00 ? 217 LEU Z O     1 
ATOM 1264 C CB    . LEU D 3 44 ? -4.731  -19.655 1.051   1.00 54.76 ? 217 LEU Z CB    1 
ATOM 1265 C CG    . LEU D 3 44 ? -5.608  -20.561 0.180   1.00 52.70 ? 217 LEU Z CG    1 
ATOM 1266 C CD1   . LEU D 3 44 ? -6.555  -21.349 1.070   1.00 52.67 ? 217 LEU Z CD1   1 
ATOM 1267 C CD2   . LEU D 3 44 ? -6.393  -19.733 -0.826  1.00 50.06 ? 217 LEU Z CD2   1 
ATOM 1268 N N     . LEU D 3 45 ? -1.784  -20.744 1.019   1.00 20.00 ? 218 LEU Z N     1 
ATOM 1269 C CA    . LEU D 3 45 ? -0.751  -21.536 0.357   1.00 20.00 ? 218 LEU Z CA    1 
ATOM 1270 C C     . LEU D 3 45 ? -0.081  -22.481 1.350   1.00 20.00 ? 218 LEU Z C     1 
ATOM 1271 O O     . LEU D 3 45 ? 0.295   -23.600 1.005   1.00 20.00 ? 218 LEU Z O     1 
ATOM 1272 C CB    . LEU D 3 45 ? 0.280   -20.602 -0.282  1.00 47.24 ? 218 LEU Z CB    1 
ATOM 1273 C CG    . LEU D 3 45 ? 1.363   -21.168 -1.204  1.00 59.55 ? 218 LEU Z CG    1 
ATOM 1274 C CD1   . LEU D 3 45 ? 0.750   -22.033 -2.299  1.00 47.98 ? 218 LEU Z CD1   1 
ATOM 1275 C CD2   . LEU D 3 45 ? 2.129   -20.009 -1.816  1.00 55.62 ? 218 LEU Z CD2   1 
ATOM 1276 N N     . LYS D 3 46 ? 0.060   -22.027 2.589   1.00 20.00 ? 219 LYS Z N     1 
ATOM 1277 C CA    . LYS D 3 46 ? 0.675   -22.849 3.622   1.00 22.92 ? 219 LYS Z CA    1 
ATOM 1278 C C     . LYS D 3 46 ? -0.217  -24.053 3.900   1.00 21.98 ? 219 LYS Z C     1 
ATOM 1279 O O     . LYS D 3 46 ? 0.250   -25.190 3.924   1.00 25.01 ? 219 LYS Z O     1 
ATOM 1280 C CB    . LYS D 3 46 ? 0.856   -22.038 4.905   1.00 92.20 ? 219 LYS Z CB    1 
ATOM 1281 C CG    . LYS D 3 46 ? 1.693   -22.729 5.972   1.00 92.20 ? 219 LYS Z CG    1 
ATOM 1282 C CD    . LYS D 3 46 ? 3.136   -22.905 5.518   1.00 92.20 ? 219 LYS Z CD    1 
ATOM 1283 C CE    . LYS D 3 46 ? 3.983   -23.563 6.595   1.00 92.20 ? 219 LYS Z CE    1 
ATOM 1284 N NZ    . LYS D 3 46 ? 5.394   -23.751 6.157   1.00 92.20 ? 219 LYS Z NZ    1 
ATOM 1285 N N     . GLN D 3 47 ? -1.508  -23.800 4.091   1.00 85.86 ? 220 GLN Z N     1 
ATOM 1286 C CA    . GLN D 3 47 ? -2.460  -24.865 4.376   1.00 89.39 ? 220 GLN Z CA    1 
ATOM 1287 C C     . GLN D 3 47 ? -2.850  -25.687 3.151   1.00 91.18 ? 220 GLN Z C     1 
ATOM 1288 O O     . GLN D 3 47 ? -3.576  -26.674 3.267   1.00 91.18 ? 220 GLN Z O     1 
ATOM 1289 C CB    . GLN D 3 47 ? -3.710  -24.289 5.054   1.00 66.25 ? 220 GLN Z CB    1 
ATOM 1290 C CG    . GLN D 3 47 ? -4.399  -23.158 4.304   1.00 71.88 ? 220 GLN Z CG    1 
ATOM 1291 C CD    . GLN D 3 47 ? -5.425  -22.429 5.163   1.00 74.24 ? 220 GLN Z CD    1 
ATOM 1292 O OE1   . GLN D 3 47 ? -6.356  -23.037 5.693   1.00 78.99 ? 220 GLN Z OE1   1 
ATOM 1293 N NE2   . GLN D 3 47 ? -5.257  -21.120 5.301   1.00 67.46 ? 220 GLN Z NE2   1 
ATOM 1294 N N     . MET D 3 48 ? -2.369  -25.285 1.980   1.00 56.74 ? 221 MET Z N     1 
ATOM 1295 C CA    . MET D 3 48 ? -2.654  -26.019 0.748   1.00 57.24 ? 221 MET Z CA    1 
ATOM 1296 C C     . MET D 3 48 ? -1.403  -26.773 0.316   1.00 54.55 ? 221 MET Z C     1 
ATOM 1297 O O     . MET D 3 48 ? -1.481  -27.864 -0.245  1.00 49.19 ? 221 MET Z O     1 
ATOM 1298 C CB    . MET D 3 48 ? -3.097  -25.067 -0.365  1.00 51.34 ? 221 MET Z CB    1 
ATOM 1299 C CG    . MET D 3 48 ? -4.479  -24.474 -0.159  1.00 54.90 ? 221 MET Z CG    1 
ATOM 1300 S SD    . MET D 3 48 ? -5.744  -25.734 0.072   1.00 63.96 ? 221 MET Z SD    1 
ATOM 1301 C CE    . MET D 3 48 ? -6.147  -26.131 -1.625  1.00 55.42 ? 221 MET Z CE    1 
ATOM 1302 N N     . CYS D 3 49 ? -0.247  -26.177 0.585   1.00 58.70 ? 222 CYS Z N     1 
ATOM 1303 C CA    . CYS D 3 49 ? 1.036   -26.781 0.248   1.00 60.16 ? 222 CYS Z CA    1 
ATOM 1304 C C     . CYS D 3 49 ? 1.948   -26.600 1.460   1.00 61.77 ? 222 CYS Z C     1 
ATOM 1305 O O     . CYS D 3 49 ? 2.904   -25.825 1.426   1.00 59.55 ? 222 CYS Z O     1 
ATOM 1306 C CB    . CYS D 3 49 ? 1.630   -26.093 -0.985  1.00 75.28 ? 222 CYS Z CB    1 
ATOM 1307 S SG    . CYS D 3 49 ? 0.549   -26.134 -2.444  1.00 77.44 ? 222 CYS Z SG    1 
ATOM 1308 N N     . PRO D 3 50 ? 1.649   -27.323 2.553   1.00 41.22 ? 223 PRO Z N     1 
ATOM 1309 C CA    . PRO D 3 50 ? 2.381   -27.301 3.825   1.00 41.16 ? 223 PRO Z CA    1 
ATOM 1310 C C     . PRO D 3 50 ? 3.904   -27.381 3.735   1.00 38.58 ? 223 PRO Z C     1 
ATOM 1311 O O     . PRO D 3 50 ? 4.607   -26.662 4.445   1.00 38.55 ? 223 PRO Z O     1 
ATOM 1312 C CB    . PRO D 3 50 ? 1.790   -28.488 4.576   1.00 72.45 ? 223 PRO Z CB    1 
ATOM 1313 C CG    . PRO D 3 50 ? 0.381   -28.510 4.098   1.00 71.11 ? 223 PRO Z CG    1 
ATOM 1314 C CD    . PRO D 3 50 ? 0.561   -28.314 2.612   1.00 73.09 ? 223 PRO Z CD    1 
ATOM 1315 N N     . SER D 3 51 ? 4.412   -28.255 2.872   1.00 52.05 ? 224 SER Z N     1 
ATOM 1316 C CA    . SER D 3 51 ? 5.854   -28.421 2.729   1.00 62.99 ? 224 SER Z CA    1 
ATOM 1317 C C     . SER D 3 51 ? 6.470   -27.512 1.668   1.00 64.69 ? 224 SER Z C     1 
ATOM 1318 O O     . SER D 3 51 ? 7.230   -27.970 0.817   1.00 68.64 ? 224 SER Z O     1 
ATOM 1319 C CB    . SER D 3 51 ? 6.187   -29.880 2.407   1.00 90.77 ? 224 SER Z CB    1 
ATOM 1320 O OG    . SER D 3 51 ? 5.600   -30.278 1.179   1.00 90.77 ? 224 SER Z OG    1 
ATOM 1321 N N     . LEU D 3 52 ? 6.143   -26.225 1.725   1.00 78.87 ? 225 LEU Z N     1 
ATOM 1322 C CA    . LEU D 3 52 ? 6.681   -25.261 0.773   1.00 78.63 ? 225 LEU Z CA    1 
ATOM 1323 C C     . LEU D 3 52 ? 7.115   -23.984 1.479   1.00 78.37 ? 225 LEU Z C     1 
ATOM 1324 O O     . LEU D 3 52 ? 6.321   -23.358 2.183   1.00 78.22 ? 225 LEU Z O     1 
ATOM 1325 C CB    . LEU D 3 52 ? 5.640   -24.920 -0.295  1.00 67.42 ? 225 LEU Z CB    1 
ATOM 1326 C CG    . LEU D 3 52 ? 6.034   -23.786 -1.249  1.00 67.73 ? 225 LEU Z CG    1 
ATOM 1327 C CD1   . LEU D 3 52 ? 7.334   -24.137 -1.956  1.00 65.76 ? 225 LEU Z CD1   1 
ATOM 1328 C CD2   . LEU D 3 52 ? 4.922   -23.550 -2.258  1.00 64.19 ? 225 LEU Z CD2   1 
ATOM 1329 N N     . ASP D 3 53 ? 8.372   -23.598 1.288   1.00 54.75 ? 226 ASP Z N     1 
ATOM 1330 C CA    . ASP D 3 53 ? 8.883   -22.388 1.908   1.00 56.47 ? 226 ASP Z CA    1 
ATOM 1331 C C     . ASP D 3 53 ? 8.625   -21.212 0.970   1.00 55.15 ? 226 ASP Z C     1 
ATOM 1332 O O     . ASP D 3 53 ? 9.488   -20.828 0.178   1.00 55.89 ? 226 ASP Z O     1 
ATOM 1333 C CB    . ASP D 3 53 ? 10.382  -22.517 2.190   1.00 78.10 ? 226 ASP Z CB    1 
ATOM 1334 C CG    . ASP D 3 53 ? 10.886  -21.457 3.148   1.00 80.15 ? 226 ASP Z CG    1 
ATOM 1335 O OD1   . ASP D 3 53 ? 10.729  -20.256 2.845   1.00 82.95 ? 226 ASP Z OD1   1 
ATOM 1336 O OD2   . ASP D 3 53 ? 11.439  -21.823 4.208   1.00 85.50 ? 226 ASP Z OD2   1 
ATOM 1337 N N     . VAL D 3 54 ? 7.425   -20.654 1.069   1.00 48.27 ? 227 VAL Z N     1 
ATOM 1338 C CA    . VAL D 3 54 ? 7.008   -19.530 0.239   1.00 44.30 ? 227 VAL Z CA    1 
ATOM 1339 C C     . VAL D 3 54 ? 7.847   -18.282 0.487   1.00 44.73 ? 227 VAL Z C     1 
ATOM 1340 O O     . VAL D 3 54 ? 8.135   -17.525 -0.441  1.00 39.81 ? 227 VAL Z O     1 
ATOM 1341 C CB    . VAL D 3 54 ? 5.528   -19.186 0.487   1.00 72.92 ? 227 VAL Z CB    1 
ATOM 1342 C CG1   . VAL D 3 54 ? 5.089   -18.061 -0.432  1.00 74.85 ? 227 VAL Z CG1   1 
ATOM 1343 C CG2   . VAL D 3 54 ? 4.666   -20.419 0.269   1.00 73.60 ? 227 VAL Z CG2   1 
ATOM 1344 N N     . ASP D 3 55 ? 8.235   -18.070 1.740   1.00 51.96 ? 228 ASP Z N     1 
ATOM 1345 C CA    . ASP D 3 55 ? 9.034   -16.908 2.109   1.00 53.20 ? 228 ASP Z CA    1 
ATOM 1346 C C     . ASP D 3 55 ? 10.375  -16.891 1.385   1.00 54.38 ? 228 ASP Z C     1 
ATOM 1347 O O     . ASP D 3 55 ? 10.968  -15.832 1.185   1.00 61.19 ? 228 ASP Z O     1 
ATOM 1348 C CB    . ASP D 3 55 ? 9.258   -16.883 3.621   1.00 82.56 ? 228 ASP Z CB    1 
ATOM 1349 C CG    . ASP D 3 55 ? 7.961   -16.958 4.398   1.00 84.26 ? 228 ASP Z CG    1 
ATOM 1350 O OD1   . ASP D 3 55 ? 7.066   -16.128 4.142   1.00 82.02 ? 228 ASP Z OD1   1 
ATOM 1351 O OD2   . ASP D 3 55 ? 7.836   -17.850 5.269   1.00 85.81 ? 228 ASP Z OD2   1 
ATOM 1352 N N     . SER D 3 56 ? 10.855  -18.067 0.993   1.00 91.51 ? 229 SER Z N     1 
ATOM 1353 C CA    . SER D 3 56 ? 12.127  -18.176 0.284   1.00 91.51 ? 229 SER Z CA    1 
ATOM 1354 C C     . SER D 3 56 ? 11.919  -17.957 -1.209  1.00 91.51 ? 229 SER Z C     1 
ATOM 1355 O O     . SER D 3 56 ? 12.881  -17.852 -1.971  1.00 91.51 ? 229 SER Z O     1 
ATOM 1356 C CB    . SER D 3 56 ? 12.756  -19.550 0.519   1.00 91.38 ? 229 SER Z CB    1 
ATOM 1357 O OG    . SER D 3 56 ? 13.104  -19.725 1.881   1.00 91.38 ? 229 SER Z OG    1 
ATOM 1358 N N     . ILE D 3 57 ? 10.658  -17.897 -1.617  1.00 73.88 ? 230 ILE Z N     1 
ATOM 1359 C CA    . ILE D 3 57 ? 10.308  -17.686 -3.017  1.00 67.57 ? 230 ILE Z CA    1 
ATOM 1360 C C     . ILE D 3 57 ? 9.812   -16.253 -3.191  1.00 61.40 ? 230 ILE Z C     1 
ATOM 1361 O O     . ILE D 3 57 ? 10.155  -15.573 -4.157  1.00 49.05 ? 230 ILE Z O     1 
ATOM 1362 C CB    . ILE D 3 57 ? 9.189   -18.649 -3.461  1.00 65.22 ? 230 ILE Z CB    1 
ATOM 1363 C CG1   . ILE D 3 57 ? 9.621   -20.099 -3.214  1.00 64.90 ? 230 ILE Z CG1   1 
ATOM 1364 C CG2   . ILE D 3 57 ? 8.868   -18.425 -4.933  1.00 65.35 ? 230 ILE Z CG2   1 
ATOM 1365 C CD1   . ILE D 3 57 ? 8.550   -21.129 -3.540  1.00 62.50 ? 230 ILE Z CD1   1 
ATOM 1366 N N     . ILE D 3 58 ? 8.997   -15.815 -2.242  1.00 41.62 ? 231 ILE Z N     1 
ATOM 1367 C CA    . ILE D 3 58 ? 8.445   -14.468 -2.259  1.00 42.18 ? 231 ILE Z CA    1 
ATOM 1368 C C     . ILE D 3 58 ? 8.422   -13.961 -0.821  1.00 39.39 ? 231 ILE Z C     1 
ATOM 1369 O O     . ILE D 3 58 ? 7.415   -14.082 -0.127  1.00 39.72 ? 231 ILE Z O     1 
ATOM 1370 C CB    . ILE D 3 58 ? 7.005   -14.456 -2.823  1.00 37.79 ? 231 ILE Z CB    1 
ATOM 1371 C CG1   . ILE D 3 58 ? 6.969   -15.149 -4.190  1.00 39.10 ? 231 ILE Z CG1   1 
ATOM 1372 C CG2   . ILE D 3 58 ? 6.515   -13.022 -2.966  1.00 33.08 ? 231 ILE Z CG2   1 
ATOM 1373 C CD1   . ILE D 3 58 ? 5.579   -15.265 -4.780  1.00 42.28 ? 231 ILE Z CD1   1 
ATOM 1374 N N     . PRO D 3 59 ? 9.541   -13.386 -0.354  1.00 38.81 ? 232 PRO Z N     1 
ATOM 1375 C CA    . PRO D 3 59 ? 9.629   -12.866 1.012   1.00 41.11 ? 232 PRO Z CA    1 
ATOM 1376 C C     . PRO D 3 59 ? 8.590   -11.789 1.291   1.00 44.43 ? 232 PRO Z C     1 
ATOM 1377 O O     . PRO D 3 59 ? 8.123   -11.114 0.373   1.00 43.29 ? 232 PRO Z O     1 
ATOM 1378 C CB    . PRO D 3 59 ? 11.061  -12.340 1.084   1.00 73.46 ? 232 PRO Z CB    1 
ATOM 1379 C CG    . PRO D 3 59 ? 11.323  -11.909 -0.325  1.00 75.42 ? 232 PRO Z CG    1 
ATOM 1380 C CD    . PRO D 3 59 ? 10.755  -13.057 -1.121  1.00 73.57 ? 232 PRO Z CD    1 
ATOM 1381 N N     . ARG D 3 60 ? 8.228   -11.637 2.560   1.00 69.31 ? 233 ARG Z N     1 
ATOM 1382 C CA    . ARG D 3 60 ? 7.238   -10.644 2.965   1.00 72.12 ? 233 ARG Z CA    1 
ATOM 1383 C C     . ARG D 3 60 ? 7.717   -9.221  2.699   1.00 74.29 ? 233 ARG Z C     1 
ATOM 1384 O O     . ARG D 3 60 ? 8.850   -8.870  3.030   1.00 71.12 ? 233 ARG Z O     1 
ATOM 1385 C CB    . ARG D 3 60 ? 6.928   -10.797 4.458   1.00 78.10 ? 233 ARG Z CB    1 
ATOM 1386 C CG    . ARG D 3 60 ? 6.259   -12.104 4.835   1.00 83.08 ? 233 ARG Z CG    1 
ATOM 1387 C CD    . ARG D 3 60 ? 6.201   -12.273 6.349   1.00 84.41 ? 233 ARG Z CD    1 
ATOM 1388 N NE    . ARG D 3 60 ? 5.439   -13.453 6.745   1.00 86.60 ? 233 ARG Z NE    1 
ATOM 1389 C CZ    . ARG D 3 60 ? 4.113   -13.551 6.658   1.00 86.73 ? 233 ARG Z CZ    1 
ATOM 1390 N NH1   . ARG D 3 60 ? 3.398   -12.536 6.193   1.00 86.26 ? 233 ARG Z NH1   1 
ATOM 1391 N NH2   . ARG D 3 60 ? 3.506   -14.669 7.036   1.00 84.49 ? 233 ARG Z NH2   1 
ATOM 1392 N N     . THR D 3 61 ? 6.860   -8.389  2.119   1.00 39.17 ? 234 THR Z N     1 
ATOM 1393 C CA    . THR D 3 61 ? 7.209   -6.991  1.840   1.00 41.02 ? 234 THR Z CA    1 
ATOM 1394 C C     . THR D 3 61 ? 7.227   -6.195  3.158   1.00 41.67 ? 234 THR Z C     1 
ATOM 1395 O O     . THR D 3 61 ? 6.257   -6.206  3.907   1.00 39.87 ? 234 THR Z O     1 
ATOM 1396 C CB    . THR D 3 61 ? 6.177   -6.349  0.880   1.00 91.46 ? 234 THR Z CB    1 
ATOM 1397 O OG1   . THR D 3 61 ? 6.153   -7.068  -0.363  1.00 91.46 ? 234 THR Z OG1   1 
ATOM 1398 C CG2   . THR D 3 61 ? 6.526   -4.900  0.617   1.00 91.46 ? 234 THR Z CG2   1 
ATOM 1399 N N     . PRO D 3 62 ? 8.371   -5.523  3.464   1.00 50.20 ? 235 PRO Z N     1 
ATOM 1400 C CA    . PRO D 3 62 ? 8.610   -4.706  4.663   1.00 54.41 ? 235 PRO Z CA    1 
ATOM 1401 C C     . PRO D 3 62 ? 7.669   -3.511  4.718   1.00 57.49 ? 235 PRO Z C     1 
ATOM 1402 O O     . PRO D 3 62 ? 8.060   -2.375  4.428   1.00 56.36 ? 235 PRO Z O     1 
ATOM 1403 C CB    . PRO D 3 62 ? 10.093  -4.312  4.519   1.00 87.81 ? 235 PRO Z CB    1 
ATOM 1404 C CG    . PRO D 3 62 ? 10.655  -5.444  3.754   1.00 88.85 ? 235 PRO Z CG    1 
ATOM 1405 C CD    . PRO D 3 62 ? 9.603   -5.680  2.700   1.00 84.34 ? 235 PRO Z CD    1 
ATOM 1406 N N     . ASP D 3 63 ? 6.416   -3.847  5.020   1.00 90.92 ? 236 ASP Z N     1 
ATOM 1407 C CA    . ASP D 3 63 ? 5.250   -2.979  5.246   1.00 90.92 ? 236 ASP Z CA    1 
ATOM 1408 C C     . ASP D 3 63 ? 5.616   -1.514  5.095   1.00 90.92 ? 236 ASP Z C     1 
ATOM 1409 O O     . ASP D 3 63 ? 5.454   -0.884  6.166   1.00 90.92 ? 236 ASP Z O     1 
ATOM 1410 C CB    . ASP D 3 63 ? 4.803   -3.143  6.715   1.00 91.00 ? 236 ASP Z CB    1 
ATOM 1411 C CG    . ASP D 3 63 ? 4.781   -4.548  7.136   1.00 91.00 ? 236 ASP Z CG    1 
ATOM 1412 O OD1   . ASP D 3 63 ? 4.068   -5.272  6.434   1.00 91.00 ? 236 ASP Z OD1   1 
ATOM 1413 O OD2   . ASP D 3 63 ? 5.444   -4.921  8.130   1.00 91.00 ? 236 ASP Z OD2   1 
ATOM 1414 O OXT   . ASP D 3 63 ? 6.065   -1.011  4.049   1.00 91.00 ? 236 ASP Z OXT   1 
# 
loop_
_pdbx_poly_seq_scheme.asym_id 
_pdbx_poly_seq_scheme.entity_id 
_pdbx_poly_seq_scheme.seq_id 
_pdbx_poly_seq_scheme.mon_id 
_pdbx_poly_seq_scheme.ndb_seq_num 
_pdbx_poly_seq_scheme.pdb_seq_num 
_pdbx_poly_seq_scheme.auth_seq_num 
_pdbx_poly_seq_scheme.pdb_mon_id 
_pdbx_poly_seq_scheme.auth_mon_id 
_pdbx_poly_seq_scheme.pdb_strand_id 
_pdbx_poly_seq_scheme.pdb_ins_code 
_pdbx_poly_seq_scheme.hetero 
A 1 1  DC  1  4   4   DC  DC  A . n 
A 1 2  DA  2  5   5   DA  DA  A . n 
A 1 3  DC  3  6   6   DC  DC  A . n 
A 1 4  DT  4  7   7   DT  DT  A . n 
A 1 5  DG  5  8   8   DG  DG  A . n 
A 1 6  DA  6  9   9   DA  DA  A . n 
A 1 7  DC  7  10  10  DC  DC  A . n 
A 1 8  DT  8  11  11  DT  DT  A . n 
A 1 9  DC  9  12  12  DC  DC  A . n 
A 1 10 DA  10 13  13  DA  DA  A . n 
A 1 11 DT  11 14  14  DT  DT  A . n 
B 2 1  DC  1  106 106 DC  DC  B . n 
B 2 2  DA  2  107 107 DA  DA  B . n 
B 2 3  DT  3  108 108 DT  DT  B . n 
B 2 4  DG  4  109 109 DG  DG  B . n 
B 2 5  DA  5  110 110 DA  DA  B . n 
B 2 6  DG  6  111 111 DG  DG  B . n 
B 2 7  DT  7  112 112 DT  DT  B . n 
B 2 8  DC  8  113 113 DC  DC  B . n 
B 2 9  DA  9  114 114 DA  DA  B . n 
B 2 10 DG  10 115 115 DG  DG  B . n 
B 2 11 DT  11 116 116 DT  DT  B . n 
C 3 1  MET 1  174 ?   ?   ?   Y . n 
C 3 2  LEU 2  175 ?   ?   ?   Y . n 
C 3 3  GLU 3  176 ?   ?   ?   Y . n 
C 3 4  ILE 4  177 ?   ?   ?   Y . n 
C 3 5  LYS 5  178 178 LYS LYS Y . n 
C 3 6  ARG 6  179 179 ARG ARG Y . n 
C 3 7  TYR 7  180 180 TYR TYR Y . n 
C 3 8  LYS 8  181 181 LYS LYS Y . n 
C 3 9  ASN 9  182 182 ASN ASN Y . n 
C 3 10 ARG 10 183 183 ARG ARG Y . n 
C 3 11 VAL 11 184 184 VAL VAL Y . n 
C 3 12 ALA 12 185 185 ALA ALA Y . n 
C 3 13 SER 13 186 186 SER SER Y . n 
C 3 14 ARG 14 187 187 ARG ARG Y . n 
C 3 15 LYS 15 188 188 LYS LYS Y . n 
C 3 16 CYS 16 189 189 CYS CYS Y . n 
C 3 17 ARG 17 190 190 ARG ARG Y . n 
C 3 18 ALA 18 191 191 ALA ALA Y . n 
C 3 19 LYS 19 192 192 LYS LYS Y . n 
C 3 20 PHE 20 193 193 PHE PHE Y . n 
C 3 21 LYS 21 194 194 LYS LYS Y . n 
C 3 22 GLN 22 195 195 GLN GLN Y . n 
C 3 23 LEU 23 196 196 LEU LEU Y . n 
C 3 24 LEU 24 197 197 LEU LEU Y . n 
C 3 25 GLN 25 198 198 GLN GLN Y . n 
C 3 26 HIS 26 199 199 HIS HIS Y . n 
C 3 27 TYR 27 200 200 TYR TYR Y . n 
C 3 28 ARG 28 201 201 ARG ARG Y . n 
C 3 29 GLU 29 202 202 GLU GLU Y . n 
C 3 30 VAL 30 203 203 VAL VAL Y . n 
C 3 31 ALA 31 204 204 ALA ALA Y . n 
C 3 32 ALA 32 205 205 ALA ALA Y . n 
C 3 33 ALA 33 206 206 ALA ALA Y . n 
C 3 34 LYS 34 207 207 LYS LYS Y . n 
C 3 35 SER 35 208 208 SER SER Y . n 
C 3 36 SER 36 209 209 SER SER Y . n 
C 3 37 GLU 37 210 210 GLU GLU Y . n 
C 3 38 ASN 38 211 211 ASN ASN Y . n 
C 3 39 ASP 39 212 212 ASP ASP Y . n 
C 3 40 ARG 40 213 213 ARG ARG Y . n 
C 3 41 LEU 41 214 214 LEU LEU Y . n 
C 3 42 ARG 42 215 215 ARG ARG Y . n 
C 3 43 LEU 43 216 216 LEU LEU Y . n 
C 3 44 LEU 44 217 217 LEU LEU Y . n 
C 3 45 LEU 45 218 218 LEU LEU Y . n 
C 3 46 LYS 46 219 219 LYS LYS Y . n 
C 3 47 GLN 47 220 220 GLN GLN Y . n 
C 3 48 MET 48 221 221 MET MET Y . n 
C 3 49 CYS 49 222 222 CYS CYS Y . n 
C 3 50 PRO 50 223 223 PRO PRO Y . n 
C 3 51 SER 51 224 224 SER SER Y . n 
C 3 52 LEU 52 225 225 LEU LEU Y . n 
C 3 53 ASP 53 226 226 ASP ASP Y . n 
C 3 54 VAL 54 227 227 VAL VAL Y . n 
C 3 55 ASP 55 228 228 ASP ASP Y . n 
C 3 56 SER 56 229 229 SER SER Y . n 
C 3 57 ILE 57 230 230 ILE ILE Y . n 
C 3 58 ILE 58 231 231 ILE ILE Y . n 
C 3 59 PRO 59 232 232 PRO PRO Y . n 
C 3 60 ARG 60 233 233 ARG ARG Y . n 
C 3 61 THR 61 234 234 THR THR Y . n 
C 3 62 PRO 62 235 235 PRO PRO Y . n 
C 3 63 ASP 63 236 236 ASP ASP Y . n 
D 3 1  MET 1  174 ?   ?   ?   Z . n 
D 3 2  LEU 2  175 ?   ?   ?   Z . n 
D 3 3  GLU 3  176 ?   ?   ?   Z . n 
D 3 4  ILE 4  177 ?   ?   ?   Z . n 
D 3 5  LYS 5  178 178 LYS LYS Z . n 
D 3 6  ARG 6  179 179 ARG ARG Z . n 
D 3 7  TYR 7  180 180 TYR TYR Z . n 
D 3 8  LYS 8  181 181 LYS LYS Z . n 
D 3 9  ASN 9  182 182 ASN ASN Z . n 
D 3 10 ARG 10 183 183 ARG ARG Z . n 
D 3 11 VAL 11 184 184 VAL VAL Z . n 
D 3 12 ALA 12 185 185 ALA ALA Z . n 
D 3 13 SER 13 186 186 SER SER Z . n 
D 3 14 ARG 14 187 187 ARG ARG Z . n 
D 3 15 LYS 15 188 188 LYS LYS Z . n 
D 3 16 CYS 16 189 189 CYS CYS Z . n 
D 3 17 ARG 17 190 190 ARG ARG Z . n 
D 3 18 ALA 18 191 191 ALA ALA Z . n 
D 3 19 LYS 19 192 192 LYS LYS Z . n 
D 3 20 PHE 20 193 193 PHE PHE Z . n 
D 3 21 LYS 21 194 194 LYS LYS Z . n 
D 3 22 GLN 22 195 195 GLN GLN Z . n 
D 3 23 LEU 23 196 196 LEU LEU Z . n 
D 3 24 LEU 24 197 197 LEU LEU Z . n 
D 3 25 GLN 25 198 198 GLN GLN Z . n 
D 3 26 HIS 26 199 199 HIS HIS Z . n 
D 3 27 TYR 27 200 200 TYR TYR Z . n 
D 3 28 ARG 28 201 201 ARG ARG Z . n 
D 3 29 GLU 29 202 202 GLU GLU Z . n 
D 3 30 VAL 30 203 203 VAL VAL Z . n 
D 3 31 ALA 31 204 204 ALA ALA Z . n 
D 3 32 ALA 32 205 205 ALA ALA Z . n 
D 3 33 ALA 33 206 206 ALA ALA Z . n 
D 3 34 LYS 34 207 207 LYS LYS Z . n 
D 3 35 SER 35 208 208 SER SER Z . n 
D 3 36 SER 36 209 209 SER SER Z . n 
D 3 37 GLU 37 210 210 GLU GLU Z . n 
D 3 38 ASN 38 211 211 ASN ASN Z . n 
D 3 39 ASP 39 212 212 ASP ASP Z . n 
D 3 40 ARG 40 213 213 ARG ARG Z . n 
D 3 41 LEU 41 214 214 LEU LEU Z . n 
D 3 42 ARG 42 215 215 ARG ARG Z . n 
D 3 43 LEU 43 216 216 LEU LEU Z . n 
D 3 44 LEU 44 217 217 LEU LEU Z . n 
D 3 45 LEU 45 218 218 LEU LEU Z . n 
D 3 46 LYS 46 219 219 LYS LYS Z . n 
D 3 47 GLN 47 220 220 GLN GLN Z . n 
D 3 48 MET 48 221 221 MET MET Z . n 
D 3 49 CYS 49 222 222 CYS CYS Z . n 
D 3 50 PRO 50 223 223 PRO PRO Z . n 
D 3 51 SER 51 224 224 SER SER Z . n 
D 3 52 LEU 52 225 225 LEU LEU Z . n 
D 3 53 ASP 53 226 226 ASP ASP Z . n 
D 3 54 VAL 54 227 227 VAL VAL Z . n 
D 3 55 ASP 55 228 228 ASP ASP Z . n 
D 3 56 SER 56 229 229 SER SER Z . n 
D 3 57 ILE 57 230 230 ILE ILE Z . n 
D 3 58 ILE 58 231 231 ILE ILE Z . n 
D 3 59 PRO 59 232 232 PRO PRO Z . n 
D 3 60 ARG 60 233 233 ARG ARG Z . n 
D 3 61 THR 61 234 234 THR THR Z . n 
D 3 62 PRO 62 235 235 PRO PRO Z . n 
D 3 63 ASP 63 236 236 ASP ASP Z . n 
# 
_pdbx_struct_assembly.id                   1 
_pdbx_struct_assembly.details              author_and_software_defined_assembly 
_pdbx_struct_assembly.method_details       PQS 
_pdbx_struct_assembly.oligomeric_details   tetrameric 
_pdbx_struct_assembly.oligomeric_count     4 
# 
_pdbx_struct_assembly_gen.assembly_id       1 
_pdbx_struct_assembly_gen.oper_expression   1 
_pdbx_struct_assembly_gen.asym_id_list      A,B,C,D 
# 
_pdbx_struct_oper_list.id                   1 
_pdbx_struct_oper_list.type                 'identity operation' 
_pdbx_struct_oper_list.name                 1_555 
_pdbx_struct_oper_list.symmetry_operation   x,y,z 
_pdbx_struct_oper_list.matrix[1][1]         1.0000000000 
_pdbx_struct_oper_list.matrix[1][2]         0.0000000000 
_pdbx_struct_oper_list.matrix[1][3]         0.0000000000 
_pdbx_struct_oper_list.vector[1]            0.0000000000 
_pdbx_struct_oper_list.matrix[2][1]         0.0000000000 
_pdbx_struct_oper_list.matrix[2][2]         1.0000000000 
_pdbx_struct_oper_list.matrix[2][3]         0.0000000000 
_pdbx_struct_oper_list.vector[2]            0.0000000000 
_pdbx_struct_oper_list.matrix[3][1]         0.0000000000 
_pdbx_struct_oper_list.matrix[3][2]         0.0000000000 
_pdbx_struct_oper_list.matrix[3][3]         1.0000000000 
_pdbx_struct_oper_list.vector[3]            0.0000000000 
# 
loop_
_pdbx_audit_revision_history.ordinal 
_pdbx_audit_revision_history.data_content_type 
_pdbx_audit_revision_history.major_revision 
_pdbx_audit_revision_history.minor_revision 
_pdbx_audit_revision_history.revision_date 
1 'Structure model' 1 0 2006-02-21 
2 'Structure model' 1 1 2011-05-08 
3 'Structure model' 1 2 2011-07-13 
4 'Structure model' 1 3 2023-12-13 
# 
_pdbx_audit_revision_details.ordinal             1 
_pdbx_audit_revision_details.revision_ordinal    1 
_pdbx_audit_revision_details.data_content_type   'Structure model' 
_pdbx_audit_revision_details.provider            repository 
_pdbx_audit_revision_details.type                'Initial release' 
_pdbx_audit_revision_details.description         ? 
_pdbx_audit_revision_details.details             ? 
# 
loop_
_pdbx_audit_revision_group.ordinal 
_pdbx_audit_revision_group.revision_ordinal 
_pdbx_audit_revision_group.data_content_type 
_pdbx_audit_revision_group.group 
1 2 'Structure model' 'Version format compliance' 
2 3 'Structure model' 'Version format compliance' 
3 4 'Structure model' 'Data collection'           
4 4 'Structure model' 'Database references'       
5 4 'Structure model' Other                       
6 4 'Structure model' 'Refinement description'    
# 
loop_
_pdbx_audit_revision_category.ordinal 
_pdbx_audit_revision_category.revision_ordinal 
_pdbx_audit_revision_category.data_content_type 
_pdbx_audit_revision_category.category 
1 4 'Structure model' chem_comp_atom                
2 4 'Structure model' chem_comp_bond                
3 4 'Structure model' database_2                    
4 4 'Structure model' pdbx_database_status          
5 4 'Structure model' pdbx_initial_refinement_model 
# 
loop_
_pdbx_audit_revision_item.ordinal 
_pdbx_audit_revision_item.revision_ordinal 
_pdbx_audit_revision_item.data_content_type 
_pdbx_audit_revision_item.item 
1 4 'Structure model' '_database_2.pdbx_DOI'                 
2 4 'Structure model' '_database_2.pdbx_database_accession'  
3 4 'Structure model' '_pdbx_database_status.status_code_sf' 
# 
loop_
_software.name 
_software.classification 
_software.version 
_software.citation_id 
_software.pdbx_ordinal 
CNS    refinement       1.0 ? 1 
XDS    'data reduction' .   ? 2 
XSCALE 'data scaling'   .   ? 3 
PHASER phasing          .   ? 4 
# 
loop_
_pdbx_validate_close_contact.id 
_pdbx_validate_close_contact.PDB_model_num 
_pdbx_validate_close_contact.auth_atom_id_1 
_pdbx_validate_close_contact.auth_asym_id_1 
_pdbx_validate_close_contact.auth_comp_id_1 
_pdbx_validate_close_contact.auth_seq_id_1 
_pdbx_validate_close_contact.PDB_ins_code_1 
_pdbx_validate_close_contact.label_alt_id_1 
_pdbx_validate_close_contact.auth_atom_id_2 
_pdbx_validate_close_contact.auth_asym_id_2 
_pdbx_validate_close_contact.auth_comp_id_2 
_pdbx_validate_close_contact.auth_seq_id_2 
_pdbx_validate_close_contact.PDB_ins_code_2 
_pdbx_validate_close_contact.label_alt_id_2 
_pdbx_validate_close_contact.dist 
1 1 CA  Y LYS 192 ? ? N   Y PHE 193 ? ? 1.56 
2 1 C   Y LYS 192 ? ? CA  Y PHE 193 ? ? 1.57 
3 1 N   Y LYS 192 ? ? N   Y PHE 193 ? ? 1.63 
4 1 NH2 Y ARG 215 ? ? OE2 Z GLU 210 ? ? 2.06 
5 1 O   Y CYS 189 ? ? CD2 Y PHE 193 ? ? 2.13 
# 
loop_
_pdbx_validate_symm_contact.id 
_pdbx_validate_symm_contact.PDB_model_num 
_pdbx_validate_symm_contact.auth_atom_id_1 
_pdbx_validate_symm_contact.auth_asym_id_1 
_pdbx_validate_symm_contact.auth_comp_id_1 
_pdbx_validate_symm_contact.auth_seq_id_1 
_pdbx_validate_symm_contact.PDB_ins_code_1 
_pdbx_validate_symm_contact.label_alt_id_1 
_pdbx_validate_symm_contact.site_symmetry_1 
_pdbx_validate_symm_contact.auth_atom_id_2 
_pdbx_validate_symm_contact.auth_asym_id_2 
_pdbx_validate_symm_contact.auth_comp_id_2 
_pdbx_validate_symm_contact.auth_seq_id_2 
_pdbx_validate_symm_contact.PDB_ins_code_2 
_pdbx_validate_symm_contact.label_alt_id_2 
_pdbx_validate_symm_contact.site_symmetry_2 
_pdbx_validate_symm_contact.dist 
1 1 O     Y ASP 236 ? ? 1_555 NZ    Z LYS 219 ? ? 4_444 0.55 
2 1 C     Y ASP 236 ? ? 1_555 CE    Z LYS 219 ? ? 4_444 0.91 
3 1 OXT   Y ASP 236 ? ? 1_555 CE    Z LYS 219 ? ? 4_444 1.04 
4 1 O     Y ASP 236 ? ? 1_555 CE    Z LYS 219 ? ? 4_444 1.48 
5 1 C     Y ASP 236 ? ? 1_555 NZ    Z LYS 219 ? ? 4_444 1.56 
6 1 "C5'" A DC  4   ? ? 1_555 "O3'" A DT  14  ? ? 1_545 2.02 
# 
loop_
_pdbx_validate_rmsd_bond.id 
_pdbx_validate_rmsd_bond.PDB_model_num 
_pdbx_validate_rmsd_bond.auth_atom_id_1 
_pdbx_validate_rmsd_bond.auth_asym_id_1 
_pdbx_validate_rmsd_bond.auth_comp_id_1 
_pdbx_validate_rmsd_bond.auth_seq_id_1 
_pdbx_validate_rmsd_bond.PDB_ins_code_1 
_pdbx_validate_rmsd_bond.label_alt_id_1 
_pdbx_validate_rmsd_bond.auth_atom_id_2 
_pdbx_validate_rmsd_bond.auth_asym_id_2 
_pdbx_validate_rmsd_bond.auth_comp_id_2 
_pdbx_validate_rmsd_bond.auth_seq_id_2 
_pdbx_validate_rmsd_bond.PDB_ins_code_2 
_pdbx_validate_rmsd_bond.label_alt_id_2 
_pdbx_validate_rmsd_bond.bond_value 
_pdbx_validate_rmsd_bond.bond_target_value 
_pdbx_validate_rmsd_bond.bond_deviation 
_pdbx_validate_rmsd_bond.bond_standard_deviation 
_pdbx_validate_rmsd_bond.linker_flag 
1 1 CB Y CYS 189 ? ? SG Y CYS 189 ? ? 1.414 1.812 -0.398 0.016 N 
2 1 CB Z CYS 189 ? ? SG Z CYS 189 ? ? 1.416 1.812 -0.396 0.016 N 
# 
loop_
_pdbx_validate_rmsd_angle.id 
_pdbx_validate_rmsd_angle.PDB_model_num 
_pdbx_validate_rmsd_angle.auth_atom_id_1 
_pdbx_validate_rmsd_angle.auth_asym_id_1 
_pdbx_validate_rmsd_angle.auth_comp_id_1 
_pdbx_validate_rmsd_angle.auth_seq_id_1 
_pdbx_validate_rmsd_angle.PDB_ins_code_1 
_pdbx_validate_rmsd_angle.label_alt_id_1 
_pdbx_validate_rmsd_angle.auth_atom_id_2 
_pdbx_validate_rmsd_angle.auth_asym_id_2 
_pdbx_validate_rmsd_angle.auth_comp_id_2 
_pdbx_validate_rmsd_angle.auth_seq_id_2 
_pdbx_validate_rmsd_angle.PDB_ins_code_2 
_pdbx_validate_rmsd_angle.label_alt_id_2 
_pdbx_validate_rmsd_angle.auth_atom_id_3 
_pdbx_validate_rmsd_angle.auth_asym_id_3 
_pdbx_validate_rmsd_angle.auth_comp_id_3 
_pdbx_validate_rmsd_angle.auth_seq_id_3 
_pdbx_validate_rmsd_angle.PDB_ins_code_3 
_pdbx_validate_rmsd_angle.label_alt_id_3 
_pdbx_validate_rmsd_angle.angle_value 
_pdbx_validate_rmsd_angle.angle_target_value 
_pdbx_validate_rmsd_angle.angle_deviation 
_pdbx_validate_rmsd_angle.angle_standard_deviation 
_pdbx_validate_rmsd_angle.linker_flag 
1 1 CA Y LYS 192 ? ? C Y LYS 192 ? ? N  Y PHE 193 ? ? 67.89  117.20 -49.31 2.20 Y 
2 1 O  Y LYS 192 ? ? C Y LYS 192 ? ? N  Y PHE 193 ? ? 163.00 122.70 40.30  1.60 Y 
3 1 C  Y LYS 192 ? ? N Y PHE 193 ? ? CA Y PHE 193 ? ? 70.93  121.70 -50.77 2.50 Y 
# 
loop_
_pdbx_validate_torsion.id 
_pdbx_validate_torsion.PDB_model_num 
_pdbx_validate_torsion.auth_comp_id 
_pdbx_validate_torsion.auth_asym_id 
_pdbx_validate_torsion.auth_seq_id 
_pdbx_validate_torsion.PDB_ins_code 
_pdbx_validate_torsion.label_alt_id 
_pdbx_validate_torsion.phi 
_pdbx_validate_torsion.psi 
1 1 PRO Y 235 ? ? -67.07 -179.25 
2 1 SER Z 224 ? ? -90.59 49.16   
3 1 PRO Z 235 ? ? -62.92 72.88   
# 
_pdbx_validate_polymer_linkage.id               1 
_pdbx_validate_polymer_linkage.PDB_model_num    1 
_pdbx_validate_polymer_linkage.auth_atom_id_1   C 
_pdbx_validate_polymer_linkage.auth_asym_id_1   Z 
_pdbx_validate_polymer_linkage.auth_comp_id_1   LYS 
_pdbx_validate_polymer_linkage.auth_seq_id_1    192 
_pdbx_validate_polymer_linkage.PDB_ins_code_1   ? 
_pdbx_validate_polymer_linkage.label_alt_id_1   ? 
_pdbx_validate_polymer_linkage.auth_atom_id_2   N 
_pdbx_validate_polymer_linkage.auth_asym_id_2   Z 
_pdbx_validate_polymer_linkage.auth_comp_id_2   PHE 
_pdbx_validate_polymer_linkage.auth_seq_id_2    193 
_pdbx_validate_polymer_linkage.PDB_ins_code_2   ? 
_pdbx_validate_polymer_linkage.label_alt_id_2   ? 
_pdbx_validate_polymer_linkage.dist             1.87 
# 
loop_
_pdbx_unobs_or_zero_occ_residues.id 
_pdbx_unobs_or_zero_occ_residues.PDB_model_num 
_pdbx_unobs_or_zero_occ_residues.polymer_flag 
_pdbx_unobs_or_zero_occ_residues.occupancy_flag 
_pdbx_unobs_or_zero_occ_residues.auth_asym_id 
_pdbx_unobs_or_zero_occ_residues.auth_comp_id 
_pdbx_unobs_or_zero_occ_residues.auth_seq_id 
_pdbx_unobs_or_zero_occ_residues.PDB_ins_code 
_pdbx_unobs_or_zero_occ_residues.label_asym_id 
_pdbx_unobs_or_zero_occ_residues.label_comp_id 
_pdbx_unobs_or_zero_occ_residues.label_seq_id 
1 1 Y 1 Y MET 174 ? C MET 1 
2 1 Y 1 Y LEU 175 ? C LEU 2 
3 1 Y 1 Y GLU 176 ? C GLU 3 
4 1 Y 1 Y ILE 177 ? C ILE 4 
5 1 Y 1 Z MET 174 ? D MET 1 
6 1 Y 1 Z LEU 175 ? D LEU 2 
7 1 Y 1 Z GLU 176 ? D GLU 3 
8 1 Y 1 Z ILE 177 ? D ILE 4 
# 
loop_
_chem_comp_atom.comp_id 
_chem_comp_atom.atom_id 
_chem_comp_atom.type_symbol 
_chem_comp_atom.pdbx_aromatic_flag 
_chem_comp_atom.pdbx_stereo_config 
_chem_comp_atom.pdbx_ordinal 
ALA N      N N N 1   
ALA CA     C N S 2   
ALA C      C N N 3   
ALA O      O N N 4   
ALA CB     C N N 5   
ALA OXT    O N N 6   
ALA H      H N N 7   
ALA H2     H N N 8   
ALA HA     H N N 9   
ALA HB1    H N N 10  
ALA HB2    H N N 11  
ALA HB3    H N N 12  
ALA HXT    H N N 13  
ARG N      N N N 14  
ARG CA     C N S 15  
ARG C      C N N 16  
ARG O      O N N 17  
ARG CB     C N N 18  
ARG CG     C N N 19  
ARG CD     C N N 20  
ARG NE     N N N 21  
ARG CZ     C N N 22  
ARG NH1    N N N 23  
ARG NH2    N N N 24  
ARG OXT    O N N 25  
ARG H      H N N 26  
ARG H2     H N N 27  
ARG HA     H N N 28  
ARG HB2    H N N 29  
ARG HB3    H N N 30  
ARG HG2    H N N 31  
ARG HG3    H N N 32  
ARG HD2    H N N 33  
ARG HD3    H N N 34  
ARG HE     H N N 35  
ARG HH11   H N N 36  
ARG HH12   H N N 37  
ARG HH21   H N N 38  
ARG HH22   H N N 39  
ARG HXT    H N N 40  
ASN N      N N N 41  
ASN CA     C N S 42  
ASN C      C N N 43  
ASN O      O N N 44  
ASN CB     C N N 45  
ASN CG     C N N 46  
ASN OD1    O N N 47  
ASN ND2    N N N 48  
ASN OXT    O N N 49  
ASN H      H N N 50  
ASN H2     H N N 51  
ASN HA     H N N 52  
ASN HB2    H N N 53  
ASN HB3    H N N 54  
ASN HD21   H N N 55  
ASN HD22   H N N 56  
ASN HXT    H N N 57  
ASP N      N N N 58  
ASP CA     C N S 59  
ASP C      C N N 60  
ASP O      O N N 61  
ASP CB     C N N 62  
ASP CG     C N N 63  
ASP OD1    O N N 64  
ASP OD2    O N N 65  
ASP OXT    O N N 66  
ASP H      H N N 67  
ASP H2     H N N 68  
ASP HA     H N N 69  
ASP HB2    H N N 70  
ASP HB3    H N N 71  
ASP HD2    H N N 72  
ASP HXT    H N N 73  
CYS N      N N N 74  
CYS CA     C N R 75  
CYS C      C N N 76  
CYS O      O N N 77  
CYS CB     C N N 78  
CYS SG     S N N 79  
CYS OXT    O N N 80  
CYS H      H N N 81  
CYS H2     H N N 82  
CYS HA     H N N 83  
CYS HB2    H N N 84  
CYS HB3    H N N 85  
CYS HG     H N N 86  
CYS HXT    H N N 87  
DA  OP3    O N N 88  
DA  P      P N N 89  
DA  OP1    O N N 90  
DA  OP2    O N N 91  
DA  "O5'"  O N N 92  
DA  "C5'"  C N N 93  
DA  "C4'"  C N R 94  
DA  "O4'"  O N N 95  
DA  "C3'"  C N S 96  
DA  "O3'"  O N N 97  
DA  "C2'"  C N N 98  
DA  "C1'"  C N R 99  
DA  N9     N Y N 100 
DA  C8     C Y N 101 
DA  N7     N Y N 102 
DA  C5     C Y N 103 
DA  C6     C Y N 104 
DA  N6     N N N 105 
DA  N1     N Y N 106 
DA  C2     C Y N 107 
DA  N3     N Y N 108 
DA  C4     C Y N 109 
DA  HOP3   H N N 110 
DA  HOP2   H N N 111 
DA  "H5'"  H N N 112 
DA  "H5''" H N N 113 
DA  "H4'"  H N N 114 
DA  "H3'"  H N N 115 
DA  "HO3'" H N N 116 
DA  "H2'"  H N N 117 
DA  "H2''" H N N 118 
DA  "H1'"  H N N 119 
DA  H8     H N N 120 
DA  H61    H N N 121 
DA  H62    H N N 122 
DA  H2     H N N 123 
DC  OP3    O N N 124 
DC  P      P N N 125 
DC  OP1    O N N 126 
DC  OP2    O N N 127 
DC  "O5'"  O N N 128 
DC  "C5'"  C N N 129 
DC  "C4'"  C N R 130 
DC  "O4'"  O N N 131 
DC  "C3'"  C N S 132 
DC  "O3'"  O N N 133 
DC  "C2'"  C N N 134 
DC  "C1'"  C N R 135 
DC  N1     N N N 136 
DC  C2     C N N 137 
DC  O2     O N N 138 
DC  N3     N N N 139 
DC  C4     C N N 140 
DC  N4     N N N 141 
DC  C5     C N N 142 
DC  C6     C N N 143 
DC  HOP3   H N N 144 
DC  HOP2   H N N 145 
DC  "H5'"  H N N 146 
DC  "H5''" H N N 147 
DC  "H4'"  H N N 148 
DC  "H3'"  H N N 149 
DC  "HO3'" H N N 150 
DC  "H2'"  H N N 151 
DC  "H2''" H N N 152 
DC  "H1'"  H N N 153 
DC  H41    H N N 154 
DC  H42    H N N 155 
DC  H5     H N N 156 
DC  H6     H N N 157 
DG  OP3    O N N 158 
DG  P      P N N 159 
DG  OP1    O N N 160 
DG  OP2    O N N 161 
DG  "O5'"  O N N 162 
DG  "C5'"  C N N 163 
DG  "C4'"  C N R 164 
DG  "O4'"  O N N 165 
DG  "C3'"  C N S 166 
DG  "O3'"  O N N 167 
DG  "C2'"  C N N 168 
DG  "C1'"  C N R 169 
DG  N9     N Y N 170 
DG  C8     C Y N 171 
DG  N7     N Y N 172 
DG  C5     C Y N 173 
DG  C6     C N N 174 
DG  O6     O N N 175 
DG  N1     N N N 176 
DG  C2     C N N 177 
DG  N2     N N N 178 
DG  N3     N N N 179 
DG  C4     C Y N 180 
DG  HOP3   H N N 181 
DG  HOP2   H N N 182 
DG  "H5'"  H N N 183 
DG  "H5''" H N N 184 
DG  "H4'"  H N N 185 
DG  "H3'"  H N N 186 
DG  "HO3'" H N N 187 
DG  "H2'"  H N N 188 
DG  "H2''" H N N 189 
DG  "H1'"  H N N 190 
DG  H8     H N N 191 
DG  H1     H N N 192 
DG  H21    H N N 193 
DG  H22    H N N 194 
DT  OP3    O N N 195 
DT  P      P N N 196 
DT  OP1    O N N 197 
DT  OP2    O N N 198 
DT  "O5'"  O N N 199 
DT  "C5'"  C N N 200 
DT  "C4'"  C N R 201 
DT  "O4'"  O N N 202 
DT  "C3'"  C N S 203 
DT  "O3'"  O N N 204 
DT  "C2'"  C N N 205 
DT  "C1'"  C N R 206 
DT  N1     N N N 207 
DT  C2     C N N 208 
DT  O2     O N N 209 
DT  N3     N N N 210 
DT  C4     C N N 211 
DT  O4     O N N 212 
DT  C5     C N N 213 
DT  C7     C N N 214 
DT  C6     C N N 215 
DT  HOP3   H N N 216 
DT  HOP2   H N N 217 
DT  "H5'"  H N N 218 
DT  "H5''" H N N 219 
DT  "H4'"  H N N 220 
DT  "H3'"  H N N 221 
DT  "HO3'" H N N 222 
DT  "H2'"  H N N 223 
DT  "H2''" H N N 224 
DT  "H1'"  H N N 225 
DT  H3     H N N 226 
DT  H71    H N N 227 
DT  H72    H N N 228 
DT  H73    H N N 229 
DT  H6     H N N 230 
GLN N      N N N 231 
GLN CA     C N S 232 
GLN C      C N N 233 
GLN O      O N N 234 
GLN CB     C N N 235 
GLN CG     C N N 236 
GLN CD     C N N 237 
GLN OE1    O N N 238 
GLN NE2    N N N 239 
GLN OXT    O N N 240 
GLN H      H N N 241 
GLN H2     H N N 242 
GLN HA     H N N 243 
GLN HB2    H N N 244 
GLN HB3    H N N 245 
GLN HG2    H N N 246 
GLN HG3    H N N 247 
GLN HE21   H N N 248 
GLN HE22   H N N 249 
GLN HXT    H N N 250 
GLU N      N N N 251 
GLU CA     C N S 252 
GLU C      C N N 253 
GLU O      O N N 254 
GLU CB     C N N 255 
GLU CG     C N N 256 
GLU CD     C N N 257 
GLU OE1    O N N 258 
GLU OE2    O N N 259 
GLU OXT    O N N 260 
GLU H      H N N 261 
GLU H2     H N N 262 
GLU HA     H N N 263 
GLU HB2    H N N 264 
GLU HB3    H N N 265 
GLU HG2    H N N 266 
GLU HG3    H N N 267 
GLU HE2    H N N 268 
GLU HXT    H N N 269 
HIS N      N N N 270 
HIS CA     C N S 271 
HIS C      C N N 272 
HIS O      O N N 273 
HIS CB     C N N 274 
HIS CG     C Y N 275 
HIS ND1    N Y N 276 
HIS CD2    C Y N 277 
HIS CE1    C Y N 278 
HIS NE2    N Y N 279 
HIS OXT    O N N 280 
HIS H      H N N 281 
HIS H2     H N N 282 
HIS HA     H N N 283 
HIS HB2    H N N 284 
HIS HB3    H N N 285 
HIS HD1    H N N 286 
HIS HD2    H N N 287 
HIS HE1    H N N 288 
HIS HE2    H N N 289 
HIS HXT    H N N 290 
ILE N      N N N 291 
ILE CA     C N S 292 
ILE C      C N N 293 
ILE O      O N N 294 
ILE CB     C N S 295 
ILE CG1    C N N 296 
ILE CG2    C N N 297 
ILE CD1    C N N 298 
ILE OXT    O N N 299 
ILE H      H N N 300 
ILE H2     H N N 301 
ILE HA     H N N 302 
ILE HB     H N N 303 
ILE HG12   H N N 304 
ILE HG13   H N N 305 
ILE HG21   H N N 306 
ILE HG22   H N N 307 
ILE HG23   H N N 308 
ILE HD11   H N N 309 
ILE HD12   H N N 310 
ILE HD13   H N N 311 
ILE HXT    H N N 312 
LEU N      N N N 313 
LEU CA     C N S 314 
LEU C      C N N 315 
LEU O      O N N 316 
LEU CB     C N N 317 
LEU CG     C N N 318 
LEU CD1    C N N 319 
LEU CD2    C N N 320 
LEU OXT    O N N 321 
LEU H      H N N 322 
LEU H2     H N N 323 
LEU HA     H N N 324 
LEU HB2    H N N 325 
LEU HB3    H N N 326 
LEU HG     H N N 327 
LEU HD11   H N N 328 
LEU HD12   H N N 329 
LEU HD13   H N N 330 
LEU HD21   H N N 331 
LEU HD22   H N N 332 
LEU HD23   H N N 333 
LEU HXT    H N N 334 
LYS N      N N N 335 
LYS CA     C N S 336 
LYS C      C N N 337 
LYS O      O N N 338 
LYS CB     C N N 339 
LYS CG     C N N 340 
LYS CD     C N N 341 
LYS CE     C N N 342 
LYS NZ     N N N 343 
LYS OXT    O N N 344 
LYS H      H N N 345 
LYS H2     H N N 346 
LYS HA     H N N 347 
LYS HB2    H N N 348 
LYS HB3    H N N 349 
LYS HG2    H N N 350 
LYS HG3    H N N 351 
LYS HD2    H N N 352 
LYS HD3    H N N 353 
LYS HE2    H N N 354 
LYS HE3    H N N 355 
LYS HZ1    H N N 356 
LYS HZ2    H N N 357 
LYS HZ3    H N N 358 
LYS HXT    H N N 359 
MET N      N N N 360 
MET CA     C N S 361 
MET C      C N N 362 
MET O      O N N 363 
MET CB     C N N 364 
MET CG     C N N 365 
MET SD     S N N 366 
MET CE     C N N 367 
MET OXT    O N N 368 
MET H      H N N 369 
MET H2     H N N 370 
MET HA     H N N 371 
MET HB2    H N N 372 
MET HB3    H N N 373 
MET HG2    H N N 374 
MET HG3    H N N 375 
MET HE1    H N N 376 
MET HE2    H N N 377 
MET HE3    H N N 378 
MET HXT    H N N 379 
PHE N      N N N 380 
PHE CA     C N S 381 
PHE C      C N N 382 
PHE O      O N N 383 
PHE CB     C N N 384 
PHE CG     C Y N 385 
PHE CD1    C Y N 386 
PHE CD2    C Y N 387 
PHE CE1    C Y N 388 
PHE CE2    C Y N 389 
PHE CZ     C Y N 390 
PHE OXT    O N N 391 
PHE H      H N N 392 
PHE H2     H N N 393 
PHE HA     H N N 394 
PHE HB2    H N N 395 
PHE HB3    H N N 396 
PHE HD1    H N N 397 
PHE HD2    H N N 398 
PHE HE1    H N N 399 
PHE HE2    H N N 400 
PHE HZ     H N N 401 
PHE HXT    H N N 402 
PRO N      N N N 403 
PRO CA     C N S 404 
PRO C      C N N 405 
PRO O      O N N 406 
PRO CB     C N N 407 
PRO CG     C N N 408 
PRO CD     C N N 409 
PRO OXT    O N N 410 
PRO H      H N N 411 
PRO HA     H N N 412 
PRO HB2    H N N 413 
PRO HB3    H N N 414 
PRO HG2    H N N 415 
PRO HG3    H N N 416 
PRO HD2    H N N 417 
PRO HD3    H N N 418 
PRO HXT    H N N 419 
SER N      N N N 420 
SER CA     C N S 421 
SER C      C N N 422 
SER O      O N N 423 
SER CB     C N N 424 
SER OG     O N N 425 
SER OXT    O N N 426 
SER H      H N N 427 
SER H2     H N N 428 
SER HA     H N N 429 
SER HB2    H N N 430 
SER HB3    H N N 431 
SER HG     H N N 432 
SER HXT    H N N 433 
THR N      N N N 434 
THR CA     C N S 435 
THR C      C N N 436 
THR O      O N N 437 
THR CB     C N R 438 
THR OG1    O N N 439 
THR CG2    C N N 440 
THR OXT    O N N 441 
THR H      H N N 442 
THR H2     H N N 443 
THR HA     H N N 444 
THR HB     H N N 445 
THR HG1    H N N 446 
THR HG21   H N N 447 
THR HG22   H N N 448 
THR HG23   H N N 449 
THR HXT    H N N 450 
TYR N      N N N 451 
TYR CA     C N S 452 
TYR C      C N N 453 
TYR O      O N N 454 
TYR CB     C N N 455 
TYR CG     C Y N 456 
TYR CD1    C Y N 457 
TYR CD2    C Y N 458 
TYR CE1    C Y N 459 
TYR CE2    C Y N 460 
TYR CZ     C Y N 461 
TYR OH     O N N 462 
TYR OXT    O N N 463 
TYR H      H N N 464 
TYR H2     H N N 465 
TYR HA     H N N 466 
TYR HB2    H N N 467 
TYR HB3    H N N 468 
TYR HD1    H N N 469 
TYR HD2    H N N 470 
TYR HE1    H N N 471 
TYR HE2    H N N 472 
TYR HH     H N N 473 
TYR HXT    H N N 474 
VAL N      N N N 475 
VAL CA     C N S 476 
VAL C      C N N 477 
VAL O      O N N 478 
VAL CB     C N N 479 
VAL CG1    C N N 480 
VAL CG2    C N N 481 
VAL OXT    O N N 482 
VAL H      H N N 483 
VAL H2     H N N 484 
VAL HA     H N N 485 
VAL HB     H N N 486 
VAL HG11   H N N 487 
VAL HG12   H N N 488 
VAL HG13   H N N 489 
VAL HG21   H N N 490 
VAL HG22   H N N 491 
VAL HG23   H N N 492 
VAL HXT    H N N 493 
# 
loop_
_chem_comp_bond.comp_id 
_chem_comp_bond.atom_id_1 
_chem_comp_bond.atom_id_2 
_chem_comp_bond.value_order 
_chem_comp_bond.pdbx_aromatic_flag 
_chem_comp_bond.pdbx_stereo_config 
_chem_comp_bond.pdbx_ordinal 
ALA N     CA     sing N N 1   
ALA N     H      sing N N 2   
ALA N     H2     sing N N 3   
ALA CA    C      sing N N 4   
ALA CA    CB     sing N N 5   
ALA CA    HA     sing N N 6   
ALA C     O      doub N N 7   
ALA C     OXT    sing N N 8   
ALA CB    HB1    sing N N 9   
ALA CB    HB2    sing N N 10  
ALA CB    HB3    sing N N 11  
ALA OXT   HXT    sing N N 12  
ARG N     CA     sing N N 13  
ARG N     H      sing N N 14  
ARG N     H2     sing N N 15  
ARG CA    C      sing N N 16  
ARG CA    CB     sing N N 17  
ARG CA    HA     sing N N 18  
ARG C     O      doub N N 19  
ARG C     OXT    sing N N 20  
ARG CB    CG     sing N N 21  
ARG CB    HB2    sing N N 22  
ARG CB    HB3    sing N N 23  
ARG CG    CD     sing N N 24  
ARG CG    HG2    sing N N 25  
ARG CG    HG3    sing N N 26  
ARG CD    NE     sing N N 27  
ARG CD    HD2    sing N N 28  
ARG CD    HD3    sing N N 29  
ARG NE    CZ     sing N N 30  
ARG NE    HE     sing N N 31  
ARG CZ    NH1    sing N N 32  
ARG CZ    NH2    doub N N 33  
ARG NH1   HH11   sing N N 34  
ARG NH1   HH12   sing N N 35  
ARG NH2   HH21   sing N N 36  
ARG NH2   HH22   sing N N 37  
ARG OXT   HXT    sing N N 38  
ASN N     CA     sing N N 39  
ASN N     H      sing N N 40  
ASN N     H2     sing N N 41  
ASN CA    C      sing N N 42  
ASN CA    CB     sing N N 43  
ASN CA    HA     sing N N 44  
ASN C     O      doub N N 45  
ASN C     OXT    sing N N 46  
ASN CB    CG     sing N N 47  
ASN CB    HB2    sing N N 48  
ASN CB    HB3    sing N N 49  
ASN CG    OD1    doub N N 50  
ASN CG    ND2    sing N N 51  
ASN ND2   HD21   sing N N 52  
ASN ND2   HD22   sing N N 53  
ASN OXT   HXT    sing N N 54  
ASP N     CA     sing N N 55  
ASP N     H      sing N N 56  
ASP N     H2     sing N N 57  
ASP CA    C      sing N N 58  
ASP CA    CB     sing N N 59  
ASP CA    HA     sing N N 60  
ASP C     O      doub N N 61  
ASP C     OXT    sing N N 62  
ASP CB    CG     sing N N 63  
ASP CB    HB2    sing N N 64  
ASP CB    HB3    sing N N 65  
ASP CG    OD1    doub N N 66  
ASP CG    OD2    sing N N 67  
ASP OD2   HD2    sing N N 68  
ASP OXT   HXT    sing N N 69  
CYS N     CA     sing N N 70  
CYS N     H      sing N N 71  
CYS N     H2     sing N N 72  
CYS CA    C      sing N N 73  
CYS CA    CB     sing N N 74  
CYS CA    HA     sing N N 75  
CYS C     O      doub N N 76  
CYS C     OXT    sing N N 77  
CYS CB    SG     sing N N 78  
CYS CB    HB2    sing N N 79  
CYS CB    HB3    sing N N 80  
CYS SG    HG     sing N N 81  
CYS OXT   HXT    sing N N 82  
DA  OP3   P      sing N N 83  
DA  OP3   HOP3   sing N N 84  
DA  P     OP1    doub N N 85  
DA  P     OP2    sing N N 86  
DA  P     "O5'"  sing N N 87  
DA  OP2   HOP2   sing N N 88  
DA  "O5'" "C5'"  sing N N 89  
DA  "C5'" "C4'"  sing N N 90  
DA  "C5'" "H5'"  sing N N 91  
DA  "C5'" "H5''" sing N N 92  
DA  "C4'" "O4'"  sing N N 93  
DA  "C4'" "C3'"  sing N N 94  
DA  "C4'" "H4'"  sing N N 95  
DA  "O4'" "C1'"  sing N N 96  
DA  "C3'" "O3'"  sing N N 97  
DA  "C3'" "C2'"  sing N N 98  
DA  "C3'" "H3'"  sing N N 99  
DA  "O3'" "HO3'" sing N N 100 
DA  "C2'" "C1'"  sing N N 101 
DA  "C2'" "H2'"  sing N N 102 
DA  "C2'" "H2''" sing N N 103 
DA  "C1'" N9     sing N N 104 
DA  "C1'" "H1'"  sing N N 105 
DA  N9    C8     sing Y N 106 
DA  N9    C4     sing Y N 107 
DA  C8    N7     doub Y N 108 
DA  C8    H8     sing N N 109 
DA  N7    C5     sing Y N 110 
DA  C5    C6     sing Y N 111 
DA  C5    C4     doub Y N 112 
DA  C6    N6     sing N N 113 
DA  C6    N1     doub Y N 114 
DA  N6    H61    sing N N 115 
DA  N6    H62    sing N N 116 
DA  N1    C2     sing Y N 117 
DA  C2    N3     doub Y N 118 
DA  C2    H2     sing N N 119 
DA  N3    C4     sing Y N 120 
DC  OP3   P      sing N N 121 
DC  OP3   HOP3   sing N N 122 
DC  P     OP1    doub N N 123 
DC  P     OP2    sing N N 124 
DC  P     "O5'"  sing N N 125 
DC  OP2   HOP2   sing N N 126 
DC  "O5'" "C5'"  sing N N 127 
DC  "C5'" "C4'"  sing N N 128 
DC  "C5'" "H5'"  sing N N 129 
DC  "C5'" "H5''" sing N N 130 
DC  "C4'" "O4'"  sing N N 131 
DC  "C4'" "C3'"  sing N N 132 
DC  "C4'" "H4'"  sing N N 133 
DC  "O4'" "C1'"  sing N N 134 
DC  "C3'" "O3'"  sing N N 135 
DC  "C3'" "C2'"  sing N N 136 
DC  "C3'" "H3'"  sing N N 137 
DC  "O3'" "HO3'" sing N N 138 
DC  "C2'" "C1'"  sing N N 139 
DC  "C2'" "H2'"  sing N N 140 
DC  "C2'" "H2''" sing N N 141 
DC  "C1'" N1     sing N N 142 
DC  "C1'" "H1'"  sing N N 143 
DC  N1    C2     sing N N 144 
DC  N1    C6     sing N N 145 
DC  C2    O2     doub N N 146 
DC  C2    N3     sing N N 147 
DC  N3    C4     doub N N 148 
DC  C4    N4     sing N N 149 
DC  C4    C5     sing N N 150 
DC  N4    H41    sing N N 151 
DC  N4    H42    sing N N 152 
DC  C5    C6     doub N N 153 
DC  C5    H5     sing N N 154 
DC  C6    H6     sing N N 155 
DG  OP3   P      sing N N 156 
DG  OP3   HOP3   sing N N 157 
DG  P     OP1    doub N N 158 
DG  P     OP2    sing N N 159 
DG  P     "O5'"  sing N N 160 
DG  OP2   HOP2   sing N N 161 
DG  "O5'" "C5'"  sing N N 162 
DG  "C5'" "C4'"  sing N N 163 
DG  "C5'" "H5'"  sing N N 164 
DG  "C5'" "H5''" sing N N 165 
DG  "C4'" "O4'"  sing N N 166 
DG  "C4'" "C3'"  sing N N 167 
DG  "C4'" "H4'"  sing N N 168 
DG  "O4'" "C1'"  sing N N 169 
DG  "C3'" "O3'"  sing N N 170 
DG  "C3'" "C2'"  sing N N 171 
DG  "C3'" "H3'"  sing N N 172 
DG  "O3'" "HO3'" sing N N 173 
DG  "C2'" "C1'"  sing N N 174 
DG  "C2'" "H2'"  sing N N 175 
DG  "C2'" "H2''" sing N N 176 
DG  "C1'" N9     sing N N 177 
DG  "C1'" "H1'"  sing N N 178 
DG  N9    C8     sing Y N 179 
DG  N9    C4     sing Y N 180 
DG  C8    N7     doub Y N 181 
DG  C8    H8     sing N N 182 
DG  N7    C5     sing Y N 183 
DG  C5    C6     sing N N 184 
DG  C5    C4     doub Y N 185 
DG  C6    O6     doub N N 186 
DG  C6    N1     sing N N 187 
DG  N1    C2     sing N N 188 
DG  N1    H1     sing N N 189 
DG  C2    N2     sing N N 190 
DG  C2    N3     doub N N 191 
DG  N2    H21    sing N N 192 
DG  N2    H22    sing N N 193 
DG  N3    C4     sing N N 194 
DT  OP3   P      sing N N 195 
DT  OP3   HOP3   sing N N 196 
DT  P     OP1    doub N N 197 
DT  P     OP2    sing N N 198 
DT  P     "O5'"  sing N N 199 
DT  OP2   HOP2   sing N N 200 
DT  "O5'" "C5'"  sing N N 201 
DT  "C5'" "C4'"  sing N N 202 
DT  "C5'" "H5'"  sing N N 203 
DT  "C5'" "H5''" sing N N 204 
DT  "C4'" "O4'"  sing N N 205 
DT  "C4'" "C3'"  sing N N 206 
DT  "C4'" "H4'"  sing N N 207 
DT  "O4'" "C1'"  sing N N 208 
DT  "C3'" "O3'"  sing N N 209 
DT  "C3'" "C2'"  sing N N 210 
DT  "C3'" "H3'"  sing N N 211 
DT  "O3'" "HO3'" sing N N 212 
DT  "C2'" "C1'"  sing N N 213 
DT  "C2'" "H2'"  sing N N 214 
DT  "C2'" "H2''" sing N N 215 
DT  "C1'" N1     sing N N 216 
DT  "C1'" "H1'"  sing N N 217 
DT  N1    C2     sing N N 218 
DT  N1    C6     sing N N 219 
DT  C2    O2     doub N N 220 
DT  C2    N3     sing N N 221 
DT  N3    C4     sing N N 222 
DT  N3    H3     sing N N 223 
DT  C4    O4     doub N N 224 
DT  C4    C5     sing N N 225 
DT  C5    C7     sing N N 226 
DT  C5    C6     doub N N 227 
DT  C7    H71    sing N N 228 
DT  C7    H72    sing N N 229 
DT  C7    H73    sing N N 230 
DT  C6    H6     sing N N 231 
GLN N     CA     sing N N 232 
GLN N     H      sing N N 233 
GLN N     H2     sing N N 234 
GLN CA    C      sing N N 235 
GLN CA    CB     sing N N 236 
GLN CA    HA     sing N N 237 
GLN C     O      doub N N 238 
GLN C     OXT    sing N N 239 
GLN CB    CG     sing N N 240 
GLN CB    HB2    sing N N 241 
GLN CB    HB3    sing N N 242 
GLN CG    CD     sing N N 243 
GLN CG    HG2    sing N N 244 
GLN CG    HG3    sing N N 245 
GLN CD    OE1    doub N N 246 
GLN CD    NE2    sing N N 247 
GLN NE2   HE21   sing N N 248 
GLN NE2   HE22   sing N N 249 
GLN OXT   HXT    sing N N 250 
GLU N     CA     sing N N 251 
GLU N     H      sing N N 252 
GLU N     H2     sing N N 253 
GLU CA    C      sing N N 254 
GLU CA    CB     sing N N 255 
GLU CA    HA     sing N N 256 
GLU C     O      doub N N 257 
GLU C     OXT    sing N N 258 
GLU CB    CG     sing N N 259 
GLU CB    HB2    sing N N 260 
GLU CB    HB3    sing N N 261 
GLU CG    CD     sing N N 262 
GLU CG    HG2    sing N N 263 
GLU CG    HG3    sing N N 264 
GLU CD    OE1    doub N N 265 
GLU CD    OE2    sing N N 266 
GLU OE2   HE2    sing N N 267 
GLU OXT   HXT    sing N N 268 
HIS N     CA     sing N N 269 
HIS N     H      sing N N 270 
HIS N     H2     sing N N 271 
HIS CA    C      sing N N 272 
HIS CA    CB     sing N N 273 
HIS CA    HA     sing N N 274 
HIS C     O      doub N N 275 
HIS C     OXT    sing N N 276 
HIS CB    CG     sing N N 277 
HIS CB    HB2    sing N N 278 
HIS CB    HB3    sing N N 279 
HIS CG    ND1    sing Y N 280 
HIS CG    CD2    doub Y N 281 
HIS ND1   CE1    doub Y N 282 
HIS ND1   HD1    sing N N 283 
HIS CD2   NE2    sing Y N 284 
HIS CD2   HD2    sing N N 285 
HIS CE1   NE2    sing Y N 286 
HIS CE1   HE1    sing N N 287 
HIS NE2   HE2    sing N N 288 
HIS OXT   HXT    sing N N 289 
ILE N     CA     sing N N 290 
ILE N     H      sing N N 291 
ILE N     H2     sing N N 292 
ILE CA    C      sing N N 293 
ILE CA    CB     sing N N 294 
ILE CA    HA     sing N N 295 
ILE C     O      doub N N 296 
ILE C     OXT    sing N N 297 
ILE CB    CG1    sing N N 298 
ILE CB    CG2    sing N N 299 
ILE CB    HB     sing N N 300 
ILE CG1   CD1    sing N N 301 
ILE CG1   HG12   sing N N 302 
ILE CG1   HG13   sing N N 303 
ILE CG2   HG21   sing N N 304 
ILE CG2   HG22   sing N N 305 
ILE CG2   HG23   sing N N 306 
ILE CD1   HD11   sing N N 307 
ILE CD1   HD12   sing N N 308 
ILE CD1   HD13   sing N N 309 
ILE OXT   HXT    sing N N 310 
LEU N     CA     sing N N 311 
LEU N     H      sing N N 312 
LEU N     H2     sing N N 313 
LEU CA    C      sing N N 314 
LEU CA    CB     sing N N 315 
LEU CA    HA     sing N N 316 
LEU C     O      doub N N 317 
LEU C     OXT    sing N N 318 
LEU CB    CG     sing N N 319 
LEU CB    HB2    sing N N 320 
LEU CB    HB3    sing N N 321 
LEU CG    CD1    sing N N 322 
LEU CG    CD2    sing N N 323 
LEU CG    HG     sing N N 324 
LEU CD1   HD11   sing N N 325 
LEU CD1   HD12   sing N N 326 
LEU CD1   HD13   sing N N 327 
LEU CD2   HD21   sing N N 328 
LEU CD2   HD22   sing N N 329 
LEU CD2   HD23   sing N N 330 
LEU OXT   HXT    sing N N 331 
LYS N     CA     sing N N 332 
LYS N     H      sing N N 333 
LYS N     H2     sing N N 334 
LYS CA    C      sing N N 335 
LYS CA    CB     sing N N 336 
LYS CA    HA     sing N N 337 
LYS C     O      doub N N 338 
LYS C     OXT    sing N N 339 
LYS CB    CG     sing N N 340 
LYS CB    HB2    sing N N 341 
LYS CB    HB3    sing N N 342 
LYS CG    CD     sing N N 343 
LYS CG    HG2    sing N N 344 
LYS CG    HG3    sing N N 345 
LYS CD    CE     sing N N 346 
LYS CD    HD2    sing N N 347 
LYS CD    HD3    sing N N 348 
LYS CE    NZ     sing N N 349 
LYS CE    HE2    sing N N 350 
LYS CE    HE3    sing N N 351 
LYS NZ    HZ1    sing N N 352 
LYS NZ    HZ2    sing N N 353 
LYS NZ    HZ3    sing N N 354 
LYS OXT   HXT    sing N N 355 
MET N     CA     sing N N 356 
MET N     H      sing N N 357 
MET N     H2     sing N N 358 
MET CA    C      sing N N 359 
MET CA    CB     sing N N 360 
MET CA    HA     sing N N 361 
MET C     O      doub N N 362 
MET C     OXT    sing N N 363 
MET CB    CG     sing N N 364 
MET CB    HB2    sing N N 365 
MET CB    HB3    sing N N 366 
MET CG    SD     sing N N 367 
MET CG    HG2    sing N N 368 
MET CG    HG3    sing N N 369 
MET SD    CE     sing N N 370 
MET CE    HE1    sing N N 371 
MET CE    HE2    sing N N 372 
MET CE    HE3    sing N N 373 
MET OXT   HXT    sing N N 374 
PHE N     CA     sing N N 375 
PHE N     H      sing N N 376 
PHE N     H2     sing N N 377 
PHE CA    C      sing N N 378 
PHE CA    CB     sing N N 379 
PHE CA    HA     sing N N 380 
PHE C     O      doub N N 381 
PHE C     OXT    sing N N 382 
PHE CB    CG     sing N N 383 
PHE CB    HB2    sing N N 384 
PHE CB    HB3    sing N N 385 
PHE CG    CD1    doub Y N 386 
PHE CG    CD2    sing Y N 387 
PHE CD1   CE1    sing Y N 388 
PHE CD1   HD1    sing N N 389 
PHE CD2   CE2    doub Y N 390 
PHE CD2   HD2    sing N N 391 
PHE CE1   CZ     doub Y N 392 
PHE CE1   HE1    sing N N 393 
PHE CE2   CZ     sing Y N 394 
PHE CE2   HE2    sing N N 395 
PHE CZ    HZ     sing N N 396 
PHE OXT   HXT    sing N N 397 
PRO N     CA     sing N N 398 
PRO N     CD     sing N N 399 
PRO N     H      sing N N 400 
PRO CA    C      sing N N 401 
PRO CA    CB     sing N N 402 
PRO CA    HA     sing N N 403 
PRO C     O      doub N N 404 
PRO C     OXT    sing N N 405 
PRO CB    CG     sing N N 406 
PRO CB    HB2    sing N N 407 
PRO CB    HB3    sing N N 408 
PRO CG    CD     sing N N 409 
PRO CG    HG2    sing N N 410 
PRO CG    HG3    sing N N 411 
PRO CD    HD2    sing N N 412 
PRO CD    HD3    sing N N 413 
PRO OXT   HXT    sing N N 414 
SER N     CA     sing N N 415 
SER N     H      sing N N 416 
SER N     H2     sing N N 417 
SER CA    C      sing N N 418 
SER CA    CB     sing N N 419 
SER CA    HA     sing N N 420 
SER C     O      doub N N 421 
SER C     OXT    sing N N 422 
SER CB    OG     sing N N 423 
SER CB    HB2    sing N N 424 
SER CB    HB3    sing N N 425 
SER OG    HG     sing N N 426 
SER OXT   HXT    sing N N 427 
THR N     CA     sing N N 428 
THR N     H      sing N N 429 
THR N     H2     sing N N 430 
THR CA    C      sing N N 431 
THR CA    CB     sing N N 432 
THR CA    HA     sing N N 433 
THR C     O      doub N N 434 
THR C     OXT    sing N N 435 
THR CB    OG1    sing N N 436 
THR CB    CG2    sing N N 437 
THR CB    HB     sing N N 438 
THR OG1   HG1    sing N N 439 
THR CG2   HG21   sing N N 440 
THR CG2   HG22   sing N N 441 
THR CG2   HG23   sing N N 442 
THR OXT   HXT    sing N N 443 
TYR N     CA     sing N N 444 
TYR N     H      sing N N 445 
TYR N     H2     sing N N 446 
TYR CA    C      sing N N 447 
TYR CA    CB     sing N N 448 
TYR CA    HA     sing N N 449 
TYR C     O      doub N N 450 
TYR C     OXT    sing N N 451 
TYR CB    CG     sing N N 452 
TYR CB    HB2    sing N N 453 
TYR CB    HB3    sing N N 454 
TYR CG    CD1    doub Y N 455 
TYR CG    CD2    sing Y N 456 
TYR CD1   CE1    sing Y N 457 
TYR CD1   HD1    sing N N 458 
TYR CD2   CE2    doub Y N 459 
TYR CD2   HD2    sing N N 460 
TYR CE1   CZ     doub Y N 461 
TYR CE1   HE1    sing N N 462 
TYR CE2   CZ     sing Y N 463 
TYR CE2   HE2    sing N N 464 
TYR CZ    OH     sing N N 465 
TYR OH    HH     sing N N 466 
TYR OXT   HXT    sing N N 467 
VAL N     CA     sing N N 468 
VAL N     H      sing N N 469 
VAL N     H2     sing N N 470 
VAL CA    C      sing N N 471 
VAL CA    CB     sing N N 472 
VAL CA    HA     sing N N 473 
VAL C     O      doub N N 474 
VAL C     OXT    sing N N 475 
VAL CB    CG1    sing N N 476 
VAL CB    CG2    sing N N 477 
VAL CB    HB     sing N N 478 
VAL CG1   HG11   sing N N 479 
VAL CG1   HG12   sing N N 480 
VAL CG1   HG13   sing N N 481 
VAL CG2   HG21   sing N N 482 
VAL CG2   HG22   sing N N 483 
VAL CG2   HG23   sing N N 484 
VAL OXT   HXT    sing N N 485 
# 
_ndb_struct_conf_na.entry_id   2C9N 
_ndb_struct_conf_na.feature    'b-form double helix' 
# 
loop_
_ndb_struct_na_base_pair.model_number 
_ndb_struct_na_base_pair.i_label_asym_id 
_ndb_struct_na_base_pair.i_label_comp_id 
_ndb_struct_na_base_pair.i_label_seq_id 
_ndb_struct_na_base_pair.i_symmetry 
_ndb_struct_na_base_pair.j_label_asym_id 
_ndb_struct_na_base_pair.j_label_comp_id 
_ndb_struct_na_base_pair.j_label_seq_id 
_ndb_struct_na_base_pair.j_symmetry 
_ndb_struct_na_base_pair.shear 
_ndb_struct_na_base_pair.stretch 
_ndb_struct_na_base_pair.stagger 
_ndb_struct_na_base_pair.buckle 
_ndb_struct_na_base_pair.propeller 
_ndb_struct_na_base_pair.opening 
_ndb_struct_na_base_pair.pair_number 
_ndb_struct_na_base_pair.pair_name 
_ndb_struct_na_base_pair.i_auth_asym_id 
_ndb_struct_na_base_pair.i_auth_seq_id 
_ndb_struct_na_base_pair.i_PDB_ins_code 
_ndb_struct_na_base_pair.j_auth_asym_id 
_ndb_struct_na_base_pair.j_auth_seq_id 
_ndb_struct_na_base_pair.j_PDB_ins_code 
_ndb_struct_na_base_pair.hbond_type_28 
_ndb_struct_na_base_pair.hbond_type_12 
1 A DA 2  1_555 B DT 11 1_555 0.857  -0.231 0.002  5.302  -12.406 -2.649 1  A_DA5:DT116_B  A 5  ? B 116 ? 20 1 
1 A DC 3  1_555 B DG 10 1_555 -0.480 -0.170 0.066  2.772  -12.104 1.188  2  A_DC6:DG115_B  A 6  ? B 115 ? 19 1 
1 A DT 4  1_555 B DA 9  1_555 -0.369 -0.131 0.060  3.098  -9.226  2.005  3  A_DT7:DA114_B  A 7  ? B 114 ? 20 1 
1 A DG 5  1_555 B DC 8  1_555 -0.169 -0.104 -0.077 -5.234 -11.794 -1.487 4  A_DG8:DC113_B  A 8  ? B 113 ? 19 1 
1 A DA 6  1_555 B DT 7  1_555 0.158  -0.039 -0.011 -3.932 -10.987 0.351  5  A_DA9:DT112_B  A 9  ? B 112 ? 20 1 
1 A DC 7  1_555 B DG 6  1_555 -0.297 -0.142 0.138  -0.684 -12.458 -2.182 6  A_DC10:DG111_B A 10 ? B 111 ? 19 1 
1 A DT 8  1_555 B DA 5  1_555 -0.182 -0.107 -0.012 1.208  -12.417 4.170  7  A_DT11:DA110_B A 11 ? B 110 ? 20 1 
1 A DC 9  1_555 B DG 4  1_555 0.321  -0.070 -0.009 1.837  -9.448  -0.794 8  A_DC12:DG109_B A 12 ? B 109 ? 19 1 
1 A DA 10 1_555 B DT 3  1_555 0.099  -0.003 0.014  -0.126 -9.848  0.024  9  A_DA13:DT108_B A 13 ? B 108 ? 20 1 
1 A DT 11 1_555 B DA 2  1_555 -0.606 -0.070 -0.151 15.171 -8.315  1.078  10 A_DT14:DA107_B A 14 ? B 107 ? 20 1 
# 
loop_
_ndb_struct_na_base_pair_step.model_number 
_ndb_struct_na_base_pair_step.i_label_asym_id_1 
_ndb_struct_na_base_pair_step.i_label_comp_id_1 
_ndb_struct_na_base_pair_step.i_label_seq_id_1 
_ndb_struct_na_base_pair_step.i_symmetry_1 
_ndb_struct_na_base_pair_step.j_label_asym_id_1 
_ndb_struct_na_base_pair_step.j_label_comp_id_1 
_ndb_struct_na_base_pair_step.j_label_seq_id_1 
_ndb_struct_na_base_pair_step.j_symmetry_1 
_ndb_struct_na_base_pair_step.i_label_asym_id_2 
_ndb_struct_na_base_pair_step.i_label_comp_id_2 
_ndb_struct_na_base_pair_step.i_label_seq_id_2 
_ndb_struct_na_base_pair_step.i_symmetry_2 
_ndb_struct_na_base_pair_step.j_label_asym_id_2 
_ndb_struct_na_base_pair_step.j_label_comp_id_2 
_ndb_struct_na_base_pair_step.j_label_seq_id_2 
_ndb_struct_na_base_pair_step.j_symmetry_2 
_ndb_struct_na_base_pair_step.shift 
_ndb_struct_na_base_pair_step.slide 
_ndb_struct_na_base_pair_step.rise 
_ndb_struct_na_base_pair_step.tilt 
_ndb_struct_na_base_pair_step.roll 
_ndb_struct_na_base_pair_step.twist 
_ndb_struct_na_base_pair_step.x_displacement 
_ndb_struct_na_base_pair_step.y_displacement 
_ndb_struct_na_base_pair_step.helical_rise 
_ndb_struct_na_base_pair_step.inclination 
_ndb_struct_na_base_pair_step.tip 
_ndb_struct_na_base_pair_step.helical_twist 
_ndb_struct_na_base_pair_step.step_number 
_ndb_struct_na_base_pair_step.step_name 
_ndb_struct_na_base_pair_step.i_auth_asym_id_1 
_ndb_struct_na_base_pair_step.i_auth_seq_id_1 
_ndb_struct_na_base_pair_step.i_PDB_ins_code_1 
_ndb_struct_na_base_pair_step.j_auth_asym_id_1 
_ndb_struct_na_base_pair_step.j_auth_seq_id_1 
_ndb_struct_na_base_pair_step.j_PDB_ins_code_1 
_ndb_struct_na_base_pair_step.i_auth_asym_id_2 
_ndb_struct_na_base_pair_step.i_auth_seq_id_2 
_ndb_struct_na_base_pair_step.i_PDB_ins_code_2 
_ndb_struct_na_base_pair_step.j_auth_asym_id_2 
_ndb_struct_na_base_pair_step.j_auth_seq_id_2 
_ndb_struct_na_base_pair_step.j_PDB_ins_code_2 
1 A DA 2  1_555 B DT 11 1_555 A DC 3  1_555 B DG 10 1_555 0.054  -1.295 3.222 -1.760 -0.461 30.688 -2.354 -0.442 3.233 -0.871 
3.321  30.740 1 AA_DA5DC6:DG115DT116_BB   A 5  ? B 116 ? A 6  ? B 115 ? 
1 A DC 3  1_555 B DG 10 1_555 A DT 4  1_555 B DA 9  1_555 0.207  -0.424 3.281 2.125  1.143  31.842 -0.978 0.011  3.271 2.080  
-3.867 31.931 2 AA_DC6DT7:DA114DG115_BB   A 6  ? B 115 ? A 7  ? B 114 ? 
1 A DT 4  1_555 B DA 9  1_555 A DG 5  1_555 B DC 8  1_555 -0.616 0.249  3.402 -3.304 5.194  40.986 -0.232 0.499  3.444 7.368  
4.687  41.427 3 AA_DT7DG8:DC113DA114_BB   A 7  ? B 114 ? A 8  ? B 113 ? 
1 A DG 5  1_555 B DC 8  1_555 A DA 6  1_555 B DT 7  1_555 0.264  0.004  3.319 -2.210 7.382  31.647 -1.297 -0.862 3.213 13.290 
3.979  32.549 4 AA_DG8DA9:DT112DC113_BB   A 8  ? B 113 ? A 9  ? B 112 ? 
1 A DA 6  1_555 B DT 7  1_555 A DC 7  1_555 B DG 6  1_555 -0.858 -0.582 3.166 -1.593 0.769  35.160 -1.074 1.189  3.188 1.272  
2.634  35.204 5 AA_DA9DC10:DG111DT112_BB  A 9  ? B 112 ? A 10 ? B 111 ? 
1 A DC 7  1_555 B DG 6  1_555 A DT 8  1_555 B DA 5  1_555 0.946  0.032  3.187 3.438  2.663  37.343 -0.292 -1.026 3.253 4.141  
-5.347 37.587 6 AA_DC10DT11:DA110DG111_BB A 10 ? B 111 ? A 11 ? B 110 ? 
1 A DT 8  1_555 B DA 5  1_555 A DC 9  1_555 B DG 4  1_555 -0.106 -0.024 3.390 1.566  5.784  34.630 -0.936 0.418  3.335 9.628  
-2.606 35.129 7 AA_DT11DC12:DG109DA110_BB A 11 ? B 110 ? A 12 ? B 109 ? 
1 A DC 9  1_555 B DG 4  1_555 A DA 10 1_555 B DT 3  1_555 0.982  0.686  3.252 6.064  7.425  37.153 0.080  -0.707 3.434 11.422 
-9.329 38.327 8 AA_DC12DA13:DT108DG109_BB A 12 ? B 109 ? A 13 ? B 108 ? 
1 A DA 10 1_555 B DT 3  1_555 A DT 11 1_555 B DA 2  1_555 0.381  -0.780 2.938 0.035  -0.609 27.468 -1.507 -0.794 2.955 -1.282 
-0.074 27.475 9 AA_DA13DT14:DA107DT108_BB A 13 ? B 108 ? A 14 ? B 107 ? 
# 
_pdbx_initial_refinement_model.id               1 
_pdbx_initial_refinement_model.entity_id_list   ? 
_pdbx_initial_refinement_model.type             'experimental model' 
_pdbx_initial_refinement_model.source_name      PDB 
_pdbx_initial_refinement_model.accession_code   2C91 
_pdbx_initial_refinement_model.details          'PDB ENTRY 2C91' 
# 
